data_5CZS
#
_entry.id   5CZS
#
_cell.length_a   73.322
_cell.length_b   142.326
_cell.length_c   74.591
_cell.angle_alpha   90.00
_cell.angle_beta   96.84
_cell.angle_gamma   90.00
#
_symmetry.space_group_name_H-M   'P 1 21 1'
#
loop_
_entity.id
_entity.type
_entity.pdbx_description
1 polymer 'Phospho-2-dehydro-3-deoxyheptonate aldolase'
2 non-polymer 'MANGANESE (II) ION'
3 non-polymer PHOSPHOENOLPYRUVATE
4 non-polymer PHENYLALANINE
5 non-polymer 1,2-ETHANEDIOL
6 non-polymer DI(HYDROXYETHYL)ETHER
7 water water
#
_entity_poly.entity_id   1
_entity_poly.type   'polypeptide(L)'
_entity_poly.pdbx_seq_one_letter_code
;MTHHYPTDDIKIKEVKELLPPIAHLYELPISKEASGLVHRTRQEISDLVHGRDKRLLVIIGPCSIHDPKAALEYAERLLK
LRKQYENELLIVMRVYFAKPRTTVGWKGLINDPHLDGTFDINFGLRQARSLLLSLNNMGMPASTEFLDMITPQYYADLIS
WGAIGARTTESQVHRELASGLSCPVGFKNGTDGNLKIAIDAIGAASHSHHFLSVTKAGHSAIVHTGGNPDCHVILRGGKE
PNYDAEHVSEAAEQLRAAGVTDKLMIDCSHANSRKDYTRQMEVAQDIAAQLEQDGGNIMGVMVESHLVEGRQDKPEVYGK
SITDACIGWGATEELLALLAGANKKRMARAS
;
_entity_poly.pdbx_strand_id   A,B,C,D
#
loop_
_chem_comp.id
_chem_comp.type
_chem_comp.name
_chem_comp.formula
EDO non-polymer 1,2-ETHANEDIOL 'C2 H6 O2'
MN non-polymer 'MANGANESE (II) ION' 'Mn 2'
PEG non-polymer DI(HYDROXYETHYL)ETHER 'C4 H10 O3'
PEP non-polymer PHOSPHOENOLPYRUVATE 'C3 H5 O6 P'
#
# COMPACT_ATOMS: atom_id res chain seq x y z
N HIS A 4 -1.78 -6.81 31.01
CA HIS A 4 -1.25 -6.78 29.61
C HIS A 4 -0.62 -5.40 29.33
N TYR A 5 0.67 -5.29 29.65
CA TYR A 5 1.40 -4.02 29.58
C TYR A 5 1.66 -3.59 28.14
N PRO A 6 1.61 -2.27 27.87
CA PRO A 6 2.00 -1.84 26.56
C PRO A 6 3.52 -1.95 26.38
N THR A 7 3.92 -2.30 25.16
CA THR A 7 5.32 -2.32 24.75
C THR A 7 5.59 -1.61 23.41
N ASP A 8 4.53 -1.31 22.63
CA ASP A 8 4.68 -0.79 21.26
C ASP A 8 4.55 0.72 21.20
N ASP A 9 5.51 1.37 20.55
CA ASP A 9 5.44 2.82 20.31
C ASP A 9 5.36 3.67 21.60
N ILE A 10 6.08 3.29 22.66
CA ILE A 10 5.95 3.99 23.94
C ILE A 10 6.37 5.45 23.86
N LYS A 11 7.31 5.77 22.99
CA LYS A 11 7.87 7.11 22.91
C LYS A 11 7.62 7.78 21.56
N ILE A 12 6.49 7.47 20.95
CA ILE A 12 6.11 7.98 19.66
C ILE A 12 4.92 8.88 19.92
N LYS A 13 4.92 10.07 19.31
CA LYS A 13 3.79 10.99 19.45
C LYS A 13 2.74 10.69 18.39
N GLU A 14 3.22 10.37 17.18
CA GLU A 14 2.34 10.13 16.04
C GLU A 14 3.10 9.44 14.91
N VAL A 15 2.42 8.52 14.24
CA VAL A 15 2.88 7.96 12.99
C VAL A 15 1.83 8.25 11.96
N LYS A 16 2.09 9.22 11.08
CA LYS A 16 1.17 9.64 10.02
C LYS A 16 1.66 9.09 8.72
N GLU A 17 0.74 8.49 7.96
CA GLU A 17 1.03 8.03 6.60
C GLU A 17 1.22 9.20 5.62
N LEU A 18 2.09 8.99 4.65
CA LEU A 18 2.50 10.00 3.71
C LEU A 18 2.00 9.67 2.37
N LEU A 19 1.75 10.66 1.55
CA LEU A 19 1.53 10.41 0.14
C LEU A 19 2.72 9.63 -0.44
N PRO A 20 2.42 8.59 -1.24
CA PRO A 20 3.43 7.71 -1.78
C PRO A 20 4.17 8.41 -2.88
N PRO A 21 5.31 7.87 -3.32
CA PRO A 21 6.00 8.55 -4.39
C PRO A 21 5.19 8.70 -5.66
N ILE A 22 4.37 7.71 -5.98
CA ILE A 22 3.60 7.81 -7.22
C ILE A 22 2.75 9.05 -7.30
N ALA A 23 2.33 9.59 -6.14
CA ALA A 23 1.51 10.78 -6.11
C ALA A 23 2.30 11.98 -6.60
N HIS A 24 3.52 12.12 -6.08
CA HIS A 24 4.41 13.21 -6.50
C HIS A 24 4.84 13.01 -7.93
N LEU A 25 5.09 11.77 -8.30
CA LEU A 25 5.47 11.45 -9.68
C LEU A 25 4.37 11.70 -10.66
N TYR A 26 3.12 11.54 -10.25
CA TYR A 26 1.99 11.93 -11.12
C TYR A 26 1.90 13.49 -11.35
N GLU A 27 1.98 14.29 -10.30
CA GLU A 27 1.92 15.72 -10.47
C GLU A 27 3.13 16.31 -11.22
N LEU A 28 4.28 15.67 -11.04
CA LEU A 28 5.55 16.22 -11.51
C LEU A 28 6.39 15.19 -12.22
N PRO A 29 5.85 14.57 -13.27
CA PRO A 29 6.63 13.59 -14.00
C PRO A 29 7.88 14.20 -14.61
N ILE A 30 8.96 13.43 -14.64
CA ILE A 30 10.19 13.88 -15.27
C ILE A 30 9.90 14.04 -16.74
N SER A 31 10.34 15.18 -17.30
CA SER A 31 10.15 15.51 -18.70
C SER A 31 11.30 14.89 -19.50
N LYS A 32 11.16 14.90 -20.82
CA LYS A 32 12.15 14.32 -21.74
C LYS A 32 13.49 15.03 -21.65
N GLU A 33 13.44 16.36 -21.61
CA GLU A 33 14.62 17.22 -21.57
C GLU A 33 15.37 17.03 -20.24
N ALA A 34 14.67 17.03 -19.11
CA ALA A 34 15.29 16.72 -17.80
C ALA A 34 15.87 15.31 -17.76
N SER A 35 15.19 14.42 -18.45
CA SER A 35 15.60 13.04 -18.52
C SER A 35 16.89 12.89 -19.34
N GLY A 36 17.00 13.67 -20.42
CA GLY A 36 18.22 13.68 -21.21
C GLY A 36 19.36 14.25 -20.38
N LEU A 37 19.08 15.35 -19.70
CA LEU A 37 20.10 16.05 -18.97
C LEU A 37 20.67 15.17 -17.86
N VAL A 38 19.80 14.46 -17.14
CA VAL A 38 20.22 13.54 -16.06
C VAL A 38 20.99 12.34 -16.58
N HIS A 39 20.47 11.71 -17.64
CA HIS A 39 21.10 10.49 -18.20
C HIS A 39 22.52 10.84 -18.64
N ARG A 40 22.59 11.88 -19.44
CA ARG A 40 23.84 12.38 -19.99
C ARG A 40 24.82 12.73 -18.88
N THR A 41 24.32 13.46 -17.88
CA THR A 41 25.17 14.03 -16.84
C THR A 41 25.75 12.91 -15.94
N ARG A 42 24.93 11.95 -15.52
CA ARG A 42 25.44 10.77 -14.82
C ARG A 42 26.58 10.11 -15.60
N GLN A 43 26.37 9.89 -16.90
CA GLN A 43 27.39 9.26 -17.77
C GLN A 43 28.66 10.11 -17.87
N GLU A 44 28.54 11.43 -18.04
CA GLU A 44 29.71 12.35 -18.03
C GLU A 44 30.51 12.26 -16.74
N ILE A 45 29.81 12.19 -15.63
CA ILE A 45 30.43 12.13 -14.31
C ILE A 45 31.12 10.81 -14.09
N SER A 46 30.46 9.75 -14.57
CA SER A 46 31.01 8.41 -14.55
C SER A 46 32.31 8.34 -15.34
N ASP A 47 32.46 9.17 -16.36
CA ASP A 47 33.69 9.20 -17.16
C ASP A 47 34.80 9.89 -16.41
N LEU A 48 34.40 10.82 -15.53
CA LEU A 48 35.36 11.54 -14.69
C LEU A 48 35.84 10.62 -13.60
N VAL A 49 34.89 9.95 -12.96
CA VAL A 49 35.19 9.00 -11.91
C VAL A 49 36.16 7.92 -12.39
N HIS A 50 36.04 7.49 -13.66
CA HIS A 50 36.86 6.38 -14.19
C HIS A 50 38.04 6.81 -15.06
N GLY A 51 38.29 8.11 -15.15
CA GLY A 51 39.52 8.63 -15.74
C GLY A 51 39.50 8.87 -17.24
N ARG A 52 38.32 8.81 -17.85
CA ARG A 52 38.18 8.95 -19.32
C ARG A 52 38.19 10.40 -19.77
N ASP A 53 37.73 11.31 -18.90
CA ASP A 53 37.61 12.73 -19.22
C ASP A 53 38.27 13.49 -18.07
N LYS A 54 39.08 14.48 -18.42
CA LYS A 54 39.90 15.22 -17.45
C LYS A 54 39.27 16.55 -16.99
N ARG A 55 38.04 16.84 -17.46
CA ARG A 55 37.30 17.98 -16.93
C ARG A 55 37.11 17.77 -15.45
N LEU A 56 36.83 18.85 -14.74
CA LEU A 56 36.70 18.79 -13.30
C LEU A 56 35.22 18.86 -12.95
N LEU A 57 34.75 17.89 -12.16
CA LEU A 57 33.42 17.97 -11.60
C LEU A 57 33.42 19.07 -10.55
N VAL A 58 32.47 19.99 -10.67
CA VAL A 58 32.30 21.03 -9.67
C VAL A 58 30.90 20.95 -9.10
N ILE A 59 30.79 20.42 -7.89
CA ILE A 59 29.57 20.42 -7.10
C ILE A 59 29.51 21.71 -6.27
N ILE A 60 28.62 22.62 -6.62
CA ILE A 60 28.67 23.93 -6.05
C ILE A 60 27.30 24.51 -5.93
N GLY A 61 27.10 25.25 -4.84
CA GLY A 61 25.81 25.81 -4.53
C GLY A 61 25.69 25.97 -3.02
N PRO A 62 24.50 26.32 -2.57
CA PRO A 62 24.22 26.54 -1.16
C PRO A 62 24.49 25.34 -0.26
N CYS A 63 24.89 25.64 0.96
CA CYS A 63 24.99 24.60 1.94
C CYS A 63 23.70 23.86 1.98
N SER A 64 22.60 24.59 1.89
CA SER A 64 21.27 24.03 1.96
C SER A 64 20.26 24.98 1.32
N ILE A 65 19.25 24.39 0.69
CA ILE A 65 18.19 25.16 0.07
C ILE A 65 17.12 25.48 1.11
N HIS A 66 16.92 26.77 1.39
CA HIS A 66 15.82 27.16 2.27
C HIS A 66 14.77 28.01 1.57
N ASP A 67 15.00 28.30 0.29
CA ASP A 67 14.13 29.15 -0.50
C ASP A 67 14.31 28.72 -1.94
N PRO A 68 13.33 28.01 -2.48
CA PRO A 68 13.44 27.55 -3.87
C PRO A 68 13.54 28.70 -4.88
N LYS A 69 12.91 29.82 -4.61
CA LYS A 69 12.96 30.95 -5.55
C LYS A 69 14.38 31.48 -5.74
N ALA A 70 15.11 31.67 -4.63
CA ALA A 70 16.49 32.12 -4.68
C ALA A 70 17.38 31.05 -5.27
N ALA A 71 17.02 29.80 -5.04
CA ALA A 71 17.79 28.70 -5.54
C ALA A 71 17.69 28.68 -7.04
N LEU A 72 16.48 28.92 -7.58
CA LEU A 72 16.30 29.11 -9.02
C LEU A 72 17.08 30.28 -9.59
N GLU A 73 17.11 31.42 -8.88
CA GLU A 73 17.88 32.56 -9.39
C GLU A 73 19.37 32.27 -9.37
N TYR A 74 19.84 31.61 -8.31
CA TYR A 74 21.22 31.15 -8.23
C TYR A 74 21.55 30.31 -9.46
N ALA A 75 20.70 29.33 -9.74
CA ALA A 75 20.92 28.40 -10.83
C ALA A 75 20.98 29.12 -12.15
N GLU A 76 20.23 30.20 -12.25
CA GLU A 76 20.20 31.02 -13.44
C GLU A 76 21.56 31.67 -13.73
N ARG A 77 22.22 32.19 -12.70
CA ARG A 77 23.58 32.71 -12.83
C ARG A 77 24.58 31.59 -13.04
N LEU A 78 24.41 30.49 -12.32
CA LEU A 78 25.35 29.42 -12.41
C LEU A 78 25.33 28.85 -13.81
N LEU A 79 24.14 28.73 -14.42
CA LEU A 79 24.05 28.03 -15.69
C LEU A 79 24.91 28.67 -16.76
N LYS A 80 24.98 30.01 -16.79
CA LYS A 80 25.85 30.70 -17.75
C LYS A 80 27.33 30.35 -17.58
N LEU A 81 27.72 30.08 -16.33
CA LEU A 81 29.08 29.67 -16.04
C LEU A 81 29.27 28.21 -16.40
N ARG A 82 28.24 27.41 -16.22
CA ARG A 82 28.25 26.01 -16.66
C ARG A 82 28.60 25.95 -18.16
N LYS A 83 27.85 26.72 -18.97
CA LYS A 83 28.05 26.81 -20.41
C LYS A 83 29.41 27.40 -20.77
N GLN A 84 29.81 28.47 -20.08
CA GLN A 84 31.06 29.12 -20.40
C GLN A 84 32.26 28.17 -20.24
N TYR A 85 32.27 27.41 -19.16
CA TYR A 85 33.43 26.58 -18.82
C TYR A 85 33.24 25.10 -19.15
N GLU A 86 32.27 24.78 -20.02
CA GLU A 86 31.90 23.37 -20.27
C GLU A 86 33.03 22.49 -20.81
N ASN A 87 34.09 23.10 -21.33
CA ASN A 87 35.25 22.35 -21.82
C ASN A 87 36.28 22.00 -20.74
N GLU A 88 36.29 22.77 -19.65
CA GLU A 88 37.20 22.51 -18.50
C GLU A 88 36.47 21.96 -17.27
N LEU A 89 35.27 22.47 -17.00
CA LEU A 89 34.56 22.12 -15.77
C LEU A 89 33.19 21.55 -16.11
N LEU A 90 32.76 20.57 -15.33
CA LEU A 90 31.40 20.06 -15.40
C LEU A 90 30.65 20.56 -14.18
N ILE A 91 29.89 21.65 -14.34
CA ILE A 91 29.28 22.32 -13.19
C ILE A 91 27.90 21.75 -12.86
N VAL A 92 27.76 21.23 -11.64
CA VAL A 92 26.49 20.70 -11.12
C VAL A 92 26.17 21.36 -9.79
N MET A 93 24.88 21.67 -9.58
CA MET A 93 24.46 22.50 -8.45
C MET A 93 24.19 21.69 -7.20
N ARG A 94 24.68 22.20 -6.07
CA ARG A 94 24.30 21.64 -4.78
C ARG A 94 22.83 21.89 -4.52
N VAL A 95 22.03 20.82 -4.38
CA VAL A 95 20.60 20.93 -3.97
C VAL A 95 20.37 20.02 -2.76
N TYR A 96 20.94 20.46 -1.63
CA TYR A 96 20.87 19.74 -0.37
C TYR A 96 19.79 20.37 0.45
N PHE A 97 18.88 19.58 1.00
CA PHE A 97 17.74 20.15 1.70
C PHE A 97 17.94 20.33 3.22
N ALA A 98 18.96 19.69 3.80
CA ALA A 98 19.29 19.86 5.23
C ALA A 98 20.80 19.75 5.54
N LYS A 99 21.24 20.34 6.65
CA LYS A 99 22.53 19.98 7.20
C LYS A 99 22.30 18.65 7.95
N PRO A 100 23.26 17.72 7.91
CA PRO A 100 23.16 16.64 8.91
C PRO A 100 23.60 17.16 10.31
N ARG A 101 22.64 17.75 11.05
CA ARG A 101 22.86 18.60 12.25
C ARG A 101 24.33 18.87 12.65
N VAL A 104 19.67 20.14 16.97
CA VAL A 104 20.13 21.52 17.13
C VAL A 104 19.03 22.56 16.81
N GLY A 105 18.78 22.81 15.51
CA GLY A 105 17.91 23.92 15.04
C GLY A 105 16.99 23.55 13.86
N TRP A 106 17.12 24.28 12.74
CA TRP A 106 16.21 24.09 11.59
C TRP A 106 16.41 22.71 10.96
N LYS A 107 15.30 21.98 10.81
CA LYS A 107 15.34 20.59 10.35
C LYS A 107 15.38 20.42 8.82
N GLY A 108 15.62 21.51 8.08
CA GLY A 108 15.74 21.41 6.62
C GLY A 108 14.39 21.53 5.93
N LEU A 109 14.46 21.60 4.60
CA LEU A 109 13.32 22.05 3.81
C LEU A 109 12.27 20.97 3.60
N ILE A 110 12.68 19.73 3.78
CA ILE A 110 11.76 18.63 3.55
C ILE A 110 10.92 18.48 4.79
N ASN A 111 11.56 18.57 5.95
CA ASN A 111 10.84 18.43 7.23
C ASN A 111 9.99 19.66 7.54
N ASP A 112 10.54 20.83 7.25
CA ASP A 112 10.04 22.10 7.69
C ASP A 112 10.01 23.11 6.56
N PRO A 113 9.27 22.80 5.49
CA PRO A 113 9.29 23.65 4.29
C PRO A 113 8.87 25.11 4.49
N HIS A 114 7.99 25.37 5.45
CA HIS A 114 7.46 26.71 5.71
C HIS A 114 8.39 27.58 6.55
N LEU A 115 9.48 27.01 7.07
CA LEU A 115 10.47 27.72 7.88
C LEU A 115 9.89 28.31 9.19
N ASP A 116 8.84 27.67 9.72
CA ASP A 116 8.21 28.12 10.95
C ASP A 116 8.09 27.04 12.03
N GLY A 117 8.32 25.77 11.68
CA GLY A 117 8.26 24.65 12.64
C GLY A 117 7.11 23.66 12.49
N THR A 118 6.39 23.68 11.37
CA THR A 118 5.12 22.90 11.25
C THR A 118 5.21 21.50 10.60
N PHE A 119 6.40 21.11 10.15
CA PHE A 119 6.66 19.73 9.73
C PHE A 119 5.71 19.20 8.65
N ASP A 120 5.45 20.04 7.65
CA ASP A 120 4.57 19.66 6.54
C ASP A 120 5.42 18.90 5.51
N ILE A 121 5.67 17.63 5.81
CA ILE A 121 6.46 16.75 4.96
C ILE A 121 5.93 16.41 3.58
N ASN A 122 4.63 16.19 3.43
CA ASN A 122 4.08 16.06 2.09
C ASN A 122 4.45 17.27 1.21
N PHE A 123 4.27 18.46 1.77
CA PHE A 123 4.57 19.70 1.05
C PHE A 123 6.08 19.84 0.75
N GLY A 124 6.92 19.50 1.72
CA GLY A 124 8.37 19.64 1.54
C GLY A 124 8.89 18.72 0.45
N LEU A 125 8.35 17.51 0.40
CA LEU A 125 8.76 16.53 -0.61
C LEU A 125 8.33 17.04 -1.97
N ARG A 126 7.14 17.61 -2.01
CA ARG A 126 6.60 18.22 -3.23
C ARG A 126 7.47 19.36 -3.74
N GLN A 127 7.83 20.24 -2.82
CA GLN A 127 8.67 21.38 -3.13
C GLN A 127 10.06 20.96 -3.58
N ALA A 128 10.62 19.93 -2.96
CA ALA A 128 11.94 19.47 -3.32
C ALA A 128 11.92 18.91 -4.71
N ARG A 129 10.90 18.14 -5.04
CA ARG A 129 10.85 17.56 -6.37
C ARG A 129 10.59 18.66 -7.40
N SER A 130 9.68 19.56 -7.08
CA SER A 130 9.38 20.66 -8.00
C SER A 130 10.63 21.45 -8.33
N LEU A 131 11.39 21.84 -7.31
CA LEU A 131 12.63 22.58 -7.51
C LEU A 131 13.61 21.79 -8.38
N LEU A 132 13.74 20.50 -8.11
CA LEU A 132 14.68 19.68 -8.89
C LEU A 132 14.28 19.53 -10.34
N LEU A 133 12.97 19.47 -10.60
CA LEU A 133 12.49 19.35 -11.98
C LEU A 133 12.63 20.68 -12.73
N SER A 134 12.29 21.79 -12.07
CA SER A 134 12.53 23.11 -12.66
C SER A 134 14.02 23.30 -12.96
N LEU A 135 14.90 22.90 -12.06
CA LEU A 135 16.35 23.02 -12.31
C LEU A 135 16.80 22.26 -13.52
N ASN A 136 16.46 20.99 -13.60
CA ASN A 136 16.77 20.21 -14.79
C ASN A 136 16.19 20.75 -16.08
N ASN A 137 14.92 21.09 -16.07
CA ASN A 137 14.24 21.67 -17.23
C ASN A 137 14.92 22.92 -17.78
N MET A 138 15.49 23.73 -16.88
CA MET A 138 16.28 24.88 -17.30
C MET A 138 17.70 24.52 -17.74
N GLY A 139 18.14 23.29 -17.50
CA GLY A 139 19.46 22.81 -17.98
C GLY A 139 20.56 22.77 -16.92
N MET A 140 20.16 22.93 -15.65
CA MET A 140 21.07 22.79 -14.52
C MET A 140 20.90 21.44 -13.84
N PRO A 141 21.92 20.58 -13.91
CA PRO A 141 21.77 19.34 -13.17
C PRO A 141 21.88 19.58 -11.68
N ALA A 142 21.44 18.60 -10.90
CA ALA A 142 21.32 18.74 -9.47
C ALA A 142 22.04 17.61 -8.77
N SER A 143 22.52 17.91 -7.57
CA SER A 143 23.16 16.93 -6.72
C SER A 143 22.55 17.09 -5.35
N THR A 144 22.62 16.04 -4.55
CA THR A 144 22.10 16.13 -3.19
C THR A 144 22.68 15.04 -2.33
N GLU A 145 22.40 15.11 -1.04
CA GLU A 145 22.81 14.06 -0.10
C GLU A 145 21.55 13.30 0.27
N PHE A 146 21.63 11.98 0.26
CA PHE A 146 20.55 11.15 0.75
C PHE A 146 20.85 10.70 2.18
N LEU A 147 20.01 11.15 3.11
CA LEU A 147 20.20 10.94 4.55
C LEU A 147 19.45 9.73 5.04
N ASP A 148 18.38 9.37 4.34
CA ASP A 148 17.66 8.16 4.64
C ASP A 148 17.46 7.30 3.40
N MET A 149 16.79 6.16 3.58
CA MET A 149 16.62 5.16 2.52
C MET A 149 15.26 5.26 1.87
N ILE A 150 14.42 6.17 2.35
CA ILE A 150 13.09 6.37 1.75
C ILE A 150 13.00 7.56 0.79
N THR A 151 13.57 8.72 1.14
CA THR A 151 13.48 9.92 0.26
C THR A 151 14.01 9.74 -1.18
N PRO A 152 15.01 8.88 -1.41
CA PRO A 152 15.34 8.68 -2.83
C PRO A 152 14.16 8.34 -3.78
N GLN A 153 13.11 7.69 -3.28
CA GLN A 153 12.03 7.23 -4.15
C GLN A 153 11.17 8.38 -4.61
N TYR A 154 11.23 9.49 -3.88
CA TYR A 154 10.48 10.67 -4.21
C TYR A 154 11.16 11.57 -5.25
N TYR A 155 12.50 11.53 -5.35
CA TYR A 155 13.17 12.39 -6.34
C TYR A 155 14.59 12.00 -6.79
N ALA A 156 15.03 10.77 -6.57
CA ALA A 156 16.39 10.37 -6.98
C ALA A 156 16.50 10.35 -8.48
N ASP A 157 15.38 10.11 -9.16
CA ASP A 157 15.34 10.11 -10.60
C ASP A 157 15.77 11.44 -11.23
N LEU A 158 15.76 12.51 -10.44
CA LEU A 158 16.15 13.86 -10.89
C LEU A 158 17.56 14.23 -10.47
N ILE A 159 18.31 13.27 -9.91
CA ILE A 159 19.62 13.53 -9.36
C ILE A 159 20.75 12.94 -10.18
N SER A 160 21.67 13.82 -10.56
CA SER A 160 22.81 13.49 -11.39
C SER A 160 24.04 13.06 -10.60
N TRP A 161 24.09 13.43 -9.32
CA TRP A 161 25.19 13.05 -8.40
C TRP A 161 24.70 13.06 -6.97
N GLY A 162 25.02 12.00 -6.20
CA GLY A 162 24.63 11.87 -4.79
C GLY A 162 25.81 11.85 -3.83
N ALA A 163 25.63 12.41 -2.64
CA ALA A 163 26.63 12.32 -1.57
C ALA A 163 26.17 11.49 -0.39
N ILE A 164 27.07 10.65 0.10
CA ILE A 164 26.97 10.08 1.43
C ILE A 164 27.98 10.89 2.24
N GLY A 165 27.45 11.58 3.25
CA GLY A 165 28.23 12.47 4.08
C GLY A 165 29.11 11.76 5.08
N ALA A 166 29.97 12.54 5.72
CA ALA A 166 31.02 12.05 6.59
C ALA A 166 30.45 11.27 7.75
N ARG A 167 29.29 11.70 8.24
CA ARG A 167 28.63 11.04 9.37
C ARG A 167 27.91 9.74 9.05
N THR A 168 27.87 9.35 7.78
CA THR A 168 27.12 8.17 7.36
C THR A 168 27.91 7.24 6.44
N THR A 169 29.09 7.66 6.02
CA THR A 169 29.89 6.85 5.15
C THR A 169 30.17 5.47 5.74
N GLU A 170 30.40 5.41 7.05
CA GLU A 170 30.68 4.14 7.70
C GLU A 170 29.40 3.31 7.97
N SER A 171 28.23 3.90 7.75
CA SER A 171 26.97 3.23 8.05
C SER A 171 26.64 2.16 6.98
N GLN A 172 26.34 0.96 7.45
CA GLN A 172 26.13 -0.17 6.55
C GLN A 172 24.95 0.10 5.64
N VAL A 173 23.87 0.61 6.20
CA VAL A 173 22.66 0.77 5.43
C VAL A 173 22.79 1.89 4.39
N HIS A 174 23.63 2.89 4.65
CA HIS A 174 23.88 3.94 3.64
C HIS A 174 24.78 3.44 2.51
N ARG A 175 25.64 2.48 2.80
CA ARG A 175 26.43 1.83 1.77
C ARG A 175 25.52 1.00 0.87
N GLU A 176 24.61 0.26 1.50
CA GLU A 176 23.69 -0.56 0.74
C GLU A 176 22.87 0.33 -0.20
N LEU A 177 22.35 1.41 0.34
CA LEU A 177 21.60 2.39 -0.46
C LEU A 177 22.40 2.85 -1.67
N ALA A 178 23.60 3.34 -1.42
CA ALA A 178 24.49 3.85 -2.50
C ALA A 178 24.62 2.81 -3.59
N SER A 179 24.69 1.53 -3.21
CA SER A 179 24.86 0.42 -4.17
C SER A 179 23.70 0.30 -5.17
N GLY A 180 22.57 0.90 -4.83
CA GLY A 180 21.38 0.95 -5.70
C GLY A 180 20.94 2.31 -6.21
N LEU A 181 21.71 3.35 -5.95
CA LEU A 181 21.42 4.66 -6.52
C LEU A 181 21.78 4.75 -8.00
N SER A 182 20.89 5.31 -8.79
CA SER A 182 21.06 5.43 -10.22
C SER A 182 22.18 6.43 -10.56
N CYS A 183 22.49 7.34 -9.65
CA CYS A 183 23.54 8.30 -9.86
C CYS A 183 24.89 7.83 -9.34
N PRO A 184 25.98 8.38 -9.87
CA PRO A 184 27.27 8.18 -9.25
C PRO A 184 27.23 8.74 -7.84
N VAL A 185 28.10 8.26 -6.96
CA VAL A 185 28.03 8.64 -5.55
C VAL A 185 29.41 8.96 -4.99
N GLY A 186 29.50 10.01 -4.20
CA GLY A 186 30.73 10.35 -3.51
C GLY A 186 30.55 10.02 -2.05
N PHE A 187 31.58 9.40 -1.47
CA PHE A 187 31.63 9.13 -0.03
C PHE A 187 32.62 10.04 0.65
N LYS A 188 32.17 10.84 1.62
CA LYS A 188 33.10 11.66 2.39
C LYS A 188 33.92 10.88 3.42
N ASN A 189 35.11 11.37 3.72
CA ASN A 189 35.92 10.81 4.78
C ASN A 189 35.34 11.22 6.13
N GLY A 190 35.71 10.51 7.19
CA GLY A 190 35.09 10.70 8.52
C GLY A 190 35.34 12.05 9.16
N THR A 191 34.52 12.44 10.14
CA THR A 191 34.61 13.79 10.75
C THR A 191 35.98 14.07 11.35
N ASP A 192 36.70 13.04 11.76
CA ASP A 192 38.07 13.18 12.25
C ASP A 192 39.18 12.87 11.22
N GLY A 193 38.82 12.60 9.97
CA GLY A 193 39.85 12.41 8.91
C GLY A 193 40.07 11.00 8.42
N ASN A 194 39.29 10.05 8.93
CA ASN A 194 39.45 8.64 8.57
C ASN A 194 39.09 8.44 7.11
N LEU A 195 40.09 8.18 6.28
CA LEU A 195 39.84 7.94 4.85
C LEU A 195 39.37 6.53 4.56
N LYS A 196 39.83 5.58 5.36
CA LYS A 196 39.52 4.18 5.17
C LYS A 196 38.02 3.89 5.14
N ILE A 197 37.23 4.53 5.98
CA ILE A 197 35.80 4.25 5.97
C ILE A 197 35.20 4.52 4.60
N ALA A 198 35.68 5.55 3.91
CA ALA A 198 35.18 5.89 2.58
C ALA A 198 35.71 4.94 1.49
N ILE A 199 36.96 4.52 1.61
CA ILE A 199 37.52 3.55 0.67
C ILE A 199 36.73 2.24 0.79
N ASP A 200 36.50 1.77 2.01
CA ASP A 200 35.68 0.58 2.20
C ASP A 200 34.28 0.80 1.66
N ALA A 201 33.75 2.02 1.78
CA ALA A 201 32.40 2.32 1.29
C ALA A 201 32.27 2.07 -0.20
N ILE A 202 33.26 2.49 -0.98
CA ILE A 202 33.26 2.25 -2.43
C ILE A 202 33.27 0.77 -2.75
N GLY A 203 34.15 0.03 -2.09
CA GLY A 203 34.19 -1.42 -2.20
C GLY A 203 32.81 -1.97 -1.89
N ALA A 204 32.29 -1.66 -0.72
CA ALA A 204 30.95 -2.09 -0.35
C ALA A 204 29.88 -1.75 -1.40
N ALA A 205 29.88 -0.51 -1.88
CA ALA A 205 28.77 -0.03 -2.69
C ALA A 205 28.81 -0.58 -4.09
N SER A 206 29.97 -1.08 -4.53
CA SER A 206 30.09 -1.73 -5.85
C SER A 206 29.44 -3.12 -5.99
N HIS A 207 29.05 -3.74 -4.88
CA HIS A 207 28.39 -5.05 -4.88
C HIS A 207 26.87 -4.96 -4.69
N SER A 208 26.22 -6.08 -4.98
CA SER A 208 24.79 -6.21 -4.79
C SER A 208 24.48 -6.23 -3.31
N HIS A 209 23.40 -5.58 -2.92
CA HIS A 209 22.93 -5.69 -1.53
C HIS A 209 21.43 -5.84 -1.47
N HIS A 210 20.92 -5.90 -0.26
CA HIS A 210 19.49 -5.89 -0.02
C HIS A 210 19.27 -4.93 1.11
N PHE A 211 18.41 -3.93 0.94
CA PHE A 211 18.01 -3.08 2.08
C PHE A 211 16.51 -2.84 2.08
N LEU A 212 15.99 -2.34 3.20
CA LEU A 212 14.55 -2.13 3.32
C LEU A 212 14.20 -0.71 2.91
N SER A 213 13.11 -0.54 2.18
CA SER A 213 12.62 0.81 1.86
C SER A 213 11.12 0.72 1.51
N VAL A 214 10.64 1.61 0.64
CA VAL A 214 9.28 1.50 0.09
C VAL A 214 9.27 1.38 -1.43
N THR A 215 8.20 0.80 -1.97
CA THR A 215 7.91 0.78 -3.40
C THR A 215 7.53 2.19 -3.82
N LYS A 216 7.33 2.42 -5.09
CA LYS A 216 6.86 3.71 -5.52
C LYS A 216 5.45 3.90 -4.97
N ALA A 217 4.72 2.80 -4.76
CA ALA A 217 3.36 2.91 -4.26
C ALA A 217 3.32 3.08 -2.75
N GLY A 218 4.49 3.18 -2.11
CA GLY A 218 4.54 3.49 -0.69
C GLY A 218 4.58 2.29 0.26
N HIS A 219 4.71 1.09 -0.29
CA HIS A 219 4.65 -0.15 0.48
C HIS A 219 6.04 -0.69 0.88
N SER A 220 6.15 -1.19 2.10
CA SER A 220 7.42 -1.66 2.58
C SER A 220 7.93 -2.72 1.64
N ALA A 221 9.21 -2.64 1.36
CA ALA A 221 9.82 -3.33 0.24
C ALA A 221 11.19 -3.76 0.62
N ILE A 222 11.60 -4.89 0.08
CA ILE A 222 13.00 -5.28 0.11
C ILE A 222 13.53 -4.91 -1.25
N VAL A 223 14.67 -4.21 -1.27
CA VAL A 223 15.26 -3.83 -2.56
C VAL A 223 16.61 -4.46 -2.81
N HIS A 224 16.71 -5.12 -3.98
CA HIS A 224 17.88 -5.84 -4.42
C HIS A 224 18.67 -5.00 -5.40
N THR A 225 19.82 -4.49 -4.95
CA THR A 225 20.64 -3.65 -5.82
C THR A 225 21.59 -4.48 -6.68
N GLY A 226 22.12 -3.89 -7.73
CA GLY A 226 23.07 -4.57 -8.60
C GLY A 226 24.49 -4.05 -8.48
N GLY A 227 24.73 -3.13 -7.55
CA GLY A 227 26.05 -2.49 -7.40
C GLY A 227 26.16 -1.13 -8.06
N ASN A 228 26.89 -0.22 -7.44
CA ASN A 228 27.16 1.06 -8.07
C ASN A 228 28.66 1.17 -8.41
N PRO A 229 29.01 1.11 -9.70
CA PRO A 229 30.42 1.10 -10.12
C PRO A 229 31.00 2.51 -10.21
N ASP A 230 30.15 3.51 -9.97
CA ASP A 230 30.57 4.91 -10.17
C ASP A 230 30.71 5.67 -8.87
N CYS A 231 31.30 4.99 -7.87
CA CYS A 231 31.59 5.63 -6.61
C CYS A 231 33.03 6.07 -6.46
N HIS A 232 33.22 7.11 -5.63
CA HIS A 232 34.54 7.65 -5.36
C HIS A 232 34.56 8.38 -4.02
N VAL A 233 35.75 8.82 -3.65
CA VAL A 233 36.04 9.37 -2.34
C VAL A 233 35.99 10.88 -2.36
N ILE A 234 35.60 11.49 -1.24
CA ILE A 234 35.63 12.94 -1.12
C ILE A 234 36.46 13.32 0.10
N LEU A 235 37.56 14.02 -0.17
CA LEU A 235 38.44 14.51 0.87
C LEU A 235 37.84 15.78 1.38
N ARG A 236 37.64 15.77 2.67
CA ARG A 236 36.82 16.75 3.31
C ARG A 236 37.40 17.40 4.57
N GLY A 237 38.58 16.98 4.96
CA GLY A 237 39.25 17.43 6.17
C GLY A 237 38.87 16.58 7.37
N GLY A 238 39.58 16.83 8.46
CA GLY A 238 39.28 16.24 9.76
C GLY A 238 40.00 17.09 10.79
N LYS A 239 40.77 16.48 11.68
CA LYS A 239 41.50 17.24 12.71
C LYS A 239 42.34 18.36 12.08
N GLU A 240 42.99 18.01 10.96
CA GLU A 240 43.62 18.94 10.04
C GLU A 240 43.02 18.74 8.64
N PRO A 241 43.12 19.75 7.76
CA PRO A 241 42.66 19.59 6.39
C PRO A 241 43.41 18.51 5.60
N ASN A 242 42.77 18.00 4.55
CA ASN A 242 43.39 16.97 3.69
C ASN A 242 43.29 17.30 2.21
N TYR A 243 43.28 18.58 1.86
CA TYR A 243 43.22 18.99 0.45
C TYR A 243 44.55 18.96 -0.30
N ASP A 244 45.69 19.03 0.38
CA ASP A 244 46.95 19.28 -0.35
C ASP A 244 47.47 18.05 -1.11
N ALA A 245 48.52 18.23 -1.91
CA ALA A 245 49.07 17.18 -2.82
C ALA A 245 49.57 15.91 -2.13
N GLU A 246 50.20 16.11 -1.00
CA GLU A 246 50.67 15.03 -0.16
C GLU A 246 49.49 14.15 0.30
N HIS A 247 48.42 14.78 0.77
CA HIS A 247 47.23 14.04 1.19
C HIS A 247 46.54 13.36 0.01
N VAL A 248 46.42 14.11 -1.08
CA VAL A 248 45.84 13.57 -2.33
C VAL A 248 46.62 12.33 -2.84
N SER A 249 47.94 12.38 -2.75
CA SER A 249 48.83 11.31 -3.22
C SER A 249 48.81 10.07 -2.35
N GLU A 250 48.75 10.28 -1.05
CA GLU A 250 48.62 9.21 -0.08
C GLU A 250 47.26 8.50 -0.31
N ALA A 251 46.18 9.28 -0.37
CA ALA A 251 44.85 8.70 -0.59
C ALA A 251 44.74 7.88 -1.89
N ALA A 252 45.31 8.41 -2.97
CA ALA A 252 45.39 7.69 -4.27
C ALA A 252 46.07 6.32 -4.16
N GLU A 253 47.17 6.23 -3.41
CA GLU A 253 47.83 4.92 -3.18
C GLU A 253 46.91 3.91 -2.49
N GLN A 254 46.26 4.36 -1.42
CA GLN A 254 45.32 3.53 -0.64
C GLN A 254 44.15 3.09 -1.48
N LEU A 255 43.67 4.00 -2.32
CA LEU A 255 42.61 3.67 -3.26
C LEU A 255 43.06 2.57 -4.21
N ARG A 256 44.23 2.76 -4.83
CA ARG A 256 44.83 1.72 -5.68
C ARG A 256 45.00 0.39 -4.94
N ALA A 257 45.46 0.46 -3.68
CA ALA A 257 45.66 -0.74 -2.88
C ALA A 257 44.34 -1.48 -2.68
N ALA A 258 43.27 -0.74 -2.40
CA ALA A 258 41.95 -1.35 -2.30
C ALA A 258 41.33 -1.70 -3.66
N GLY A 259 41.99 -1.31 -4.76
CA GLY A 259 41.59 -1.73 -6.10
C GLY A 259 40.37 -1.00 -6.60
N VAL A 260 40.16 0.19 -6.06
CA VAL A 260 39.05 1.03 -6.45
C VAL A 260 39.61 2.27 -7.14
N THR A 261 38.73 3.10 -7.69
CA THR A 261 39.16 4.27 -8.48
C THR A 261 40.01 5.21 -7.65
N ASP A 262 41.15 5.63 -8.20
CA ASP A 262 42.08 6.54 -7.50
C ASP A 262 41.93 8.01 -7.96
N LYS A 263 40.77 8.28 -8.57
CA LYS A 263 40.33 9.64 -8.91
C LYS A 263 39.38 10.15 -7.82
N LEU A 264 39.72 11.28 -7.21
CA LEU A 264 38.97 11.75 -6.04
C LEU A 264 38.46 13.19 -6.13
N MET A 265 37.66 13.58 -5.14
CA MET A 265 37.04 14.88 -5.07
C MET A 265 37.52 15.57 -3.80
N ILE A 266 37.69 16.90 -3.88
CA ILE A 266 38.13 17.70 -2.74
C ILE A 266 37.08 18.77 -2.37
N ASP A 267 36.56 18.70 -1.14
CA ASP A 267 35.61 19.68 -0.65
C ASP A 267 36.47 20.85 -0.20
N CYS A 268 36.19 22.04 -0.77
CA CYS A 268 36.89 23.27 -0.38
C CYS A 268 36.36 23.85 0.92
N SER A 269 35.21 23.36 1.35
CA SER A 269 34.52 23.90 2.53
C SER A 269 34.63 22.94 3.70
N HIS A 270 33.65 23.02 4.60
CA HIS A 270 33.62 22.21 5.80
C HIS A 270 34.98 22.16 6.56
N ALA A 271 35.55 20.98 6.80
CA ALA A 271 36.76 20.86 7.63
C ALA A 271 38.08 21.15 6.85
N ASN A 272 38.00 21.32 5.53
CA ASN A 272 39.15 21.83 4.75
C ASN A 272 39.30 23.35 4.82
N SER A 273 38.17 24.06 4.86
CA SER A 273 38.16 25.51 5.09
C SER A 273 38.10 25.82 6.58
N ARG A 274 37.94 24.77 7.38
CA ARG A 274 37.67 24.85 8.80
C ARG A 274 36.51 25.82 9.17
N LYS A 275 35.46 25.76 8.36
CA LYS A 275 34.24 26.54 8.60
C LYS A 275 34.45 28.04 8.44
N ASP A 276 35.53 28.43 7.77
CA ASP A 276 35.76 29.83 7.39
C ASP A 276 35.56 29.97 5.91
N TYR A 277 34.46 30.60 5.52
CA TYR A 277 34.07 30.56 4.11
C TYR A 277 35.12 31.24 3.20
N THR A 278 35.85 32.23 3.72
CA THR A 278 36.88 32.89 2.91
C THR A 278 38.06 32.00 2.60
N ARG A 279 38.21 30.88 3.30
CA ARG A 279 39.33 30.00 3.05
C ARG A 279 39.03 29.01 1.93
N GLN A 280 37.78 28.92 1.48
CA GLN A 280 37.48 28.02 0.36
C GLN A 280 38.29 28.48 -0.84
N MET A 281 38.39 29.79 -1.04
CA MET A 281 39.20 30.35 -2.14
C MET A 281 40.67 29.91 -2.07
N GLU A 282 41.21 29.87 -0.87
CA GLU A 282 42.55 29.32 -0.64
C GLU A 282 42.69 27.86 -1.04
N VAL A 283 41.69 27.05 -0.68
CA VAL A 283 41.74 25.62 -0.96
C VAL A 283 41.74 25.41 -2.47
N ALA A 284 40.88 26.15 -3.16
CA ALA A 284 40.83 26.17 -4.63
C ALA A 284 42.15 26.60 -5.25
N GLN A 285 42.80 27.58 -4.67
CA GLN A 285 44.12 28.03 -5.14
C GLN A 285 45.13 26.90 -5.13
N ASP A 286 45.20 26.22 -4.01
CA ASP A 286 46.08 25.08 -3.87
C ASP A 286 45.74 24.03 -4.92
N ILE A 287 44.46 23.71 -5.04
CA ILE A 287 43.98 22.77 -6.01
C ILE A 287 44.42 23.19 -7.43
N ALA A 288 44.29 24.48 -7.74
CA ALA A 288 44.68 24.96 -9.07
C ALA A 288 46.18 24.79 -9.32
N ALA A 289 46.99 25.10 -8.31
CA ALA A 289 48.44 24.93 -8.40
C ALA A 289 48.79 23.47 -8.58
N GLN A 290 48.03 22.59 -7.91
CA GLN A 290 48.22 21.15 -8.06
C GLN A 290 47.94 20.71 -9.50
N LEU A 291 46.83 21.17 -10.05
CA LEU A 291 46.42 20.75 -11.39
C LEU A 291 47.47 21.21 -12.40
N GLU A 292 48.01 22.40 -12.17
CA GLU A 292 49.01 23.00 -13.05
C GLU A 292 50.30 22.18 -13.09
N GLN A 293 50.69 21.60 -11.94
CA GLN A 293 51.89 20.76 -11.87
C GLN A 293 51.59 19.38 -12.43
N ASP A 294 50.50 18.78 -11.97
CA ASP A 294 50.15 17.38 -12.26
C ASP A 294 48.66 17.14 -11.97
N GLY A 295 48.29 17.05 -10.70
CA GLY A 295 46.89 16.88 -10.31
C GLY A 295 46.16 15.72 -10.97
N GLY A 296 46.89 14.67 -11.32
CA GLY A 296 46.32 13.50 -12.03
C GLY A 296 45.17 12.81 -11.33
N ASN A 297 45.19 12.85 -9.99
CA ASN A 297 44.24 12.08 -9.19
C ASN A 297 42.97 12.87 -8.80
N ILE A 298 42.89 14.14 -9.22
CA ILE A 298 41.71 14.97 -8.88
C ILE A 298 40.68 14.96 -10.01
N MET A 299 39.45 14.54 -9.71
CA MET A 299 38.38 14.55 -10.74
C MET A 299 37.26 15.57 -10.45
N GLY A 300 37.25 16.16 -9.26
CA GLY A 300 36.27 17.18 -8.95
C GLY A 300 36.55 17.89 -7.64
N VAL A 301 35.73 18.91 -7.36
CA VAL A 301 35.77 19.69 -6.12
C VAL A 301 34.36 20.09 -5.63
N MET A 302 34.25 20.49 -4.39
CA MET A 302 32.98 20.88 -3.81
C MET A 302 33.14 22.26 -3.20
N VAL A 303 32.18 23.14 -3.45
CA VAL A 303 32.23 24.52 -2.98
C VAL A 303 30.88 24.87 -2.39
N GLU A 304 30.87 25.58 -1.28
CA GLU A 304 29.63 26.08 -0.73
C GLU A 304 29.47 27.56 -1.12
N SER A 305 28.48 27.86 -1.96
CA SER A 305 28.34 29.15 -2.63
C SER A 305 26.89 29.58 -2.73
N HIS A 306 26.67 30.87 -2.55
CA HIS A 306 25.35 31.48 -2.54
C HIS A 306 25.36 32.86 -3.19
N LEU A 307 24.19 33.46 -3.38
CA LEU A 307 24.10 34.78 -4.07
C LEU A 307 24.86 35.79 -3.25
N VAL A 308 24.66 35.70 -1.94
CA VAL A 308 25.27 36.60 -0.98
C VAL A 308 26.08 35.76 -0.01
N GLU A 309 27.20 36.30 0.43
CA GLU A 309 28.14 35.60 1.27
C GLU A 309 27.68 35.51 2.75
N GLY A 310 28.38 34.63 3.50
CA GLY A 310 28.22 34.54 4.94
C GLY A 310 27.05 33.66 5.32
N ARG A 311 26.49 33.92 6.51
CA ARG A 311 25.33 33.17 7.01
C ARG A 311 24.51 34.02 7.93
N GLN A 312 23.29 33.59 8.22
CA GLN A 312 22.40 34.29 9.15
C GLN A 312 21.55 33.25 9.85
N ASP A 313 21.12 33.52 11.07
CA ASP A 313 20.36 32.52 11.86
C ASP A 313 18.94 32.44 11.36
N LYS A 314 18.37 33.59 11.01
CA LYS A 314 17.01 33.62 10.51
C LYS A 314 17.04 34.02 9.02
N PRO A 315 16.08 33.50 8.25
CA PRO A 315 16.07 33.78 6.83
C PRO A 315 15.57 35.20 6.54
N GLU A 316 16.35 36.21 6.93
CA GLU A 316 15.91 37.60 6.76
C GLU A 316 16.33 38.08 5.38
N VAL A 317 17.62 37.95 5.09
CA VAL A 317 18.24 38.37 3.82
C VAL A 317 18.06 37.31 2.72
N TYR A 318 17.71 37.73 1.52
CA TYR A 318 17.54 36.86 0.35
C TYR A 318 18.88 36.28 -0.15
N GLY A 319 18.85 34.98 -0.42
CA GLY A 319 19.99 34.25 -1.01
C GLY A 319 21.22 34.26 -0.12
N LYS A 320 20.95 34.20 1.18
CA LYS A 320 22.01 34.13 2.17
C LYS A 320 21.73 32.90 3.05
N SER A 321 22.78 32.13 3.31
CA SER A 321 22.65 30.83 3.98
C SER A 321 22.11 30.90 5.43
N ILE A 322 21.33 29.92 5.85
CA ILE A 322 20.95 29.79 7.27
C ILE A 322 21.58 28.58 7.95
N THR A 323 22.42 27.88 7.20
CA THR A 323 23.20 26.77 7.72
C THR A 323 24.65 27.24 7.55
N ASP A 324 25.54 26.46 6.91
CA ASP A 324 26.95 26.87 6.85
C ASP A 324 27.18 28.12 6.01
N ALA A 325 28.16 28.93 6.39
CA ALA A 325 28.44 30.16 5.65
C ALA A 325 29.01 29.82 4.30
N CYS A 326 28.69 30.64 3.30
CA CYS A 326 29.08 30.39 1.92
C CYS A 326 29.78 31.62 1.35
N ILE A 327 30.66 31.38 0.38
CA ILE A 327 31.13 32.48 -0.43
C ILE A 327 29.95 33.04 -1.23
N GLY A 328 29.98 34.35 -1.50
CA GLY A 328 28.97 34.98 -2.34
C GLY A 328 29.22 34.85 -3.84
N TRP A 329 28.49 35.63 -4.63
CA TRP A 329 28.50 35.40 -6.07
C TRP A 329 29.80 35.86 -6.73
N GLY A 330 30.37 36.97 -6.26
CA GLY A 330 31.59 37.52 -6.83
C GLY A 330 32.75 36.56 -6.64
N ALA A 331 32.90 36.07 -5.41
CA ALA A 331 33.96 35.11 -5.09
C ALA A 331 33.76 33.82 -5.87
N THR A 332 32.50 33.42 -6.06
CA THR A 332 32.18 32.23 -6.86
C THR A 332 32.70 32.37 -8.29
N GLU A 333 32.54 33.56 -8.87
CA GLU A 333 33.04 33.85 -10.23
C GLU A 333 34.55 33.67 -10.36
N GLU A 334 35.30 34.21 -9.39
CA GLU A 334 36.75 34.16 -9.41
C GLU A 334 37.23 32.72 -9.21
N LEU A 335 36.57 32.03 -8.27
CA LEU A 335 36.92 30.66 -7.95
C LEU A 335 36.76 29.78 -9.19
N LEU A 336 35.63 29.90 -9.87
CA LEU A 336 35.38 29.08 -11.02
C LEU A 336 36.34 29.43 -12.19
N ALA A 337 36.65 30.70 -12.37
CA ALA A 337 37.63 31.14 -13.39
C ALA A 337 39.03 30.61 -13.09
N LEU A 338 39.41 30.70 -11.83
CA LEU A 338 40.65 30.13 -11.35
C LEU A 338 40.69 28.67 -11.72
N LEU A 339 39.63 27.93 -11.41
CA LEU A 339 39.66 26.50 -11.65
C LEU A 339 39.60 26.14 -13.15
N ALA A 340 38.83 26.91 -13.90
CA ALA A 340 38.75 26.72 -15.34
C ALA A 340 40.14 26.84 -15.99
N GLY A 341 40.84 27.93 -15.69
CA GLY A 341 42.17 28.20 -16.25
C GLY A 341 43.19 27.15 -15.85
N ALA A 342 43.19 26.80 -14.57
CA ALA A 342 44.15 25.80 -14.08
C ALA A 342 43.97 24.48 -14.81
N ASN A 343 42.72 24.02 -14.94
CA ASN A 343 42.44 22.73 -15.57
C ASN A 343 42.47 22.74 -17.09
N LYS A 344 42.33 23.93 -17.69
CA LYS A 344 42.57 24.09 -19.12
C LYS A 344 44.00 23.66 -19.43
N LYS A 345 44.94 24.07 -18.59
CA LYS A 345 46.34 23.70 -18.76
C LYS A 345 46.58 22.22 -18.50
N ARG A 346 45.95 21.66 -17.47
CA ARG A 346 46.06 20.21 -17.26
C ARG A 346 45.54 19.47 -18.51
N MET A 347 44.33 19.80 -18.95
CA MET A 347 43.76 19.06 -20.08
C MET A 347 44.61 19.17 -21.36
N ALA A 348 45.25 20.32 -21.56
CA ALA A 348 46.06 20.57 -22.75
C ALA A 348 47.38 19.78 -22.74
N ARG A 349 47.90 19.44 -21.57
CA ARG A 349 48.97 18.44 -21.47
C ARG A 349 48.44 17.11 -22.02
N HIS B 4 11.66 9.56 -23.45
CA HIS B 4 12.41 9.64 -22.16
C HIS B 4 13.52 8.61 -22.06
N TYR B 5 14.74 9.10 -21.84
CA TYR B 5 15.79 8.24 -21.33
C TYR B 5 15.38 7.73 -19.94
N PRO B 6 15.73 6.49 -19.60
CA PRO B 6 15.38 6.05 -18.24
C PRO B 6 16.33 6.66 -17.20
N THR B 7 15.77 7.09 -16.07
CA THR B 7 16.58 7.66 -14.97
C THR B 7 16.26 7.05 -13.60
N ASP B 8 15.30 6.14 -13.55
CA ASP B 8 14.77 5.59 -12.32
C ASP B 8 15.11 4.14 -12.24
N ASP B 9 15.62 3.73 -11.09
CA ASP B 9 15.96 2.31 -10.78
C ASP B 9 17.00 1.69 -11.75
N ILE B 10 17.91 2.50 -12.26
CA ILE B 10 18.92 2.03 -13.21
C ILE B 10 19.72 0.84 -12.68
N LYS B 11 20.09 0.93 -11.41
CA LYS B 11 20.97 -0.06 -10.82
C LYS B 11 20.25 -0.93 -9.82
N ILE B 12 18.96 -1.17 -10.07
CA ILE B 12 18.12 -1.97 -9.19
C ILE B 12 17.75 -3.25 -9.89
N LYS B 13 18.04 -4.40 -9.25
CA LYS B 13 17.66 -5.70 -9.81
C LYS B 13 16.16 -5.95 -9.59
N GLU B 14 15.66 -5.62 -8.40
CA GLU B 14 14.29 -5.94 -8.04
C GLU B 14 13.88 -5.17 -6.78
N VAL B 15 12.66 -4.66 -6.78
CA VAL B 15 12.05 -4.15 -5.56
C VAL B 15 10.81 -4.99 -5.32
N LYS B 16 10.86 -5.86 -4.29
CA LYS B 16 9.74 -6.76 -3.96
C LYS B 16 9.00 -6.27 -2.73
N GLU B 17 7.69 -6.32 -2.75
CA GLU B 17 6.93 -6.04 -1.54
C GLU B 17 7.11 -7.05 -0.46
N LEU B 18 7.20 -6.54 0.75
CA LEU B 18 7.36 -7.36 1.95
C LEU B 18 6.06 -7.40 2.69
N LEU B 19 5.79 -8.50 3.37
CA LEU B 19 4.65 -8.49 4.23
C LEU B 19 4.77 -7.35 5.23
N PRO B 20 3.69 -6.64 5.47
CA PRO B 20 3.70 -5.55 6.41
C PRO B 20 3.88 -6.03 7.84
N PRO B 21 4.41 -5.20 8.72
CA PRO B 21 4.54 -5.64 10.09
C PRO B 21 3.23 -6.22 10.65
N ILE B 22 2.11 -5.64 10.28
CA ILE B 22 0.84 -6.05 10.86
C ILE B 22 0.60 -7.53 10.61
N ALA B 23 1.07 -8.06 9.48
CA ALA B 23 0.92 -9.49 9.18
C ALA B 23 1.62 -10.37 10.24
N HIS B 24 2.86 -10.02 10.54
CA HIS B 24 3.63 -10.74 11.53
C HIS B 24 3.02 -10.57 12.92
N LEU B 25 2.56 -9.37 13.24
CA LEU B 25 1.93 -9.15 14.54
C LEU B 25 0.63 -9.95 14.69
N TYR B 26 -0.01 -10.30 13.58
CA TYR B 26 -1.26 -11.08 13.62
C TYR B 26 -0.99 -12.57 13.93
N GLU B 27 0.06 -13.11 13.33
CA GLU B 27 0.47 -14.50 13.56
C GLU B 27 1.12 -14.71 14.90
N LEU B 28 1.82 -13.69 15.37
CA LEU B 28 2.63 -13.81 16.54
C LEU B 28 2.41 -12.64 17.47
N PRO B 29 1.18 -12.48 17.95
CA PRO B 29 0.91 -11.38 18.87
C PRO B 29 1.74 -11.56 20.10
N ILE B 30 2.26 -10.48 20.64
CA ILE B 30 2.92 -10.54 21.94
C ILE B 30 1.92 -10.95 23.06
N SER B 31 2.36 -11.87 23.91
CA SER B 31 1.54 -12.40 24.99
C SER B 31 1.60 -11.52 26.24
N LYS B 32 0.63 -11.68 27.14
CA LYS B 32 0.62 -10.94 28.42
C LYS B 32 1.98 -11.04 29.13
N GLU B 33 2.54 -12.25 29.15
CA GLU B 33 3.81 -12.61 29.82
C GLU B 33 5.05 -11.94 29.22
N ALA B 34 5.19 -12.01 27.90
CA ALA B 34 6.26 -11.28 27.21
C ALA B 34 6.10 -9.79 27.41
N SER B 35 4.86 -9.32 27.48
CA SER B 35 4.61 -7.88 27.66
C SER B 35 5.11 -7.38 29.02
N GLY B 36 4.90 -8.20 30.06
CA GLY B 36 5.30 -7.85 31.42
C GLY B 36 6.81 -7.88 31.58
N LEU B 37 7.46 -8.81 30.86
CA LEU B 37 8.88 -9.02 31.00
C LEU B 37 9.55 -7.86 30.31
N VAL B 38 8.99 -7.47 29.18
CA VAL B 38 9.47 -6.31 28.41
C VAL B 38 9.31 -5.00 29.15
N HIS B 39 8.10 -4.73 29.62
CA HIS B 39 7.80 -3.46 30.27
C HIS B 39 8.68 -3.24 31.52
N ARG B 40 8.76 -4.29 32.31
CA ARG B 40 9.50 -4.31 33.55
C ARG B 40 11.04 -4.20 33.33
N THR B 41 11.59 -5.05 32.48
CA THR B 41 13.02 -5.00 32.20
C THR B 41 13.41 -3.60 31.71
N ARG B 42 12.56 -2.98 30.90
CA ARG B 42 12.86 -1.64 30.38
C ARG B 42 12.92 -0.64 31.51
N GLN B 43 11.96 -0.71 32.44
CA GLN B 43 11.93 0.16 33.61
C GLN B 43 13.16 -0.08 34.50
N GLU B 44 13.43 -1.33 34.84
CA GLU B 44 14.64 -1.74 35.57
C GLU B 44 15.92 -1.16 34.95
N ILE B 45 16.05 -1.27 33.63
CA ILE B 45 17.19 -0.67 32.93
C ILE B 45 17.20 0.87 33.09
N SER B 46 16.03 1.48 33.00
CA SER B 46 15.96 2.93 33.18
C SER B 46 16.57 3.32 34.54
N ASP B 47 16.26 2.55 35.56
CA ASP B 47 16.76 2.83 36.88
C ASP B 47 18.28 2.73 36.91
N LEU B 48 18.83 1.80 36.13
CA LEU B 48 20.28 1.61 36.04
C LEU B 48 20.92 2.78 35.35
N VAL B 49 20.29 3.27 34.28
CA VAL B 49 20.83 4.39 33.48
C VAL B 49 20.90 5.69 34.29
N HIS B 50 19.95 5.84 35.22
CA HIS B 50 19.74 7.08 35.95
C HIS B 50 20.20 6.97 37.41
N GLY B 51 20.92 5.89 37.72
CA GLY B 51 21.56 5.71 39.01
C GLY B 51 20.68 5.32 40.18
N ARG B 52 19.42 4.95 39.94
CA ARG B 52 18.51 4.55 41.05
C ARG B 52 18.69 3.10 41.55
N ASP B 53 19.48 2.29 40.83
CA ASP B 53 19.80 0.91 41.26
C ASP B 53 21.22 0.66 40.83
N LYS B 54 21.99 -0.04 41.66
CA LYS B 54 23.40 -0.31 41.38
C LYS B 54 23.69 -1.74 40.85
N ARG B 55 22.67 -2.44 40.36
CA ARG B 55 22.87 -3.74 39.73
C ARG B 55 23.58 -3.52 38.42
N LEU B 56 24.24 -4.54 37.91
CA LEU B 56 24.99 -4.40 36.70
C LEU B 56 24.19 -4.96 35.53
N LEU B 57 23.91 -4.15 34.52
CA LEU B 57 23.25 -4.63 33.33
C LEU B 57 24.25 -5.43 32.49
N VAL B 58 23.92 -6.69 32.23
CA VAL B 58 24.80 -7.52 31.42
C VAL B 58 24.09 -7.88 30.13
N ILE B 59 24.65 -7.39 29.04
CA ILE B 59 24.17 -7.71 27.70
C ILE B 59 25.13 -8.78 27.26
N ILE B 60 24.62 -9.98 27.06
CA ILE B 60 25.48 -11.11 26.83
C ILE B 60 24.82 -12.21 26.01
N GLY B 61 25.59 -12.73 25.06
CA GLY B 61 25.08 -13.71 24.16
C GLY B 61 25.93 -13.75 22.92
N PRO B 62 25.42 -14.43 21.89
CA PRO B 62 26.12 -14.53 20.62
C PRO B 62 26.34 -13.17 19.94
N CYS B 63 27.47 -13.06 19.27
CA CYS B 63 27.73 -11.94 18.39
C CYS B 63 26.55 -11.76 17.43
N SER B 64 26.14 -12.87 16.79
CA SER B 64 25.01 -12.89 15.86
C SER B 64 24.22 -14.14 16.09
N ILE B 65 22.94 -14.12 15.76
CA ILE B 65 22.10 -15.31 15.83
C ILE B 65 22.03 -15.91 14.43
N HIS B 66 22.40 -17.18 14.29
CA HIS B 66 22.26 -17.83 13.01
C HIS B 66 21.46 -19.13 13.07
N ASP B 67 21.02 -19.50 14.28
CA ASP B 67 20.39 -20.79 14.54
C ASP B 67 19.53 -20.68 15.79
N PRO B 68 18.24 -20.67 15.60
CA PRO B 68 17.29 -20.50 16.68
C PRO B 68 17.34 -21.62 17.71
N LYS B 69 17.57 -22.86 17.30
CA LYS B 69 17.66 -23.97 18.27
C LYS B 69 18.77 -23.67 19.27
N ALA B 70 20.00 -23.47 18.77
CA ALA B 70 21.15 -23.14 19.62
C ALA B 70 20.95 -21.88 20.46
N ALA B 71 20.26 -20.90 19.87
CA ALA B 71 19.92 -19.67 20.58
C ALA B 71 18.98 -19.94 21.76
N LEU B 72 17.94 -20.72 21.51
CA LEU B 72 17.03 -21.14 22.60
C LEU B 72 17.71 -22.02 23.65
N GLU B 73 18.66 -22.85 23.23
CA GLU B 73 19.42 -23.68 24.18
C GLU B 73 20.37 -22.81 25.01
N TYR B 74 20.95 -21.80 24.37
CA TYR B 74 21.84 -20.88 25.04
C TYR B 74 21.09 -20.09 26.10
N ALA B 75 19.90 -19.61 25.74
CA ALA B 75 19.03 -18.90 26.65
C ALA B 75 18.68 -19.76 27.84
N GLU B 76 18.29 -21.02 27.60
CA GLU B 76 17.92 -21.95 28.71
C GLU B 76 18.97 -22.00 29.83
N ARG B 77 20.24 -22.14 29.42
CA ARG B 77 21.39 -22.13 30.32
C ARG B 77 21.59 -20.76 30.96
N LEU B 78 21.51 -19.69 30.14
CA LEU B 78 21.61 -18.33 30.65
C LEU B 78 20.49 -17.98 31.63
N LEU B 79 19.28 -18.46 31.39
CA LEU B 79 18.16 -18.12 32.25
C LEU B 79 18.48 -18.48 33.69
N LYS B 80 19.06 -19.66 33.90
CA LYS B 80 19.42 -20.12 35.24
C LYS B 80 20.36 -19.12 35.95
N LEU B 81 21.34 -18.58 35.22
CA LEU B 81 22.31 -17.67 35.82
C LEU B 81 21.73 -16.28 36.02
N ARG B 82 20.84 -15.87 35.11
CA ARG B 82 20.03 -14.65 35.28
C ARG B 82 19.32 -14.65 36.61
N LYS B 83 18.75 -15.79 36.98
CA LYS B 83 18.02 -15.90 38.23
C LYS B 83 18.98 -15.87 39.43
N GLN B 84 20.08 -16.60 39.30
CA GLN B 84 20.95 -16.85 40.43
C GLN B 84 21.61 -15.54 40.86
N TYR B 85 21.93 -14.71 39.88
CA TYR B 85 22.59 -13.43 40.14
C TYR B 85 21.65 -12.22 40.05
N GLU B 86 20.35 -12.43 40.18
CA GLU B 86 19.36 -11.39 39.97
C GLU B 86 19.48 -10.20 40.92
N ASN B 87 20.14 -10.39 42.05
CA ASN B 87 20.37 -9.30 43.01
C ASN B 87 21.60 -8.44 42.69
N GLU B 88 22.53 -8.97 41.91
CA GLU B 88 23.75 -8.23 41.54
C GLU B 88 23.77 -7.82 40.05
N LEU B 89 23.11 -8.64 39.21
CA LEU B 89 23.16 -8.53 37.77
C LEU B 89 21.75 -8.55 37.16
N LEU B 90 21.54 -7.69 36.15
CA LEU B 90 20.36 -7.72 35.27
C LEU B 90 20.83 -8.25 33.92
N ILE B 91 20.60 -9.54 33.70
CA ILE B 91 21.11 -10.25 32.54
C ILE B 91 20.06 -10.28 31.45
N VAL B 92 20.41 -9.67 30.33
CA VAL B 92 19.64 -9.63 29.11
C VAL B 92 20.47 -10.25 27.97
N MET B 93 19.81 -11.04 27.11
CA MET B 93 20.50 -11.77 26.04
C MET B 93 20.67 -10.95 24.73
N ARG B 94 21.88 -11.01 24.16
CA ARG B 94 22.17 -10.49 22.82
C ARG B 94 21.45 -11.33 21.77
N VAL B 95 20.44 -10.74 21.14
CA VAL B 95 19.74 -11.33 20.02
C VAL B 95 19.93 -10.40 18.82
N TYR B 96 21.15 -10.39 18.28
CA TYR B 96 21.53 -9.57 17.15
C TYR B 96 21.42 -10.45 15.91
N PHE B 97 20.87 -9.95 14.80
CA PHE B 97 20.65 -10.81 13.64
C PHE B 97 21.68 -10.72 12.51
N ALA B 98 22.59 -9.77 12.60
CA ALA B 98 23.78 -9.76 11.75
C ALA B 98 24.86 -9.01 12.49
N LYS B 99 26.08 -9.08 11.96
CA LYS B 99 27.13 -8.11 12.30
C LYS B 99 26.92 -6.93 11.35
N PRO B 100 27.30 -5.69 11.76
CA PRO B 100 27.54 -4.66 10.72
C PRO B 100 28.90 -4.93 9.99
N ARG B 101 28.81 -5.49 8.78
CA ARG B 101 30.00 -5.96 8.05
C ARG B 101 30.76 -4.79 7.45
N VAL B 104 30.99 -9.67 1.28
CA VAL B 104 32.00 -9.77 2.35
C VAL B 104 31.80 -11.01 3.24
N GLY B 105 30.56 -11.46 3.36
CA GLY B 105 30.25 -12.66 4.14
C GLY B 105 28.75 -12.85 4.28
N TRP B 106 28.35 -13.70 5.22
CA TRP B 106 26.92 -13.97 5.47
C TRP B 106 26.19 -12.69 5.95
N LYS B 107 25.05 -12.40 5.34
CA LYS B 107 24.34 -11.12 5.53
C LYS B 107 23.33 -11.08 6.70
N GLY B 108 23.34 -12.08 7.56
CA GLY B 108 22.49 -12.09 8.76
C GLY B 108 21.30 -13.04 8.66
N LEU B 109 20.54 -13.16 9.74
CA LEU B 109 19.43 -14.14 9.77
C LEU B 109 18.18 -13.57 9.11
N ILE B 110 18.01 -12.27 9.18
CA ILE B 110 16.86 -11.63 8.57
C ILE B 110 16.99 -11.68 7.04
N ASN B 111 18.15 -11.30 6.52
CA ASN B 111 18.39 -11.36 5.08
C ASN B 111 18.42 -12.77 4.56
N ASP B 112 19.12 -13.63 5.27
CA ASP B 112 19.48 -14.93 4.78
C ASP B 112 19.20 -16.02 5.82
N PRO B 113 17.92 -16.19 6.20
CA PRO B 113 17.57 -17.15 7.25
C PRO B 113 17.94 -18.60 6.95
N HIS B 114 17.90 -19.01 5.68
CA HIS B 114 18.23 -20.40 5.29
C HIS B 114 19.74 -20.70 5.12
N LEU B 115 20.61 -19.70 5.29
CA LEU B 115 22.06 -19.86 5.25
C LEU B 115 22.53 -20.43 3.91
N ASP B 116 21.89 -20.00 2.83
CA ASP B 116 22.18 -20.50 1.49
C ASP B 116 22.26 -19.44 0.39
N GLY B 117 21.99 -18.18 0.73
CA GLY B 117 21.97 -17.08 -0.26
C GLY B 117 20.63 -16.77 -0.94
N THR B 118 19.50 -17.26 -0.42
CA THR B 118 18.17 -17.05 -1.08
C THR B 118 17.34 -15.81 -0.63
N PHE B 119 17.87 -15.05 0.33
CA PHE B 119 17.28 -13.75 0.71
C PHE B 119 15.75 -13.74 0.99
N ASP B 120 15.27 -14.74 1.71
CA ASP B 120 13.87 -14.86 2.01
C ASP B 120 13.57 -14.06 3.30
N ILE B 121 13.43 -12.75 3.12
CA ILE B 121 13.36 -11.83 4.22
C ILE B 121 12.02 -11.85 4.95
N ASN B 122 10.95 -12.17 4.23
CA ASN B 122 9.66 -12.41 4.89
C ASN B 122 9.83 -13.50 5.96
N PHE B 123 10.44 -14.62 5.57
CA PHE B 123 10.72 -15.71 6.50
C PHE B 123 11.72 -15.27 7.56
N GLY B 124 12.76 -14.54 7.16
CA GLY B 124 13.77 -14.06 8.12
C GLY B 124 13.16 -13.24 9.26
N LEU B 125 12.28 -12.32 8.89
CA LEU B 125 11.62 -11.43 9.85
C LEU B 125 10.64 -12.20 10.73
N ARG B 126 9.93 -13.16 10.15
CA ARG B 126 9.05 -14.04 10.91
C ARG B 126 9.85 -14.81 11.95
N GLN B 127 10.95 -15.42 11.52
CA GLN B 127 11.83 -16.18 12.42
C GLN B 127 12.39 -15.31 13.56
N ALA B 128 12.87 -14.12 13.23
CA ALA B 128 13.35 -13.22 14.26
C ALA B 128 12.25 -12.87 15.29
N ARG B 129 11.05 -12.51 14.83
CA ARG B 129 9.95 -12.31 15.76
C ARG B 129 9.66 -13.58 16.55
N SER B 130 9.51 -14.69 15.86
CA SER B 130 9.20 -15.94 16.55
C SER B 130 10.19 -16.26 17.67
N LEU B 131 11.48 -16.18 17.36
CA LEU B 131 12.55 -16.33 18.34
C LEU B 131 12.43 -15.40 19.54
N LEU B 132 12.18 -14.13 19.26
CA LEU B 132 12.12 -13.11 20.30
C LEU B 132 10.91 -13.29 21.19
N LEU B 133 9.79 -13.79 20.67
CA LEU B 133 8.64 -14.05 21.53
C LEU B 133 8.86 -15.34 22.37
N SER B 134 9.43 -16.37 21.77
CA SER B 134 9.77 -17.58 22.52
C SER B 134 10.68 -17.23 23.71
N LEU B 135 11.72 -16.42 23.46
CA LEU B 135 12.71 -16.06 24.49
C LEU B 135 12.06 -15.34 25.65
N ASN B 136 11.39 -14.26 25.36
CA ASN B 136 10.61 -13.53 26.35
C ASN B 136 9.64 -14.46 27.07
N ASN B 137 8.93 -15.31 26.31
CA ASN B 137 7.97 -16.24 26.92
C ASN B 137 8.61 -17.20 27.93
N MET B 138 9.85 -17.63 27.68
CA MET B 138 10.53 -18.51 28.63
C MET B 138 11.08 -17.70 29.83
N GLY B 139 11.09 -16.36 29.72
CA GLY B 139 11.53 -15.47 30.81
C GLY B 139 12.86 -14.77 30.58
N MET B 140 13.42 -14.91 29.38
CA MET B 140 14.70 -14.27 29.03
C MET B 140 14.46 -13.04 28.16
N PRO B 141 14.70 -11.83 28.70
CA PRO B 141 14.64 -10.65 27.86
C PRO B 141 15.72 -10.62 26.77
N ALA B 142 15.42 -9.82 25.74
CA ALA B 142 16.20 -9.78 24.52
C ALA B 142 16.70 -8.37 24.27
N SER B 143 17.89 -8.28 23.68
CA SER B 143 18.46 -7.04 23.21
C SER B 143 18.89 -7.22 21.77
N THR B 144 19.02 -6.13 21.01
CA THR B 144 19.37 -6.25 19.61
C THR B 144 19.89 -4.90 19.14
N GLU B 145 20.58 -4.89 17.99
CA GLU B 145 20.92 -3.64 17.33
C GLU B 145 19.92 -3.44 16.24
N PHE B 146 19.43 -2.23 16.10
CA PHE B 146 18.65 -1.92 14.94
C PHE B 146 19.55 -1.20 13.91
N LEU B 147 19.67 -1.79 12.73
CA LEU B 147 20.51 -1.24 11.64
C LEU B 147 19.76 -0.26 10.73
N ASP B 148 18.43 -0.35 10.72
CA ASP B 148 17.64 0.48 9.85
C ASP B 148 16.37 0.93 10.54
N MET B 149 15.58 1.72 9.81
CA MET B 149 14.49 2.48 10.39
C MET B 149 13.14 1.78 10.19
N ILE B 150 13.15 0.62 9.53
CA ILE B 150 11.93 -0.12 9.23
C ILE B 150 11.85 -1.41 10.07
N THR B 151 12.93 -2.17 10.15
CA THR B 151 12.87 -3.42 10.89
C THR B 151 12.29 -3.27 12.30
N PRO B 152 12.64 -2.21 13.06
CA PRO B 152 12.01 -2.10 14.38
C PRO B 152 10.48 -2.24 14.41
N GLN B 153 9.79 -1.85 13.34
CA GLN B 153 8.35 -1.98 13.37
C GLN B 153 7.92 -3.42 13.44
N TYR B 154 8.79 -4.32 13.00
CA TYR B 154 8.49 -5.76 12.98
C TYR B 154 8.68 -6.48 14.31
N TYR B 155 9.52 -5.96 15.20
CA TYR B 155 9.67 -6.63 16.49
C TYR B 155 10.21 -5.81 17.65
N ALA B 156 10.31 -4.49 17.55
CA ALA B 156 10.89 -3.74 18.68
C ALA B 156 10.04 -3.91 19.93
N ASP B 157 8.77 -4.28 19.75
CA ASP B 157 7.88 -4.48 20.90
C ASP B 157 8.37 -5.58 21.83
N LEU B 158 9.29 -6.40 21.34
CA LEU B 158 9.83 -7.52 22.09
C LEU B 158 11.22 -7.24 22.66
N ILE B 159 11.73 -6.04 22.42
CA ILE B 159 13.10 -5.69 22.75
C ILE B 159 13.13 -4.79 23.97
N SER B 160 13.97 -5.15 24.93
CA SER B 160 14.08 -4.45 26.19
C SER B 160 15.30 -3.56 26.25
N TRP B 161 16.22 -3.73 25.32
CA TRP B 161 17.39 -2.89 25.22
C TRP B 161 17.92 -2.87 23.80
N GLY B 162 18.07 -1.65 23.25
CA GLY B 162 18.61 -1.45 21.91
C GLY B 162 20.01 -0.86 21.86
N ALA B 163 20.77 -1.26 20.85
CA ALA B 163 22.08 -0.67 20.57
C ALA B 163 22.08 0.07 19.24
N ILE B 164 22.82 1.16 19.20
CA ILE B 164 23.25 1.76 17.98
C ILE B 164 24.76 1.59 17.97
N GLY B 165 25.25 0.82 17.01
CA GLY B 165 26.67 0.50 16.92
C GLY B 165 27.58 1.65 16.54
N ALA B 166 28.89 1.35 16.64
CA ALA B 166 29.95 2.34 16.37
C ALA B 166 29.79 3.07 15.05
N ARG B 167 29.39 2.32 14.02
CA ARG B 167 29.29 2.81 12.66
C ARG B 167 28.04 3.64 12.36
N THR B 168 27.13 3.71 13.32
CA THR B 168 25.89 4.47 13.14
C THR B 168 25.62 5.49 14.22
N THR B 169 26.39 5.48 15.31
CA THR B 169 26.17 6.47 16.34
C THR B 169 26.23 7.93 15.85
N GLU B 170 27.08 8.25 14.87
CA GLU B 170 27.11 9.63 14.32
C GLU B 170 26.01 10.00 13.30
N SER B 171 25.40 9.00 12.69
CA SER B 171 24.32 9.16 11.72
C SER B 171 23.09 9.80 12.36
N GLN B 172 22.67 10.89 11.77
CA GLN B 172 21.53 11.65 12.21
C GLN B 172 20.28 10.78 12.32
N VAL B 173 19.99 10.03 11.27
CA VAL B 173 18.74 9.31 11.17
C VAL B 173 18.66 8.19 12.21
N HIS B 174 19.79 7.57 12.54
CA HIS B 174 19.81 6.58 13.62
C HIS B 174 19.60 7.22 14.99
N ARG B 175 20.02 8.47 15.16
CA ARG B 175 19.75 9.18 16.43
C ARG B 175 18.26 9.55 16.51
N GLU B 176 17.67 9.79 15.35
CA GLU B 176 16.27 10.15 15.29
C GLU B 176 15.49 8.90 15.62
N LEU B 177 15.94 7.77 15.08
CA LEU B 177 15.39 6.44 15.44
C LEU B 177 15.37 6.18 16.93
N ALA B 178 16.55 6.27 17.56
CA ALA B 178 16.71 6.02 19.01
C ALA B 178 15.77 6.90 19.86
N SER B 179 15.48 8.08 19.34
CA SER B 179 14.63 9.05 20.01
C SER B 179 13.17 8.62 20.09
N GLY B 180 12.79 7.66 19.25
CA GLY B 180 11.47 7.05 19.29
C GLY B 180 11.41 5.56 19.68
N LEU B 181 12.54 4.93 20.03
CA LEU B 181 12.56 3.48 20.37
C LEU B 181 11.98 3.25 21.75
N SER B 182 11.10 2.28 21.88
CA SER B 182 10.41 2.09 23.16
C SER B 182 11.35 1.63 24.30
N CYS B 183 12.48 1.05 23.93
CA CYS B 183 13.47 0.53 24.88
C CYS B 183 14.58 1.54 25.13
N PRO B 184 15.25 1.43 26.27
CA PRO B 184 16.51 2.18 26.47
C PRO B 184 17.52 1.87 25.36
N VAL B 185 18.41 2.81 25.07
CA VAL B 185 19.38 2.61 23.97
C VAL B 185 20.78 2.99 24.39
N GLY B 186 21.74 2.19 23.96
CA GLY B 186 23.14 2.48 24.23
C GLY B 186 23.81 2.92 22.96
N PHE B 187 24.62 3.97 23.03
CA PHE B 187 25.33 4.47 21.86
C PHE B 187 26.77 4.13 22.05
N LYS B 188 27.37 3.47 21.06
CA LYS B 188 28.76 3.08 21.15
C LYS B 188 29.63 4.18 20.65
N ASN B 189 30.84 4.28 21.17
CA ASN B 189 31.80 5.21 20.63
C ASN B 189 32.30 4.77 19.26
N GLY B 190 32.89 5.70 18.53
CA GLY B 190 33.28 5.42 17.16
C GLY B 190 34.39 4.41 17.05
N THR B 191 34.49 3.82 15.85
CA THR B 191 35.46 2.76 15.55
C THR B 191 36.91 3.14 15.79
N ASP B 192 37.22 4.42 15.77
CA ASP B 192 38.55 4.91 16.17
C ASP B 192 38.62 5.51 17.59
N GLY B 193 37.56 5.36 18.38
CA GLY B 193 37.57 5.85 19.76
C GLY B 193 37.02 7.24 20.04
N ASN B 194 36.31 7.84 19.09
CA ASN B 194 35.62 9.10 19.37
C ASN B 194 34.44 8.84 20.32
N LEU B 195 34.52 9.38 21.53
CA LEU B 195 33.45 9.25 22.52
C LEU B 195 32.42 10.38 22.35
N LYS B 196 32.85 11.53 21.87
CA LYS B 196 31.94 12.67 21.69
C LYS B 196 30.71 12.36 20.80
N ILE B 197 30.88 11.58 19.75
CA ILE B 197 29.76 11.34 18.86
C ILE B 197 28.60 10.67 19.60
N ALA B 198 28.95 9.82 20.57
CA ALA B 198 27.99 9.10 21.41
C ALA B 198 27.37 10.01 22.45
N ILE B 199 28.17 10.94 22.95
CA ILE B 199 27.67 11.92 23.88
C ILE B 199 26.65 12.81 23.15
N ASP B 200 26.97 13.25 21.94
CA ASP B 200 26.06 14.12 21.19
C ASP B 200 24.79 13.36 20.86
N ALA B 201 24.96 12.06 20.59
CA ALA B 201 23.84 11.24 20.20
C ALA B 201 22.81 11.15 21.30
N ILE B 202 23.27 11.09 22.55
CA ILE B 202 22.36 11.03 23.68
C ILE B 202 21.56 12.35 23.72
N GLY B 203 22.26 13.46 23.59
CA GLY B 203 21.61 14.76 23.49
C GLY B 203 20.52 14.68 22.45
N ALA B 204 20.91 14.40 21.21
CA ALA B 204 19.98 14.36 20.12
C ALA B 204 18.78 13.45 20.41
N ALA B 205 19.08 12.26 20.92
CA ALA B 205 18.09 11.21 21.14
C ALA B 205 17.06 11.57 22.20
N SER B 206 17.40 12.51 23.08
CA SER B 206 16.55 12.92 24.17
C SER B 206 15.48 13.93 23.74
N HIS B 207 15.59 14.46 22.53
CA HIS B 207 14.64 15.42 22.00
C HIS B 207 13.70 14.73 21.06
N SER B 208 12.66 15.46 20.67
CA SER B 208 11.67 15.02 19.70
C SER B 208 12.22 15.13 18.28
N HIS B 209 11.91 14.17 17.42
CA HIS B 209 12.36 14.17 16.01
C HIS B 209 11.30 13.59 15.08
N HIS B 210 11.60 13.71 13.80
CA HIS B 210 10.83 13.20 12.71
C HIS B 210 11.76 12.41 11.82
N PHE B 211 11.35 11.18 11.49
CA PHE B 211 12.04 10.40 10.52
C PHE B 211 11.04 9.56 9.75
N LEU B 212 11.51 8.97 8.66
CA LEU B 212 10.65 8.20 7.77
C LEU B 212 10.80 6.71 8.01
N SER B 213 9.66 6.03 7.91
CA SER B 213 9.56 4.59 8.07
C SER B 213 8.26 4.08 7.46
N VAL B 214 7.74 2.99 8.01
CA VAL B 214 6.43 2.53 7.60
C VAL B 214 5.50 2.43 8.79
N THR B 215 4.19 2.49 8.51
CA THR B 215 3.18 2.24 9.52
C THR B 215 3.21 0.75 9.76
N LYS B 216 2.57 0.32 10.85
CA LYS B 216 2.41 -1.13 11.11
C LYS B 216 1.74 -1.79 9.91
N ALA B 217 0.92 -1.03 9.18
CA ALA B 217 0.25 -1.60 8.02
C ALA B 217 1.15 -1.67 6.77
N GLY B 218 2.39 -1.16 6.88
CA GLY B 218 3.42 -1.33 5.84
C GLY B 218 3.49 -0.21 4.82
N HIS B 219 3.04 1.00 5.14
CA HIS B 219 3.03 2.10 4.16
C HIS B 219 3.91 3.29 4.57
N SER B 220 4.47 3.99 3.60
CA SER B 220 5.41 5.08 3.83
C SER B 220 4.83 6.09 4.80
N ALA B 221 5.67 6.56 5.73
CA ALA B 221 5.18 7.34 6.85
C ALA B 221 6.19 8.24 7.52
N ILE B 222 5.63 9.25 8.16
CA ILE B 222 6.43 10.11 8.97
C ILE B 222 6.22 9.72 10.41
N VAL B 223 7.31 9.59 11.15
CA VAL B 223 7.24 9.25 12.56
C VAL B 223 7.68 10.44 13.40
N HIS B 224 6.82 10.82 14.34
CA HIS B 224 7.05 11.93 15.24
C HIS B 224 7.28 11.34 16.62
N THR B 225 8.54 11.36 17.07
CA THR B 225 8.92 10.75 18.34
C THR B 225 8.78 11.78 19.48
N GLY B 226 8.75 11.25 20.72
CA GLY B 226 8.65 12.06 21.93
C GLY B 226 9.99 12.29 22.65
N GLY B 227 11.08 11.71 22.13
CA GLY B 227 12.39 11.74 22.79
C GLY B 227 12.61 10.50 23.63
N ASN B 228 13.87 10.10 23.82
CA ASN B 228 14.24 8.90 24.64
C ASN B 228 15.14 9.32 25.81
N PRO B 229 14.58 9.36 27.02
CA PRO B 229 15.40 9.82 28.14
C PRO B 229 16.28 8.74 28.75
N ASP B 230 16.29 7.52 28.19
CA ASP B 230 17.03 6.42 28.79
C ASP B 230 18.20 5.99 27.93
N CYS B 231 18.97 6.94 27.45
CA CYS B 231 20.11 6.58 26.62
C CYS B 231 21.38 6.68 27.44
N HIS B 232 22.41 5.96 27.00
CA HIS B 232 23.71 6.01 27.64
C HIS B 232 24.86 5.63 26.65
N VAL B 233 26.08 5.87 27.10
CA VAL B 233 27.28 5.59 26.32
C VAL B 233 27.69 4.11 26.44
N ILE B 234 28.38 3.62 25.42
CA ILE B 234 29.03 2.33 25.47
C ILE B 234 30.50 2.49 25.05
N LEU B 235 31.39 2.07 25.95
CA LEU B 235 32.85 2.06 25.70
C LEU B 235 33.21 0.73 25.06
N ARG B 236 33.53 0.76 23.77
CA ARG B 236 33.90 -0.45 23.00
C ARG B 236 35.28 -0.34 22.36
N GLY B 237 36.08 0.62 22.83
CA GLY B 237 37.46 0.79 22.37
C GLY B 237 37.61 1.58 21.06
N GLY B 238 38.86 1.77 20.65
CA GLY B 238 39.16 2.55 19.46
C GLY B 238 40.43 2.10 18.81
N LYS B 239 41.35 3.04 18.58
CA LYS B 239 42.72 2.70 18.18
C LYS B 239 43.36 1.91 19.33
N GLU B 240 43.14 2.36 20.56
CA GLU B 240 43.45 1.60 21.78
C GLU B 240 42.19 1.38 22.63
N PRO B 241 42.23 0.39 23.54
CA PRO B 241 41.07 0.07 24.39
C PRO B 241 40.78 1.15 25.41
N ASN B 242 39.50 1.27 25.76
CA ASN B 242 39.02 2.32 26.66
C ASN B 242 38.14 1.82 27.82
N TYR B 243 38.50 0.66 28.37
CA TYR B 243 37.73 0.06 29.48
C TYR B 243 38.21 0.45 30.88
N ASP B 244 39.45 0.94 31.01
CA ASP B 244 40.04 1.11 32.36
C ASP B 244 39.54 2.35 33.10
N ALA B 245 39.90 2.44 34.39
CA ALA B 245 39.42 3.50 35.27
C ALA B 245 39.70 4.91 34.77
N GLU B 246 40.82 5.07 34.07
CA GLU B 246 41.22 6.37 33.57
C GLU B 246 40.29 6.79 32.46
N HIS B 247 40.00 5.85 31.56
CA HIS B 247 39.07 6.10 30.46
C HIS B 247 37.61 6.21 30.95
N VAL B 248 37.28 5.48 32.00
CA VAL B 248 35.94 5.57 32.59
C VAL B 248 35.74 6.93 33.26
N SER B 249 36.78 7.38 33.98
CA SER B 249 36.74 8.64 34.70
C SER B 249 36.66 9.84 33.74
N GLU B 250 37.36 9.74 32.64
CA GLU B 250 37.41 10.80 31.65
C GLU B 250 36.10 10.89 30.87
N ALA B 251 35.51 9.73 30.61
CA ALA B 251 34.20 9.66 29.97
C ALA B 251 33.14 10.24 30.89
N ALA B 252 33.15 9.81 32.13
CA ALA B 252 32.22 10.31 33.11
C ALA B 252 32.23 11.84 33.18
N GLU B 253 33.43 12.44 33.17
CA GLU B 253 33.58 13.92 33.23
C GLU B 253 32.95 14.65 32.05
N GLN B 254 33.24 14.16 30.84
CA GLN B 254 32.67 14.71 29.60
C GLN B 254 31.18 14.51 29.54
N LEU B 255 30.70 13.42 30.13
CA LEU B 255 29.27 13.19 30.23
C LEU B 255 28.57 14.22 31.11
N ARG B 256 29.11 14.44 32.30
CA ARG B 256 28.57 15.43 33.23
C ARG B 256 28.60 16.83 32.63
N ALA B 257 29.75 17.20 32.07
CA ALA B 257 29.91 18.49 31.37
C ALA B 257 28.87 18.70 30.28
N ALA B 258 28.52 17.65 29.54
CA ALA B 258 27.42 17.73 28.57
C ALA B 258 26.02 17.69 29.19
N GLY B 259 25.89 17.49 30.50
CA GLY B 259 24.58 17.47 31.16
C GLY B 259 23.74 16.25 30.80
N VAL B 260 24.42 15.10 30.63
CA VAL B 260 23.76 13.81 30.43
C VAL B 260 24.34 12.83 31.42
N THR B 261 23.70 11.67 31.48
CA THR B 261 24.03 10.64 32.48
C THR B 261 25.49 10.22 32.37
N ASP B 262 26.18 10.32 33.51
CA ASP B 262 27.55 9.82 33.63
C ASP B 262 27.63 8.34 34.00
N LYS B 263 26.52 7.60 33.87
CA LYS B 263 26.53 6.13 33.97
C LYS B 263 26.66 5.48 32.60
N LEU B 264 27.62 4.57 32.46
CA LEU B 264 27.94 4.00 31.17
C LEU B 264 28.16 2.50 31.19
N MET B 265 28.28 1.93 29.99
CA MET B 265 28.43 0.48 29.77
C MET B 265 29.76 0.19 29.06
N ILE B 266 30.36 -0.96 29.39
CA ILE B 266 31.63 -1.30 28.79
C ILE B 266 31.53 -2.62 28.06
N ASP B 267 31.69 -2.56 26.74
CA ASP B 267 31.85 -3.75 25.90
C ASP B 267 33.21 -4.39 26.23
N CYS B 268 33.16 -5.68 26.53
CA CYS B 268 34.35 -6.46 26.78
C CYS B 268 34.97 -6.97 25.49
N SER B 269 34.15 -7.03 24.44
CA SER B 269 34.55 -7.59 23.14
C SER B 269 34.96 -6.50 22.13
N HIS B 270 34.97 -6.91 20.86
CA HIS B 270 35.37 -6.07 19.73
C HIS B 270 36.75 -5.39 19.98
N ALA B 271 36.85 -4.07 19.95
CA ALA B 271 38.16 -3.40 20.04
C ALA B 271 38.70 -3.25 21.45
N ASN B 272 37.86 -3.51 22.46
CA ASN B 272 38.34 -3.56 23.84
C ASN B 272 39.04 -4.88 24.16
N SER B 273 38.79 -5.90 23.34
CA SER B 273 39.48 -7.18 23.47
C SER B 273 40.60 -7.28 22.44
N ARG B 274 40.61 -6.35 21.47
CA ARG B 274 41.52 -6.38 20.31
C ARG B 274 41.16 -7.53 19.36
N LYS B 275 39.84 -7.75 19.20
CA LYS B 275 39.29 -8.78 18.29
C LYS B 275 39.81 -10.18 18.61
N ASP B 276 40.01 -10.42 19.91
CA ASP B 276 40.55 -11.66 20.43
C ASP B 276 39.64 -12.04 21.61
N TYR B 277 38.80 -13.05 21.39
CA TYR B 277 37.80 -13.44 22.36
C TYR B 277 38.39 -13.89 23.69
N THR B 278 39.65 -14.31 23.68
CA THR B 278 40.32 -14.77 24.90
C THR B 278 40.68 -13.64 25.85
N ARG B 279 40.57 -12.39 25.40
CA ARG B 279 40.84 -11.21 26.24
C ARG B 279 39.58 -10.54 26.84
N GLN B 280 38.39 -11.05 26.53
CA GLN B 280 37.17 -10.55 27.20
C GLN B 280 37.26 -10.78 28.70
N MET B 281 37.85 -11.89 29.10
CA MET B 281 38.02 -12.15 30.51
C MET B 281 38.91 -11.07 31.17
N GLU B 282 40.00 -10.71 30.50
CA GLU B 282 40.85 -9.60 30.98
C GLU B 282 40.07 -8.34 31.25
N VAL B 283 39.24 -7.96 30.29
CA VAL B 283 38.47 -6.72 30.41
C VAL B 283 37.52 -6.85 31.59
N ALA B 284 36.82 -7.98 31.70
CA ALA B 284 35.88 -8.17 32.78
C ALA B 284 36.61 -8.17 34.12
N GLN B 285 37.84 -8.66 34.15
CA GLN B 285 38.63 -8.62 35.38
C GLN B 285 38.99 -7.17 35.78
N ASP B 286 39.39 -6.35 34.82
CA ASP B 286 39.64 -4.94 35.11
C ASP B 286 38.34 -4.25 35.58
N ILE B 287 37.23 -4.59 34.95
CA ILE B 287 35.93 -4.06 35.37
C ILE B 287 35.59 -4.51 36.79
N ALA B 288 35.91 -5.76 37.12
CA ALA B 288 35.71 -6.28 38.46
C ALA B 288 36.55 -5.51 39.48
N ALA B 289 37.80 -5.21 39.14
CA ALA B 289 38.69 -4.44 40.02
C ALA B 289 38.11 -3.06 40.31
N GLN B 290 37.63 -2.37 39.26
CA GLN B 290 37.02 -1.06 39.45
C GLN B 290 35.81 -1.13 40.39
N LEU B 291 34.91 -2.10 40.17
CA LEU B 291 33.70 -2.22 41.00
C LEU B 291 34.03 -2.39 42.48
N GLU B 292 35.01 -3.24 42.77
CA GLU B 292 35.48 -3.49 44.13
C GLU B 292 36.09 -2.22 44.74
N GLN B 293 36.77 -1.43 43.90
CA GLN B 293 37.37 -0.17 44.37
C GLN B 293 36.31 0.93 44.53
N ASP B 294 35.76 1.39 43.41
CA ASP B 294 34.70 2.40 43.38
C ASP B 294 33.72 2.09 42.22
N GLY B 295 34.17 2.31 40.99
CA GLY B 295 33.37 2.06 39.79
C GLY B 295 31.98 2.65 39.82
N GLY B 296 31.86 3.87 40.38
CA GLY B 296 30.58 4.58 40.48
C GLY B 296 29.86 4.80 39.17
N ASN B 297 30.64 4.98 38.11
CA ASN B 297 30.11 5.33 36.80
C ASN B 297 29.75 4.14 35.87
N ILE B 298 29.97 2.91 36.31
CA ILE B 298 29.61 1.74 35.51
C ILE B 298 28.19 1.24 35.81
N MET B 299 27.36 1.13 34.77
CA MET B 299 26.01 0.54 34.90
C MET B 299 25.81 -0.76 34.13
N GLY B 300 26.78 -1.15 33.30
CA GLY B 300 26.60 -2.33 32.49
C GLY B 300 27.85 -2.84 31.80
N VAL B 301 27.80 -4.11 31.41
CA VAL B 301 28.80 -4.68 30.54
C VAL B 301 28.17 -5.51 29.40
N MET B 302 28.95 -5.65 28.33
CA MET B 302 28.54 -6.39 27.17
C MET B 302 29.58 -7.47 26.90
N VAL B 303 29.12 -8.65 26.50
CA VAL B 303 29.97 -9.84 26.44
C VAL B 303 29.51 -10.74 25.32
N GLU B 304 30.44 -11.11 24.44
CA GLU B 304 30.12 -11.98 23.30
C GLU B 304 30.41 -13.41 23.72
N SER B 305 29.39 -14.26 23.63
CA SER B 305 29.36 -15.56 24.29
C SER B 305 28.46 -16.56 23.57
N HIS B 306 28.89 -17.81 23.48
CA HIS B 306 28.11 -18.86 22.83
C HIS B 306 28.38 -20.18 23.53
N LEU B 307 27.70 -21.25 23.13
CA LEU B 307 27.87 -22.54 23.78
C LEU B 307 29.33 -22.96 23.62
N VAL B 308 29.76 -22.93 22.36
CA VAL B 308 31.10 -23.28 21.95
C VAL B 308 31.88 -21.99 21.70
N GLU B 309 33.14 -21.97 22.15
CA GLU B 309 34.02 -20.81 21.96
C GLU B 309 34.52 -20.74 20.50
N GLY B 310 34.94 -19.56 20.07
CA GLY B 310 35.55 -19.37 18.74
C GLY B 310 34.65 -18.86 17.63
N ARG B 311 35.17 -18.93 16.41
CA ARG B 311 34.49 -18.56 15.16
C ARG B 311 34.67 -19.68 14.14
N GLN B 312 33.76 -19.76 13.17
CA GLN B 312 33.88 -20.68 12.04
C GLN B 312 33.30 -19.98 10.82
N ASP B 313 33.76 -20.30 9.62
CA ASP B 313 33.26 -19.60 8.42
C ASP B 313 31.95 -20.21 7.95
N LYS B 314 31.86 -21.53 7.99
CA LYS B 314 30.60 -22.26 7.72
C LYS B 314 29.96 -22.65 9.06
N PRO B 315 28.61 -22.72 9.12
CA PRO B 315 27.89 -23.15 10.33
C PRO B 315 27.97 -24.66 10.59
N GLU B 316 29.18 -25.21 10.66
CA GLU B 316 29.37 -26.66 10.79
C GLU B 316 29.04 -27.12 12.20
N VAL B 317 29.73 -26.52 13.16
CA VAL B 317 29.59 -26.85 14.57
C VAL B 317 28.37 -26.16 15.19
N TYR B 318 27.54 -26.94 15.86
CA TYR B 318 26.40 -26.40 16.63
C TYR B 318 26.91 -25.42 17.67
N GLY B 319 26.25 -24.27 17.73
CA GLY B 319 26.51 -23.30 18.79
C GLY B 319 27.83 -22.58 18.71
N LYS B 320 28.41 -22.53 17.51
CA LYS B 320 29.64 -21.77 17.27
C LYS B 320 29.33 -20.59 16.33
N SER B 321 29.78 -19.40 16.70
CA SER B 321 29.57 -18.20 15.88
C SER B 321 30.18 -18.32 14.49
N ILE B 322 29.52 -17.66 13.54
CA ILE B 322 30.04 -17.50 12.17
C ILE B 322 30.35 -16.03 11.85
N THR B 323 30.21 -15.17 12.86
CA THR B 323 30.53 -13.76 12.78
C THR B 323 31.73 -13.56 13.68
N ASP B 324 31.70 -12.64 14.65
CA ASP B 324 32.85 -12.52 15.56
C ASP B 324 33.01 -13.73 16.50
N ALA B 325 34.27 -13.98 16.89
CA ALA B 325 34.63 -15.04 17.83
C ALA B 325 34.06 -14.71 19.22
N CYS B 326 33.53 -15.73 19.91
CA CYS B 326 32.92 -15.58 21.24
C CYS B 326 33.58 -16.50 22.24
N ILE B 327 33.50 -16.13 23.52
CA ILE B 327 33.87 -17.04 24.59
C ILE B 327 32.82 -18.13 24.63
N GLY B 328 33.20 -19.27 25.19
CA GLY B 328 32.31 -20.44 25.32
C GLY B 328 31.59 -20.42 26.64
N TRP B 329 30.85 -21.50 26.91
CA TRP B 329 29.94 -21.47 28.05
C TRP B 329 30.67 -21.42 29.37
N GLY B 330 31.77 -22.15 29.48
CA GLY B 330 32.51 -22.24 30.73
C GLY B 330 33.08 -20.89 31.10
N ALA B 331 33.66 -20.23 30.11
CA ALA B 331 34.22 -18.90 30.31
C ALA B 331 33.12 -17.91 30.67
N THR B 332 31.92 -18.15 30.13
CA THR B 332 30.73 -17.41 30.53
C THR B 332 30.34 -17.60 32.01
N GLU B 333 30.37 -18.82 32.52
CA GLU B 333 30.16 -19.06 33.95
C GLU B 333 31.16 -18.31 34.82
N GLU B 334 32.43 -18.32 34.41
CA GLU B 334 33.50 -17.64 35.16
C GLU B 334 33.34 -16.12 35.16
N LEU B 335 33.24 -15.56 33.96
CA LEU B 335 33.06 -14.14 33.80
C LEU B 335 31.82 -13.67 34.60
N LEU B 336 30.66 -14.25 34.38
CA LEU B 336 29.45 -13.82 35.11
C LEU B 336 29.65 -13.91 36.61
N ALA B 337 30.25 -14.99 37.09
CA ALA B 337 30.48 -15.20 38.52
C ALA B 337 31.38 -14.09 39.06
N LEU B 338 32.46 -13.84 38.32
CA LEU B 338 33.41 -12.80 38.65
C LEU B 338 32.72 -11.46 38.80
N LEU B 339 31.87 -11.11 37.86
CA LEU B 339 31.15 -9.82 37.90
C LEU B 339 30.13 -9.77 39.05
N ALA B 340 29.43 -10.88 39.29
CA ALA B 340 28.40 -10.93 40.35
C ALA B 340 29.00 -10.72 41.74
N GLY B 341 30.18 -11.28 41.95
CA GLY B 341 30.81 -11.24 43.25
C GLY B 341 31.39 -9.87 43.52
N ALA B 342 32.05 -9.35 42.50
CA ALA B 342 32.58 -8.00 42.55
C ALA B 342 31.45 -7.00 42.80
N ASN B 343 30.33 -7.17 42.13
CA ASN B 343 29.27 -6.18 42.27
C ASN B 343 28.44 -6.34 43.52
N LYS B 344 28.47 -7.53 44.11
CA LYS B 344 27.88 -7.75 45.44
C LYS B 344 28.55 -6.82 46.44
N LYS B 345 29.88 -6.76 46.37
CA LYS B 345 30.69 -5.86 47.22
C LYS B 345 30.39 -4.38 46.98
N ARG B 346 30.26 -3.96 45.72
CA ARG B 346 30.00 -2.56 45.41
C ARG B 346 28.63 -2.14 45.95
N MET B 347 27.61 -2.95 45.66
CA MET B 347 26.25 -2.70 46.14
C MET B 347 26.17 -2.71 47.66
N ALA B 348 26.98 -3.57 48.28
CA ALA B 348 27.03 -3.67 49.75
C ALA B 348 27.54 -2.40 50.46
N ARG B 349 28.38 -1.61 49.77
CA ARG B 349 28.75 -0.29 50.26
C ARG B 349 27.56 0.63 50.08
N HIS C 4 5.04 -26.47 -10.54
CA HIS C 4 3.66 -25.94 -10.47
C HIS C 4 3.12 -25.59 -11.83
N TYR C 5 1.84 -25.89 -12.07
CA TYR C 5 1.11 -25.23 -13.14
C TYR C 5 0.64 -23.89 -12.60
N PRO C 6 0.39 -22.91 -13.49
CA PRO C 6 -0.13 -21.63 -13.02
C PRO C 6 -1.64 -21.66 -12.82
N THR C 7 -2.09 -20.89 -11.84
CA THR C 7 -3.51 -20.75 -11.54
C THR C 7 -3.91 -19.31 -11.28
N ASP C 8 -2.93 -18.43 -11.10
CA ASP C 8 -3.15 -17.04 -10.70
C ASP C 8 -3.07 -16.09 -11.91
N ASP C 9 -4.07 -15.21 -12.01
CA ASP C 9 -4.10 -14.16 -13.03
C ASP C 9 -3.98 -14.67 -14.47
N ILE C 10 -4.58 -15.82 -14.77
CA ILE C 10 -4.40 -16.44 -16.09
C ILE C 10 -4.93 -15.55 -17.23
N LYS C 11 -5.98 -14.79 -16.99
CA LYS C 11 -6.63 -14.01 -18.04
C LYS C 11 -6.54 -12.50 -17.78
N ILE C 12 -5.41 -12.08 -17.23
CA ILE C 12 -5.15 -10.69 -16.86
C ILE C 12 -3.97 -10.18 -17.68
N LYS C 13 -4.13 -9.04 -18.34
CA LYS C 13 -3.07 -8.47 -19.15
C LYS C 13 -2.17 -7.61 -18.28
N GLU C 14 -2.78 -6.88 -17.35
CA GLU C 14 -2.01 -6.23 -16.27
C GLU C 14 -2.90 -5.72 -15.15
N VAL C 15 -2.27 -5.58 -13.99
CA VAL C 15 -2.84 -4.93 -12.82
C VAL C 15 -1.88 -3.76 -12.53
N LYS C 16 -2.36 -2.53 -12.66
CA LYS C 16 -1.51 -1.36 -12.39
C LYS C 16 -2.03 -0.58 -11.18
N GLU C 17 -1.14 0.00 -10.41
CA GLU C 17 -1.53 0.80 -9.29
C GLU C 17 -2.14 2.14 -9.62
N LEU C 18 -3.11 2.52 -8.81
CA LEU C 18 -3.83 3.76 -8.99
C LEU C 18 -3.42 4.69 -7.90
N LEU C 19 -3.43 5.97 -8.17
CA LEU C 19 -3.26 6.89 -7.10
C LEU C 19 -4.40 6.69 -6.11
N PRO C 20 -4.07 6.65 -4.81
CA PRO C 20 -5.09 6.48 -3.79
C PRO C 20 -5.99 7.71 -3.72
N PRO C 21 -7.21 7.58 -3.16
CA PRO C 21 -8.06 8.73 -3.04
C PRO C 21 -7.38 9.91 -2.41
N ILE C 22 -6.60 9.70 -1.35
CA ILE C 22 -5.93 10.84 -0.69
C ILE C 22 -5.09 11.73 -1.60
N ALA C 23 -4.55 11.18 -2.69
CA ALA C 23 -3.67 11.95 -3.55
C ALA C 23 -4.50 13.05 -4.27
N HIS C 24 -5.68 12.65 -4.72
CA HIS C 24 -6.67 13.52 -5.32
C HIS C 24 -7.32 14.49 -4.31
N LEU C 25 -7.61 14.02 -3.10
CA LEU C 25 -8.14 14.89 -2.04
C LEU C 25 -7.10 15.86 -1.51
N TYR C 26 -5.83 15.57 -1.76
CA TYR C 26 -4.75 16.47 -1.41
C TYR C 26 -4.73 17.64 -2.37
N GLU C 27 -4.80 17.32 -3.67
CA GLU C 27 -4.78 18.33 -4.73
C GLU C 27 -6.07 19.12 -4.80
N LEU C 28 -7.19 18.46 -4.56
CA LEU C 28 -8.49 19.08 -4.69
C LEU C 28 -9.29 18.95 -3.43
N PRO C 29 -8.85 19.58 -2.34
CA PRO C 29 -9.63 19.45 -1.09
C PRO C 29 -10.98 20.13 -1.25
N ILE C 30 -12.02 19.53 -0.69
CA ILE C 30 -13.30 20.20 -0.74
C ILE C 30 -13.24 21.56 -0.05
N SER C 31 -13.80 22.58 -0.69
CA SER C 31 -13.86 23.93 -0.13
C SER C 31 -15.00 24.12 0.88
N LYS C 32 -14.86 25.17 1.68
CA LYS C 32 -15.89 25.52 2.68
C LYS C 32 -17.30 25.57 2.04
N GLU C 33 -17.42 26.35 0.96
CA GLU C 33 -18.70 26.56 0.27
C GLU C 33 -19.19 25.32 -0.53
N ALA C 34 -18.27 24.45 -0.97
CA ALA C 34 -18.65 23.20 -1.63
C ALA C 34 -19.24 22.24 -0.58
N SER C 35 -18.54 22.15 0.55
CA SER C 35 -19.02 21.42 1.71
C SER C 35 -20.44 21.82 2.13
N GLY C 36 -20.66 23.14 2.15
CA GLY C 36 -21.92 23.71 2.62
C GLY C 36 -23.08 23.42 1.68
N LEU C 37 -22.77 23.47 0.39
CA LEU C 37 -23.71 23.17 -0.67
C LEU C 37 -24.05 21.67 -0.65
N VAL C 38 -23.04 20.81 -0.54
CA VAL C 38 -23.28 19.36 -0.48
C VAL C 38 -24.17 19.00 0.69
N HIS C 39 -23.83 19.47 1.88
CA HIS C 39 -24.58 19.15 3.09
C HIS C 39 -26.06 19.58 3.01
N ARG C 40 -26.22 20.86 2.68
CA ARG C 40 -27.51 21.49 2.51
C ARG C 40 -28.36 20.73 1.51
N THR C 41 -27.77 20.45 0.36
CA THR C 41 -28.52 19.83 -0.71
C THR C 41 -28.95 18.42 -0.34
N ARG C 42 -28.06 17.68 0.32
CA ARG C 42 -28.41 16.34 0.77
C ARG C 42 -29.59 16.41 1.72
N GLN C 43 -29.56 17.41 2.59
CA GLN C 43 -30.59 17.60 3.58
C GLN C 43 -31.91 17.99 2.91
N GLU C 44 -31.82 18.92 1.97
CA GLU C 44 -32.98 19.36 1.23
C GLU C 44 -33.61 18.19 0.49
N ILE C 45 -32.81 17.32 -0.08
CA ILE C 45 -33.35 16.17 -0.81
C ILE C 45 -34.01 15.16 0.15
N SER C 46 -33.35 14.91 1.27
CA SER C 46 -33.92 14.11 2.34
C SER C 46 -35.38 14.54 2.66
N ASP C 47 -35.61 15.85 2.73
CA ASP C 47 -36.90 16.38 3.10
C ASP C 47 -37.95 16.04 2.05
N LEU C 48 -37.49 15.88 0.82
CA LEU C 48 -38.39 15.54 -0.28
C LEU C 48 -38.68 14.06 -0.20
N VAL C 49 -37.66 13.26 0.00
CA VAL C 49 -37.83 11.82 0.15
C VAL C 49 -38.88 11.49 1.21
N HIS C 50 -38.90 12.28 2.28
CA HIS C 50 -39.67 11.95 3.47
C HIS C 50 -40.94 12.79 3.63
N GLY C 51 -41.27 13.60 2.62
CA GLY C 51 -42.53 14.33 2.57
C GLY C 51 -42.55 15.57 3.43
N ARG C 52 -41.36 16.05 3.80
CA ARG C 52 -41.23 17.24 4.62
C ARG C 52 -41.32 18.51 3.80
N ASP C 53 -41.08 18.41 2.50
CA ASP C 53 -41.08 19.57 1.62
C ASP C 53 -41.61 19.04 0.30
N LYS C 54 -42.46 19.85 -0.35
CA LYS C 54 -43.13 19.47 -1.59
C LYS C 54 -42.45 19.96 -2.86
N ARG C 55 -41.27 20.57 -2.75
CA ARG C 55 -40.46 20.91 -3.94
C ARG C 55 -40.19 19.65 -4.70
N LEU C 56 -40.03 19.77 -6.02
CA LEU C 56 -39.69 18.63 -6.88
C LEU C 56 -38.19 18.60 -7.14
N LEU C 57 -37.52 17.51 -6.74
CA LEU C 57 -36.14 17.28 -7.14
C LEU C 57 -36.07 17.11 -8.64
N VAL C 58 -35.19 17.87 -9.30
CA VAL C 58 -34.92 17.69 -10.72
C VAL C 58 -33.46 17.36 -10.96
N ILE C 59 -33.22 16.10 -11.30
CA ILE C 59 -31.91 15.61 -11.64
C ILE C 59 -31.82 15.68 -13.14
N ILE C 60 -31.07 16.67 -13.63
CA ILE C 60 -31.14 17.06 -15.03
C ILE C 60 -29.75 17.42 -15.53
N GLY C 61 -29.45 16.99 -16.76
CA GLY C 61 -28.15 17.24 -17.31
C GLY C 61 -27.83 16.21 -18.36
N PRO C 62 -26.59 16.22 -18.86
CA PRO C 62 -26.14 15.35 -19.93
C PRO C 62 -26.28 13.89 -19.58
N CYS C 63 -26.49 13.05 -20.60
CA CYS C 63 -26.46 11.62 -20.41
C CYS C 63 -25.12 11.25 -19.83
N SER C 64 -24.06 11.82 -20.39
CA SER C 64 -22.69 11.55 -19.91
C SER C 64 -21.83 12.78 -20.13
N ILE C 65 -20.88 12.99 -19.24
CA ILE C 65 -19.96 14.10 -19.38
C ILE C 65 -18.78 13.63 -20.23
N HIS C 66 -18.57 14.25 -21.38
CA HIS C 66 -17.36 13.94 -22.17
C HIS C 66 -16.46 15.14 -22.41
N ASP C 67 -16.88 16.31 -21.92
CA ASP C 67 -16.16 17.56 -22.16
C ASP C 67 -16.46 18.53 -21.01
N PRO C 68 -15.56 18.58 -20.01
CA PRO C 68 -15.71 19.45 -18.85
C PRO C 68 -16.07 20.88 -19.17
N LYS C 69 -15.50 21.47 -20.22
CA LYS C 69 -15.79 22.86 -20.55
C LYS C 69 -17.29 23.05 -20.88
N ALA C 70 -17.80 22.15 -21.69
CA ALA C 70 -19.22 22.10 -22.03
C ALA C 70 -20.07 21.95 -20.77
N ALA C 71 -19.67 21.02 -19.92
CA ALA C 71 -20.34 20.77 -18.67
C ALA C 71 -20.47 22.04 -17.84
N LEU C 72 -19.35 22.75 -17.70
CA LEU C 72 -19.30 24.04 -17.00
C LEU C 72 -20.18 25.11 -17.64
N GLU C 73 -20.23 25.18 -18.97
CA GLU C 73 -21.06 26.18 -19.64
C GLU C 73 -22.55 25.80 -19.44
N TYR C 74 -22.81 24.48 -19.43
CA TYR C 74 -24.14 23.98 -19.18
C TYR C 74 -24.54 24.38 -17.77
N ALA C 75 -23.62 24.21 -16.84
CA ALA C 75 -23.93 24.48 -15.44
C ALA C 75 -24.22 25.96 -15.20
N GLU C 76 -23.51 26.83 -15.91
CA GLU C 76 -23.73 28.29 -15.84
C GLU C 76 -25.16 28.68 -16.25
N ARG C 77 -25.68 28.06 -17.30
CA ARG C 77 -27.06 28.31 -17.72
C ARG C 77 -28.12 27.70 -16.78
N LEU C 78 -27.87 26.48 -16.32
CA LEU C 78 -28.80 25.80 -15.44
C LEU C 78 -28.86 26.51 -14.10
N LEU C 79 -27.70 27.00 -13.66
CA LEU C 79 -27.61 27.70 -12.38
C LEU C 79 -28.65 28.80 -12.27
N LYS C 80 -28.73 29.65 -13.30
CA LYS C 80 -29.77 30.68 -13.41
C LYS C 80 -31.17 30.14 -13.10
N LEU C 81 -31.57 29.11 -13.83
CA LEU C 81 -32.88 28.44 -13.60
C LEU C 81 -32.97 27.78 -12.20
N ARG C 82 -31.88 27.19 -11.72
CA ARG C 82 -31.91 26.63 -10.36
C ARG C 82 -32.36 27.72 -9.38
N LYS C 83 -31.82 28.91 -9.55
CA LYS C 83 -32.10 30.01 -8.67
C LYS C 83 -33.52 30.55 -8.94
N GLN C 84 -33.87 30.63 -10.21
CA GLN C 84 -35.14 31.20 -10.62
C GLN C 84 -36.31 30.43 -10.01
N TYR C 85 -36.14 29.11 -9.94
CA TYR C 85 -37.20 28.17 -9.55
C TYR C 85 -36.99 27.53 -8.17
N GLU C 86 -36.21 28.18 -7.32
CA GLU C 86 -35.80 27.59 -6.08
C GLU C 86 -36.98 27.38 -5.11
N ASN C 87 -38.07 28.10 -5.29
CA ASN C 87 -39.23 27.89 -4.41
C ASN C 87 -40.07 26.67 -4.85
N GLU C 88 -40.01 26.33 -6.15
CA GLU C 88 -40.76 25.21 -6.73
C GLU C 88 -39.96 23.93 -7.01
N LEU C 89 -38.67 24.06 -7.37
CA LEU C 89 -37.87 22.92 -7.83
C LEU C 89 -36.49 22.91 -7.21
N LEU C 90 -36.02 21.71 -6.87
CA LEU C 90 -34.66 21.54 -6.42
C LEU C 90 -33.87 21.01 -7.59
N ILE C 91 -33.20 21.90 -8.30
CA ILE C 91 -32.44 21.49 -9.46
C ILE C 91 -31.03 21.08 -9.10
N VAL C 92 -30.67 19.86 -9.48
CA VAL C 92 -29.34 19.32 -9.31
C VAL C 92 -28.86 18.75 -10.62
N MET C 93 -27.60 19.02 -10.99
CA MET C 93 -27.07 18.57 -12.29
C MET C 93 -26.72 17.08 -12.35
N ARG C 94 -26.92 16.48 -13.51
CA ARG C 94 -26.39 15.15 -13.81
C ARG C 94 -24.94 15.22 -14.15
N VAL C 95 -24.11 14.56 -13.38
CA VAL C 95 -22.70 14.41 -13.74
C VAL C 95 -22.35 12.92 -13.67
N TYR C 96 -22.79 12.19 -14.69
CA TYR C 96 -22.50 10.77 -14.84
C TYR C 96 -21.28 10.68 -15.77
N PHE C 97 -20.32 9.82 -15.47
CA PHE C 97 -19.12 9.75 -16.30
C PHE C 97 -19.12 8.64 -17.33
N ALA C 98 -20.11 7.77 -17.27
CA ALA C 98 -20.33 6.80 -18.35
C ALA C 98 -21.76 6.27 -18.35
N LYS C 99 -22.15 5.66 -19.47
CA LYS C 99 -23.33 4.82 -19.53
C LYS C 99 -22.90 3.40 -19.10
N PRO C 100 -23.76 2.71 -18.33
CA PRO C 100 -23.52 1.28 -18.15
C PRO C 100 -23.84 0.52 -19.45
N ARG C 101 -22.80 0.33 -20.28
CA ARG C 101 -22.93 -0.31 -21.59
C ARG C 101 -23.15 -1.81 -21.44
N THR C 103 -22.86 -2.59 -26.57
CA THR C 103 -22.02 -2.41 -25.41
C THR C 103 -20.52 -2.42 -25.77
N VAL C 104 -20.20 -1.93 -26.97
CA VAL C 104 -18.80 -1.68 -27.31
C VAL C 104 -18.65 -0.29 -27.89
N GLY C 105 -17.70 0.46 -27.36
CA GLY C 105 -17.50 1.87 -27.69
C GLY C 105 -16.94 2.60 -26.47
N TRP C 106 -16.94 3.93 -26.53
CA TRP C 106 -16.38 4.78 -25.47
C TRP C 106 -16.78 4.34 -24.06
N LYS C 107 -15.81 4.00 -23.22
CA LYS C 107 -16.09 3.47 -21.89
C LYS C 107 -16.17 4.55 -20.79
N GLY C 108 -16.35 5.82 -21.18
CA GLY C 108 -16.61 6.90 -20.23
C GLY C 108 -15.44 7.84 -19.95
N LEU C 109 -15.67 8.85 -19.13
CA LEU C 109 -14.67 9.89 -18.90
C LEU C 109 -13.66 9.50 -17.85
N ILE C 110 -14.07 8.68 -16.88
CA ILE C 110 -13.16 8.11 -15.92
C ILE C 110 -12.19 7.12 -16.59
N ASN C 111 -12.72 6.13 -17.29
CA ASN C 111 -11.87 5.12 -17.93
C ASN C 111 -11.07 5.69 -19.08
N ASP C 112 -11.74 6.45 -19.94
CA ASP C 112 -11.16 6.96 -21.17
C ASP C 112 -11.33 8.48 -21.30
N PRO C 113 -10.67 9.25 -20.42
CA PRO C 113 -10.78 10.71 -20.45
C PRO C 113 -10.23 11.38 -21.70
N HIS C 114 -9.26 10.76 -22.38
CA HIS C 114 -8.70 11.35 -23.63
C HIS C 114 -9.57 11.05 -24.87
N LEU C 115 -10.52 10.12 -24.75
CA LEU C 115 -11.46 9.78 -25.84
C LEU C 115 -10.73 9.21 -27.06
N ASP C 116 -9.65 8.47 -26.80
CA ASP C 116 -8.85 7.85 -27.85
C ASP C 116 -8.51 6.39 -27.56
N GLY C 117 -9.03 5.85 -26.46
CA GLY C 117 -8.80 4.46 -26.06
C GLY C 117 -7.64 4.14 -25.12
N THR C 118 -6.97 5.15 -24.55
CA THR C 118 -5.73 4.90 -23.77
C THR C 118 -5.94 4.35 -22.34
N PHE C 119 -7.10 4.59 -21.76
CA PHE C 119 -7.39 4.19 -20.38
C PHE C 119 -6.45 4.83 -19.35
N ASP C 120 -6.51 6.15 -19.27
CA ASP C 120 -5.73 6.89 -18.29
C ASP C 120 -6.68 7.22 -17.13
N ILE C 121 -6.79 6.28 -16.19
CA ILE C 121 -7.79 6.35 -15.12
C ILE C 121 -7.39 7.29 -13.99
N ASN C 122 -6.09 7.36 -13.70
CA ASN C 122 -5.57 8.39 -12.82
C ASN C 122 -6.05 9.76 -13.28
N PHE C 123 -5.85 10.07 -14.56
CA PHE C 123 -6.30 11.34 -15.13
C PHE C 123 -7.83 11.51 -15.11
N GLY C 124 -8.58 10.47 -15.46
CA GLY C 124 -10.02 10.57 -15.51
C GLY C 124 -10.61 10.92 -14.14
N LEU C 125 -10.13 10.20 -13.13
CA LEU C 125 -10.53 10.37 -11.77
C LEU C 125 -10.19 11.78 -11.23
N ARG C 126 -9.04 12.31 -11.62
CA ARG C 126 -8.67 13.67 -11.27
C ARG C 126 -9.60 14.67 -11.96
N GLN C 127 -9.83 14.45 -13.25
CA GLN C 127 -10.73 15.31 -14.04
C GLN C 127 -12.16 15.30 -13.49
N ALA C 128 -12.62 14.13 -13.08
CA ALA C 128 -13.97 14.02 -12.59
C ALA C 128 -14.09 14.75 -11.23
N ARG C 129 -13.14 14.50 -10.32
CA ARG C 129 -13.11 15.27 -9.08
C ARG C 129 -13.00 16.77 -9.37
N SER C 130 -12.10 17.15 -10.30
CA SER C 130 -11.93 18.57 -10.63
C SER C 130 -13.23 19.23 -11.06
N LEU C 131 -13.93 18.57 -11.96
CA LEU C 131 -15.20 19.10 -12.43
C LEU C 131 -16.23 19.21 -11.30
N LEU C 132 -16.32 18.18 -10.46
CA LEU C 132 -17.32 18.17 -9.41
C LEU C 132 -17.01 19.27 -8.40
N LEU C 133 -15.74 19.57 -8.22
CA LEU C 133 -15.36 20.64 -7.28
C LEU C 133 -15.73 22.02 -7.86
N SER C 134 -15.41 22.22 -9.14
CA SER C 134 -15.75 23.48 -9.79
C SER C 134 -17.24 23.73 -9.84
N LEU C 135 -18.02 22.69 -10.05
CA LEU C 135 -19.48 22.81 -10.13
C LEU C 135 -20.07 23.22 -8.81
N ASN C 136 -19.66 22.51 -7.77
CA ASN C 136 -20.06 22.86 -6.42
C ASN C 136 -19.61 24.28 -6.02
N ASN C 137 -18.37 24.63 -6.30
CA ASN C 137 -17.88 25.99 -6.00
C ASN C 137 -18.70 27.10 -6.68
N MET C 138 -19.33 26.81 -7.81
CA MET C 138 -20.11 27.84 -8.51
C MET C 138 -21.56 27.95 -8.02
N GLY C 139 -21.97 27.02 -7.15
CA GLY C 139 -23.32 26.99 -6.60
C GLY C 139 -24.23 25.96 -7.24
N MET C 140 -23.68 25.07 -8.07
CA MET C 140 -24.46 23.97 -8.68
C MET C 140 -24.08 22.64 -8.02
N PRO C 141 -25.05 21.99 -7.35
CA PRO C 141 -24.79 20.66 -6.80
C PRO C 141 -24.79 19.60 -7.90
N ALA C 142 -24.30 18.41 -7.56
CA ALA C 142 -24.05 17.38 -8.56
C ALA C 142 -24.61 16.02 -8.13
N SER C 143 -24.95 15.22 -9.14
CA SER C 143 -25.41 13.88 -8.93
C SER C 143 -24.70 12.90 -9.89
N THR C 144 -24.63 11.61 -9.52
CA THR C 144 -23.92 10.68 -10.35
C THR C 144 -24.42 9.29 -10.10
N GLU C 145 -23.97 8.35 -10.93
CA GLU C 145 -24.22 6.94 -10.68
C GLU C 145 -22.90 6.33 -10.21
N PHE C 146 -22.92 5.58 -9.12
CA PHE C 146 -21.77 4.80 -8.73
C PHE C 146 -21.91 3.35 -9.25
N LEU C 147 -21.01 2.95 -10.14
CA LEU C 147 -21.03 1.62 -10.71
C LEU C 147 -20.26 0.61 -9.88
N ASP C 148 -19.27 1.08 -9.12
CA ASP C 148 -18.43 0.19 -8.35
C ASP C 148 -18.23 0.70 -6.91
N MET C 149 -17.54 -0.10 -6.11
CA MET C 149 -17.43 0.12 -4.68
C MET C 149 -16.19 0.94 -4.31
N ILE C 150 -15.34 1.20 -5.29
CA ILE C 150 -14.08 1.88 -5.04
C ILE C 150 -14.11 3.36 -5.52
N THR C 151 -14.79 3.63 -6.61
CA THR C 151 -14.82 5.02 -7.10
C THR C 151 -15.43 6.02 -6.10
N PRO C 152 -16.45 5.63 -5.31
CA PRO C 152 -17.01 6.63 -4.42
C PRO C 152 -16.00 7.28 -3.45
N GLN C 153 -14.91 6.56 -3.14
CA GLN C 153 -13.86 7.13 -2.27
C GLN C 153 -13.13 8.28 -2.90
N TYR C 154 -13.27 8.42 -4.21
CA TYR C 154 -12.55 9.45 -4.94
C TYR C 154 -13.29 10.78 -5.00
N TYR C 155 -14.62 10.73 -5.00
CA TYR C 155 -15.41 11.93 -5.16
C TYR C 155 -16.85 11.95 -4.63
N ALA C 156 -17.25 11.00 -3.80
CA ALA C 156 -18.60 11.01 -3.22
C ALA C 156 -18.85 12.17 -2.27
N ASP C 157 -17.80 12.80 -1.79
CA ASP C 157 -17.92 13.92 -0.86
C ASP C 157 -18.45 15.14 -1.58
N LEU C 158 -18.40 15.08 -2.92
CA LEU C 158 -18.87 16.14 -3.78
C LEU C 158 -20.26 15.85 -4.38
N ILE C 159 -20.88 14.74 -4.00
CA ILE C 159 -22.15 14.31 -4.61
C ILE C 159 -23.34 14.52 -3.68
N SER C 160 -24.36 15.21 -4.15
CA SER C 160 -25.55 15.49 -3.36
C SER C 160 -26.64 14.44 -3.47
N TRP C 161 -26.55 13.62 -4.53
CA TRP C 161 -27.52 12.57 -4.83
C TRP C 161 -26.86 11.58 -5.74
N GLY C 162 -26.99 10.29 -5.41
CA GLY C 162 -26.49 9.20 -6.23
C GLY C 162 -27.56 8.21 -6.71
N ALA C 163 -27.23 7.53 -7.81
CA ALA C 163 -28.10 6.50 -8.37
C ALA C 163 -27.47 5.12 -8.41
N ILE C 164 -28.32 4.13 -8.21
CA ILE C 164 -27.97 2.76 -8.53
C ILE C 164 -28.92 2.42 -9.66
N GLY C 165 -28.31 2.13 -10.82
CA GLY C 165 -29.04 1.87 -12.06
C GLY C 165 -29.79 0.55 -12.09
N ALA C 166 -30.57 0.37 -13.16
CA ALA C 166 -31.42 -0.78 -13.32
C ALA C 166 -30.66 -2.09 -13.27
N ARG C 167 -29.44 -2.11 -13.79
CA ARG C 167 -28.68 -3.35 -13.92
C ARG C 167 -27.93 -3.76 -12.64
N THR C 168 -27.88 -2.86 -11.65
CA THR C 168 -27.23 -3.13 -10.36
C THR C 168 -28.15 -3.05 -9.13
N THR C 169 -29.35 -2.49 -9.30
CA THR C 169 -30.30 -2.37 -8.19
C THR C 169 -30.48 -3.67 -7.41
N GLU C 170 -30.43 -4.82 -8.10
CA GLU C 170 -30.62 -6.14 -7.41
C GLU C 170 -29.33 -6.71 -6.83
N SER C 171 -28.19 -6.11 -7.17
CA SER C 171 -26.88 -6.59 -6.73
C SER C 171 -26.71 -6.29 -5.24
N GLN C 172 -26.29 -7.32 -4.50
CA GLN C 172 -26.18 -7.25 -3.04
C GLN C 172 -25.07 -6.26 -2.66
N VAL C 173 -23.91 -6.29 -3.32
CA VAL C 173 -22.85 -5.32 -3.03
C VAL C 173 -23.23 -3.88 -3.35
N HIS C 174 -24.07 -3.69 -4.33
CA HIS C 174 -24.41 -2.30 -4.66
C HIS C 174 -25.40 -1.81 -3.63
N ARG C 175 -26.15 -2.74 -3.00
CA ARG C 175 -27.11 -2.35 -1.98
C ARG C 175 -26.38 -2.07 -0.70
N GLU C 176 -25.30 -2.80 -0.47
CA GLU C 176 -24.49 -2.58 0.71
C GLU C 176 -23.75 -1.25 0.56
N LEU C 177 -23.29 -0.98 -0.65
CA LEU C 177 -22.69 0.34 -0.97
C LEU C 177 -23.64 1.46 -0.62
N ALA C 178 -24.84 1.39 -1.17
CA ALA C 178 -25.81 2.44 -0.99
C ALA C 178 -26.12 2.69 0.50
N SER C 179 -26.09 1.62 1.30
CA SER C 179 -26.27 1.68 2.74
C SER C 179 -25.23 2.52 3.48
N GLY C 180 -24.08 2.76 2.82
CA GLY C 180 -22.99 3.59 3.34
C GLY C 180 -22.70 4.90 2.59
N LEU C 181 -23.46 5.20 1.56
CA LEU C 181 -23.28 6.47 0.84
C LEU C 181 -23.87 7.64 1.63
N SER C 182 -23.06 8.66 1.79
CA SER C 182 -23.46 9.89 2.47
C SER C 182 -24.66 10.66 1.86
N CYS C 183 -24.89 10.48 0.57
CA CYS C 183 -26.00 11.15 -0.10
C CYS C 183 -27.25 10.29 -0.08
N PRO C 184 -28.43 10.88 -0.38
CA PRO C 184 -29.62 10.08 -0.64
C PRO C 184 -29.42 9.34 -1.93
N VAL C 185 -30.09 8.21 -2.07
CA VAL C 185 -29.86 7.35 -3.21
C VAL C 185 -31.16 6.92 -3.84
N GLY C 186 -31.18 6.97 -5.16
CA GLY C 186 -32.29 6.47 -5.94
C GLY C 186 -31.95 5.13 -6.58
N PHE C 187 -32.91 4.22 -6.45
CA PHE C 187 -32.76 2.89 -6.95
C PHE C 187 -33.66 2.72 -8.15
N LYS C 188 -33.08 2.54 -9.33
CA LYS C 188 -33.89 2.28 -10.52
C LYS C 188 -34.52 0.91 -10.54
N ASN C 189 -35.71 0.81 -11.12
CA ASN C 189 -36.36 -0.46 -11.33
C ASN C 189 -35.65 -1.23 -12.44
N GLY C 190 -35.95 -2.51 -12.56
CA GLY C 190 -35.16 -3.37 -13.45
C GLY C 190 -35.36 -3.02 -14.90
N THR C 191 -34.40 -3.39 -15.74
CA THR C 191 -34.48 -3.09 -17.16
C THR C 191 -35.78 -3.58 -17.80
N ASP C 192 -36.36 -4.66 -17.29
CA ASP C 192 -37.66 -5.10 -17.82
C ASP C 192 -38.83 -4.62 -16.99
N GLY C 193 -38.59 -3.66 -16.09
CA GLY C 193 -39.66 -2.97 -15.39
C GLY C 193 -39.98 -3.45 -14.00
N ASN C 194 -39.24 -4.46 -13.52
CA ASN C 194 -39.43 -5.03 -12.18
C ASN C 194 -39.23 -4.00 -11.08
N LEU C 195 -40.28 -3.73 -10.32
CA LEU C 195 -40.26 -2.71 -9.29
C LEU C 195 -39.82 -3.29 -7.96
N LYS C 196 -40.25 -4.51 -7.68
CA LYS C 196 -39.92 -5.15 -6.41
C LYS C 196 -38.39 -5.05 -6.12
N ILE C 197 -37.53 -5.29 -7.10
CA ILE C 197 -36.10 -5.23 -6.80
C ILE C 197 -35.65 -3.89 -6.19
N ALA C 198 -36.28 -2.80 -6.60
CA ALA C 198 -35.95 -1.49 -6.08
C ALA C 198 -36.59 -1.23 -4.74
N ILE C 199 -37.79 -1.80 -4.52
CA ILE C 199 -38.42 -1.74 -3.20
C ILE C 199 -37.56 -2.52 -2.20
N ASP C 200 -37.12 -3.71 -2.57
CA ASP C 200 -36.26 -4.51 -1.67
C ASP C 200 -34.93 -3.80 -1.41
N ALA C 201 -34.45 -3.08 -2.41
CA ALA C 201 -33.18 -2.37 -2.27
C ALA C 201 -33.30 -1.25 -1.24
N ILE C 202 -34.47 -0.64 -1.10
CA ILE C 202 -34.64 0.42 -0.10
C ILE C 202 -34.55 -0.13 1.31
N GLY C 203 -35.28 -1.21 1.55
CA GLY C 203 -35.25 -1.91 2.84
C GLY C 203 -33.85 -2.43 3.16
N ALA C 204 -33.18 -2.98 2.15
CA ALA C 204 -31.83 -3.49 2.33
C ALA C 204 -30.86 -2.36 2.69
N ALA C 205 -30.90 -1.27 1.93
CA ALA C 205 -29.93 -0.19 2.12
C ALA C 205 -30.11 0.57 3.41
N SER C 206 -31.26 0.39 4.09
CA SER C 206 -31.55 1.13 5.32
C SER C 206 -30.83 0.50 6.49
N HIS C 207 -30.39 -0.74 6.36
CA HIS C 207 -29.71 -1.45 7.44
C HIS C 207 -28.20 -1.29 7.34
N SER C 208 -27.53 -1.74 8.38
CA SER C 208 -26.09 -1.68 8.45
C SER C 208 -25.52 -2.89 7.74
N HIS C 209 -24.47 -2.69 6.96
CA HIS C 209 -23.87 -3.78 6.17
C HIS C 209 -22.38 -3.63 6.16
N HIS C 210 -21.74 -4.61 5.55
CA HIS C 210 -20.29 -4.67 5.40
C HIS C 210 -19.93 -4.94 3.96
N PHE C 211 -18.95 -4.22 3.40
CA PHE C 211 -18.40 -4.61 2.11
C PHE C 211 -16.95 -4.25 2.01
N LEU C 212 -16.29 -4.77 0.97
CA LEU C 212 -14.89 -4.52 0.75
C LEU C 212 -14.68 -3.34 -0.17
N SER C 213 -13.69 -2.51 0.14
CA SER C 213 -13.33 -1.38 -0.70
C SER C 213 -11.88 -0.97 -0.39
N VAL C 214 -11.56 0.31 -0.56
CA VAL C 214 -10.26 0.77 -0.13
C VAL C 214 -10.37 1.88 0.90
N THR C 215 -9.38 2.00 1.78
CA THR C 215 -9.33 3.17 2.64
C THR C 215 -9.07 4.41 1.79
N LYS C 216 -9.19 5.59 2.37
CA LYS C 216 -8.79 6.82 1.66
C LYS C 216 -7.35 6.72 1.20
N ALA C 217 -6.54 5.98 1.96
CA ALA C 217 -5.15 5.83 1.66
C ALA C 217 -4.93 4.79 0.55
N GLY C 218 -6.00 4.19 0.07
CA GLY C 218 -5.93 3.27 -1.06
C GLY C 218 -5.62 1.81 -0.75
N HIS C 219 -5.79 1.37 0.50
CA HIS C 219 -5.58 -0.06 0.85
C HIS C 219 -6.88 -0.88 1.12
N SER C 220 -6.86 -2.17 0.79
CA SER C 220 -8.03 -3.05 1.01
C SER C 220 -8.57 -2.91 2.39
N ALA C 221 -9.91 -2.86 2.49
CA ALA C 221 -10.56 -2.45 3.71
C ALA C 221 -11.93 -3.06 3.79
N ILE C 222 -12.43 -3.15 5.00
CA ILE C 222 -13.80 -3.61 5.19
C ILE C 222 -14.53 -2.36 5.58
N VAL C 223 -15.69 -2.14 4.98
CA VAL C 223 -16.53 -1.02 5.31
C VAL C 223 -17.78 -1.51 6.07
N HIS C 224 -17.89 -1.08 7.32
CA HIS C 224 -19.05 -1.29 8.16
C HIS C 224 -19.95 -0.05 8.06
N THR C 225 -21.10 -0.17 7.40
CA THR C 225 -22.00 0.98 7.13
C THR C 225 -23.03 1.15 8.24
N GLY C 226 -23.65 2.34 8.30
CA GLY C 226 -24.62 2.69 9.33
C GLY C 226 -26.07 2.56 8.88
N GLY C 227 -26.30 2.42 7.58
CA GLY C 227 -27.67 2.42 7.01
C GLY C 227 -27.96 3.76 6.34
N ASN C 228 -28.73 3.74 5.25
CA ASN C 228 -29.08 4.96 4.51
C ASN C 228 -30.60 5.13 4.52
N PRO C 229 -31.11 6.02 5.39
CA PRO C 229 -32.57 6.17 5.53
C PRO C 229 -33.18 7.03 4.40
N ASP C 230 -32.34 7.54 3.50
CA ASP C 230 -32.77 8.44 2.46
C ASP C 230 -32.74 7.81 1.07
N CYS C 231 -33.18 6.56 0.94
CA CYS C 231 -33.32 5.97 -0.37
C CYS C 231 -34.77 5.96 -0.86
N HIS C 232 -34.89 5.87 -2.19
CA HIS C 232 -36.19 5.89 -2.84
C HIS C 232 -36.11 5.25 -4.20
N VAL C 233 -37.27 4.97 -4.77
CA VAL C 233 -37.37 4.30 -6.07
C VAL C 233 -37.28 5.31 -7.23
N ILE C 234 -36.79 4.82 -8.39
CA ILE C 234 -36.81 5.58 -9.62
C ILE C 234 -37.51 4.79 -10.70
N LEU C 235 -38.66 5.30 -11.18
CA LEU C 235 -39.46 4.64 -12.20
C LEU C 235 -38.86 5.06 -13.52
N ARG C 236 -38.37 4.08 -14.29
CA ARG C 236 -37.70 4.34 -15.57
C ARG C 236 -38.20 3.41 -16.67
N GLY C 237 -39.42 2.89 -16.49
CA GLY C 237 -40.08 2.03 -17.47
C GLY C 237 -39.35 0.73 -17.69
N GLY C 238 -39.67 0.06 -18.79
CA GLY C 238 -39.09 -1.22 -19.10
C GLY C 238 -39.83 -1.86 -20.25
N LYS C 239 -40.52 -2.96 -19.97
CA LYS C 239 -41.40 -3.60 -20.97
C LYS C 239 -42.46 -2.58 -21.42
N GLU C 240 -43.00 -1.85 -20.45
CA GLU C 240 -43.83 -0.69 -20.72
C GLU C 240 -43.47 0.54 -19.85
N PRO C 241 -43.78 1.74 -20.34
CA PRO C 241 -43.55 2.94 -19.54
C PRO C 241 -44.32 2.91 -18.21
N ASN C 242 -43.70 3.49 -17.18
CA ASN C 242 -44.31 3.54 -15.85
C ASN C 242 -44.29 4.92 -15.24
N TYR C 243 -44.43 5.94 -16.10
CA TYR C 243 -44.48 7.33 -15.65
C TYR C 243 -45.88 7.82 -15.29
N ASP C 244 -46.92 7.17 -15.80
CA ASP C 244 -48.28 7.72 -15.59
C ASP C 244 -48.85 7.51 -14.20
N ALA C 245 -49.93 8.25 -13.93
CA ALA C 245 -50.63 8.23 -12.64
C ALA C 245 -50.92 6.83 -12.12
N GLU C 246 -51.36 5.95 -13.01
CA GLU C 246 -51.74 4.58 -12.64
C GLU C 246 -50.53 3.78 -12.17
N HIS C 247 -49.42 3.90 -12.88
CA HIS C 247 -48.19 3.21 -12.47
C HIS C 247 -47.66 3.80 -11.15
N VAL C 248 -47.63 5.12 -11.06
CA VAL C 248 -47.21 5.80 -9.83
C VAL C 248 -48.04 5.31 -8.63
N SER C 249 -49.33 5.10 -8.87
CA SER C 249 -50.22 4.68 -7.83
C SER C 249 -50.00 3.24 -7.39
N GLU C 250 -49.75 2.33 -8.33
CA GLU C 250 -49.46 0.94 -7.97
C GLU C 250 -48.12 0.82 -7.21
N ALA C 251 -47.15 1.66 -7.58
CA ALA C 251 -45.85 1.66 -6.93
C ALA C 251 -45.96 2.18 -5.51
N ALA C 252 -46.65 3.29 -5.34
CA ALA C 252 -46.85 3.87 -4.02
C ALA C 252 -47.52 2.86 -3.09
N GLU C 253 -48.42 2.05 -3.64
CA GLU C 253 -49.13 1.05 -2.87
C GLU C 253 -48.14 -0.03 -2.40
N GLN C 254 -47.30 -0.51 -3.32
CA GLN C 254 -46.32 -1.54 -2.98
C GLN C 254 -45.28 -1.03 -1.99
N LEU C 255 -44.90 0.22 -2.13
CA LEU C 255 -43.93 0.84 -1.23
C LEU C 255 -44.46 0.95 0.20
N ARG C 256 -45.70 1.44 0.36
CA ARG C 256 -46.39 1.49 1.65
C ARG C 256 -46.51 0.10 2.25
N ALA C 257 -46.79 -0.89 1.41
CA ALA C 257 -46.93 -2.27 1.88
C ALA C 257 -45.60 -2.80 2.43
N ALA C 258 -44.47 -2.44 1.81
CA ALA C 258 -43.16 -2.82 2.37
C ALA C 258 -42.70 -1.96 3.57
N GLY C 259 -43.46 -0.93 3.96
CA GLY C 259 -43.05 -0.03 5.05
C GLY C 259 -41.90 0.94 4.72
N VAL C 260 -41.62 1.13 3.44
CA VAL C 260 -40.65 2.13 3.02
C VAL C 260 -41.41 3.34 2.46
N THR C 261 -40.66 4.41 2.17
CA THR C 261 -41.26 5.68 1.69
C THR C 261 -41.99 5.54 0.35
N ASP C 262 -43.20 6.10 0.27
CA ASP C 262 -43.98 6.08 -0.98
C ASP C 262 -43.76 7.33 -1.84
N LYS C 263 -42.65 8.02 -1.62
CA LYS C 263 -42.25 9.13 -2.48
C LYS C 263 -41.19 8.64 -3.45
N LEU C 264 -41.42 8.90 -4.73
CA LEU C 264 -40.56 8.37 -5.77
C LEU C 264 -40.15 9.38 -6.85
N MET C 265 -39.23 8.94 -7.69
CA MET C 265 -38.73 9.70 -8.80
C MET C 265 -39.15 9.02 -10.11
N ILE C 266 -39.38 9.83 -11.15
CA ILE C 266 -39.73 9.39 -12.47
C ILE C 266 -38.70 9.92 -13.50
N ASP C 267 -38.06 8.98 -14.20
CA ASP C 267 -37.14 9.29 -15.28
C ASP C 267 -38.01 9.56 -16.51
N CYS C 268 -37.89 10.76 -17.07
CA CYS C 268 -38.56 11.10 -18.34
C CYS C 268 -37.81 10.58 -19.57
N SER C 269 -36.56 10.10 -19.37
CA SER C 269 -35.72 9.65 -20.45
C SER C 269 -35.69 8.13 -20.52
N HIS C 270 -34.64 7.63 -21.18
CA HIS C 270 -34.42 6.19 -21.28
C HIS C 270 -35.68 5.44 -21.70
N ALA C 271 -36.03 4.32 -21.06
CA ALA C 271 -37.15 3.50 -21.56
C ALA C 271 -38.55 4.15 -21.42
N ASN C 272 -38.70 5.17 -20.58
CA ASN C 272 -39.95 5.88 -20.46
C ASN C 272 -40.20 6.75 -21.70
N SER C 273 -39.09 7.23 -22.27
CA SER C 273 -39.10 8.00 -23.50
C SER C 273 -38.98 7.11 -24.71
N ARG C 274 -38.77 5.82 -24.50
CA ARG C 274 -38.52 4.87 -25.59
C ARG C 274 -37.29 5.25 -26.41
N LYS C 275 -36.26 5.74 -25.73
CA LYS C 275 -35.00 6.20 -26.34
C LYS C 275 -35.18 7.36 -27.38
N ASP C 276 -36.32 8.06 -27.33
CA ASP C 276 -36.57 9.25 -28.18
C ASP C 276 -36.63 10.54 -27.33
N TYR C 277 -35.58 11.35 -27.45
CA TYR C 277 -35.38 12.49 -26.57
C TYR C 277 -36.48 13.54 -26.70
N THR C 278 -37.22 13.51 -27.81
CA THR C 278 -38.37 14.37 -27.95
C THR C 278 -39.56 13.90 -27.11
N ARG C 279 -39.59 12.63 -26.70
CA ARG C 279 -40.67 12.17 -25.82
C ARG C 279 -40.41 12.54 -24.34
N GLN C 280 -39.22 13.00 -24.01
CA GLN C 280 -38.98 13.51 -22.65
C GLN C 280 -39.99 14.60 -22.27
N MET C 281 -40.26 15.53 -23.20
CA MET C 281 -41.23 16.59 -22.94
C MET C 281 -42.62 16.02 -22.67
N GLU C 282 -43.04 15.05 -23.46
CA GLU C 282 -44.37 14.45 -23.31
C GLU C 282 -44.54 13.87 -21.91
N VAL C 283 -43.51 13.19 -21.43
CA VAL C 283 -43.54 12.58 -20.10
C VAL C 283 -43.70 13.65 -19.03
N ALA C 284 -42.98 14.77 -19.20
CA ALA C 284 -43.01 15.86 -18.23
C ALA C 284 -44.39 16.53 -18.17
N GLN C 285 -45.05 16.62 -19.32
CA GLN C 285 -46.43 17.10 -19.40
C GLN C 285 -47.33 16.18 -18.56
N ASP C 286 -47.08 14.89 -18.67
CA ASP C 286 -47.87 13.93 -17.93
C ASP C 286 -47.63 14.05 -16.43
N ILE C 287 -46.35 14.16 -16.09
CA ILE C 287 -45.98 14.40 -14.71
C ILE C 287 -46.57 15.72 -14.21
N ALA C 288 -46.48 16.75 -15.04
CA ALA C 288 -47.05 18.03 -14.72
C ALA C 288 -48.59 17.93 -14.55
N ALA C 289 -49.28 17.20 -15.43
CA ALA C 289 -50.74 17.02 -15.25
C ALA C 289 -51.02 16.33 -13.92
N GLN C 290 -50.25 15.30 -13.58
CA GLN C 290 -50.40 14.61 -12.29
C GLN C 290 -50.24 15.59 -11.12
N LEU C 291 -49.17 16.40 -11.16
CA LEU C 291 -48.86 17.28 -10.03
C LEU C 291 -49.98 18.28 -9.81
N GLU C 292 -50.63 18.65 -10.92
CA GLU C 292 -51.76 19.57 -10.91
C GLU C 292 -52.99 18.87 -10.29
N GLN C 293 -53.28 17.65 -10.71
CA GLN C 293 -54.38 16.88 -10.12
C GLN C 293 -54.14 16.62 -8.64
N ASP C 294 -52.98 16.03 -8.34
CA ASP C 294 -52.73 15.51 -6.99
C ASP C 294 -51.24 15.22 -6.90
N GLY C 295 -50.82 14.11 -7.51
CA GLY C 295 -49.40 13.72 -7.64
C GLY C 295 -48.59 13.73 -6.36
N GLY C 296 -49.27 13.40 -5.25
CA GLY C 296 -48.64 13.47 -3.93
C GLY C 296 -47.48 12.51 -3.67
N ASN C 297 -47.28 11.54 -4.56
CA ASN C 297 -46.26 10.53 -4.36
C ASN C 297 -45.00 10.80 -5.17
N ILE C 298 -44.98 11.94 -5.86
CA ILE C 298 -43.83 12.34 -6.68
C ILE C 298 -42.93 13.31 -5.95
N MET C 299 -41.67 12.94 -5.79
CA MET C 299 -40.69 13.84 -5.18
C MET C 299 -39.64 14.29 -6.15
N GLY C 300 -39.61 13.70 -7.35
CA GLY C 300 -38.59 14.09 -8.29
C GLY C 300 -38.78 13.57 -9.69
N VAL C 301 -37.94 14.12 -10.59
CA VAL C 301 -37.87 13.71 -11.97
C VAL C 301 -36.42 13.69 -12.41
N MET C 302 -36.18 13.01 -13.53
CA MET C 302 -34.86 12.95 -14.15
C MET C 302 -34.97 13.25 -15.65
N VAL C 303 -34.02 14.02 -16.16
CA VAL C 303 -34.09 14.56 -17.51
C VAL C 303 -32.71 14.61 -18.14
N GLU C 304 -32.56 14.01 -19.31
CA GLU C 304 -31.28 14.09 -20.02
C GLU C 304 -31.29 15.29 -20.99
N SER C 305 -30.41 16.26 -20.69
CA SER C 305 -30.41 17.59 -21.28
C SER C 305 -28.99 18.06 -21.54
N HIS C 306 -28.81 18.83 -22.60
CA HIS C 306 -27.53 19.38 -23.01
C HIS C 306 -27.66 20.70 -23.79
N LEU C 307 -26.54 21.40 -23.99
CA LEU C 307 -26.59 22.69 -24.70
C LEU C 307 -27.29 22.45 -26.01
N VAL C 308 -26.86 21.39 -26.70
CA VAL C 308 -27.35 21.06 -28.04
C VAL C 308 -28.05 19.72 -28.00
N GLU C 309 -29.15 19.63 -28.75
CA GLU C 309 -30.04 18.45 -28.78
C GLU C 309 -29.46 17.33 -29.64
N GLY C 310 -30.04 16.13 -29.50
CA GLY C 310 -29.63 14.95 -30.28
C GLY C 310 -28.44 14.24 -29.69
N ARG C 311 -27.78 13.42 -30.50
CA ARG C 311 -26.52 12.75 -30.14
C ARG C 311 -25.59 12.70 -31.34
N GLN C 312 -24.39 12.17 -31.14
CA GLN C 312 -23.41 12.03 -32.23
C GLN C 312 -22.42 10.93 -31.85
N ASP C 313 -21.77 10.31 -32.84
CA ASP C 313 -20.88 9.17 -32.56
C ASP C 313 -19.51 9.65 -32.18
N LYS C 314 -19.05 10.70 -32.85
CA LYS C 314 -17.79 11.34 -32.50
C LYS C 314 -18.12 12.71 -31.89
N PRO C 315 -17.30 13.17 -30.91
CA PRO C 315 -17.45 14.49 -30.24
C PRO C 315 -17.18 15.74 -31.13
N GLU C 316 -17.87 15.87 -32.26
CA GLU C 316 -17.57 16.93 -33.24
C GLU C 316 -18.14 18.27 -32.77
N VAL C 317 -19.46 18.32 -32.53
CA VAL C 317 -20.06 19.58 -32.08
C VAL C 317 -19.99 19.73 -30.56
N TYR C 318 -19.60 20.92 -30.12
CA TYR C 318 -19.58 21.32 -28.72
C TYR C 318 -21.00 21.31 -28.11
N GLY C 319 -21.12 20.76 -26.91
CA GLY C 319 -22.41 20.70 -26.20
C GLY C 319 -23.44 19.70 -26.71
N LYS C 320 -23.00 18.64 -27.38
CA LYS C 320 -23.90 17.59 -27.87
C LYS C 320 -23.41 16.23 -27.43
N SER C 321 -24.32 15.46 -26.83
CA SER C 321 -23.99 14.11 -26.30
C SER C 321 -23.41 13.14 -27.32
N ILE C 322 -22.46 12.35 -26.86
CA ILE C 322 -21.97 11.23 -27.65
C ILE C 322 -22.45 9.87 -27.08
N THR C 323 -23.31 9.91 -26.05
CA THR C 323 -24.00 8.70 -25.52
C THR C 323 -25.53 8.79 -25.82
N ASP C 324 -26.42 8.76 -24.82
CA ASP C 324 -27.85 8.95 -25.14
C ASP C 324 -28.13 10.38 -25.62
N ALA C 325 -29.24 10.50 -26.36
CA ALA C 325 -29.66 11.75 -26.98
C ALA C 325 -30.34 12.61 -25.92
N CYS C 326 -30.09 13.91 -25.96
CA CYS C 326 -30.61 14.85 -24.97
C CYS C 326 -31.47 15.91 -25.64
N ILE C 327 -32.47 16.41 -24.93
CA ILE C 327 -33.12 17.63 -25.36
C ILE C 327 -32.08 18.74 -25.30
N GLY C 328 -32.34 19.85 -26.01
CA GLY C 328 -31.40 20.96 -26.05
C GLY C 328 -31.76 22.00 -25.01
N TRP C 329 -31.09 23.15 -25.07
CA TRP C 329 -31.30 24.16 -24.05
C TRP C 329 -32.70 24.81 -24.08
N GLY C 330 -33.23 25.07 -25.26
CA GLY C 330 -34.55 25.67 -25.39
C GLY C 330 -35.62 24.79 -24.78
N ALA C 331 -35.59 23.53 -25.17
CA ALA C 331 -36.49 22.53 -24.63
C ALA C 331 -36.32 22.40 -23.11
N THR C 332 -35.09 22.50 -22.63
CA THR C 332 -34.86 22.52 -21.19
C THR C 332 -35.60 23.66 -20.49
N GLU C 333 -35.62 24.83 -21.11
CA GLU C 333 -36.29 25.96 -20.50
C GLU C 333 -37.78 25.71 -20.39
N GLU C 334 -38.36 25.16 -21.44
CA GLU C 334 -39.78 24.80 -21.45
C GLU C 334 -40.07 23.84 -20.34
N LEU C 335 -39.30 22.75 -20.36
CA LEU C 335 -39.54 21.66 -19.45
C LEU C 335 -39.54 22.19 -18.01
N LEU C 336 -38.46 22.83 -17.64
CA LEU C 336 -38.33 23.32 -16.27
C LEU C 336 -39.42 24.34 -15.91
N ALA C 337 -39.74 25.24 -16.86
CA ALA C 337 -40.83 26.23 -16.68
C ALA C 337 -42.18 25.56 -16.49
N LEU C 338 -42.40 24.48 -17.24
CA LEU C 338 -43.58 23.68 -17.13
C LEU C 338 -43.67 23.01 -15.78
N LEU C 339 -42.58 22.38 -15.34
CA LEU C 339 -42.66 21.64 -14.09
C LEU C 339 -42.76 22.60 -12.91
N ALA C 340 -42.08 23.74 -13.00
CA ALA C 340 -42.17 24.75 -11.95
C ALA C 340 -43.61 25.24 -11.77
N GLY C 341 -44.32 25.42 -12.88
CA GLY C 341 -45.71 25.90 -12.85
C GLY C 341 -46.64 24.85 -12.25
N ALA C 342 -46.51 23.62 -12.74
CA ALA C 342 -47.35 22.53 -12.22
C ALA C 342 -47.09 22.29 -10.75
N ASN C 343 -45.85 22.36 -10.29
CA ASN C 343 -45.56 22.16 -8.86
C ASN C 343 -45.88 23.34 -7.96
N LYS C 344 -45.81 24.55 -8.49
CA LYS C 344 -46.22 25.74 -7.76
C LYS C 344 -47.65 25.59 -7.23
N LYS C 345 -48.53 25.08 -8.10
CA LYS C 345 -49.91 24.82 -7.74
C LYS C 345 -50.03 23.71 -6.70
N ARG C 346 -49.20 22.67 -6.83
CA ARG C 346 -49.25 21.57 -5.88
C ARG C 346 -48.87 22.08 -4.51
N MET C 347 -47.80 22.84 -4.44
CA MET C 347 -47.31 23.32 -3.17
C MET C 347 -48.26 24.33 -2.54
N ALA C 348 -49.10 24.97 -3.37
CA ALA C 348 -50.10 25.91 -2.89
C ALA C 348 -51.29 25.19 -2.24
N ARG C 349 -51.50 23.92 -2.57
CA ARG C 349 -52.46 23.10 -1.84
C ARG C 349 -51.85 22.69 -0.50
N HIS D 3 -14.63 25.38 11.06
CA HIS D 3 -14.91 24.02 10.46
C HIS D 3 -15.88 24.06 9.26
N HIS D 4 -15.73 23.09 8.36
CA HIS D 4 -16.62 22.85 7.25
C HIS D 4 -17.88 22.11 7.71
N TYR D 5 -18.96 22.16 6.91
CA TYR D 5 -20.03 21.19 7.06
C TYR D 5 -19.45 19.85 6.62
N PRO D 6 -19.75 18.77 7.37
CA PRO D 6 -19.18 17.47 7.02
C PRO D 6 -19.85 16.85 5.79
N THR D 7 -19.06 16.16 4.97
CA THR D 7 -19.54 15.51 3.74
C THR D 7 -19.03 14.08 3.58
N ASP D 8 -18.04 13.69 4.39
CA ASP D 8 -17.35 12.44 4.16
C ASP D 8 -17.70 11.35 5.17
N ASP D 9 -18.09 10.19 4.65
CA ASP D 9 -18.40 9.03 5.49
C ASP D 9 -19.49 9.34 6.56
N ILE D 10 -20.49 10.14 6.18
CA ILE D 10 -21.54 10.47 7.12
C ILE D 10 -22.21 9.20 7.66
N LYS D 11 -22.33 8.17 6.83
CA LYS D 11 -23.11 6.98 7.19
C LYS D 11 -22.26 5.72 7.30
N ILE D 12 -21.07 5.87 7.87
CA ILE D 12 -20.08 4.84 7.98
C ILE D 12 -19.75 4.65 9.44
N LYS D 13 -19.79 3.40 9.92
CA LYS D 13 -19.39 3.14 11.29
C LYS D 13 -17.89 3.08 11.37
N GLU D 14 -17.26 2.29 10.53
CA GLU D 14 -15.81 2.32 10.40
C GLU D 14 -15.35 1.72 9.10
N VAL D 15 -14.14 2.09 8.73
CA VAL D 15 -13.43 1.52 7.61
C VAL D 15 -12.13 0.99 8.15
N LYS D 16 -12.09 -0.30 8.46
CA LYS D 16 -10.88 -0.94 8.97
C LYS D 16 -10.09 -1.52 7.80
N GLU D 17 -8.80 -1.18 7.75
CA GLU D 17 -7.91 -1.76 6.77
C GLU D 17 -7.75 -3.28 6.98
N LEU D 18 -7.48 -4.01 5.91
CA LEU D 18 -7.43 -5.46 5.91
C LEU D 18 -6.04 -5.98 5.66
N LEU D 19 -5.72 -7.15 6.20
CA LEU D 19 -4.54 -7.85 5.77
C LEU D 19 -4.63 -8.07 4.26
N PRO D 20 -3.51 -7.83 3.55
CA PRO D 20 -3.54 -7.98 2.11
C PRO D 20 -3.48 -9.42 1.67
N PRO D 21 -3.98 -9.73 0.47
CA PRO D 21 -3.85 -11.07 -0.05
C PRO D 21 -2.44 -11.65 0.17
N ILE D 22 -1.38 -10.86 -0.02
CA ILE D 22 -0.02 -11.45 0.08
C ILE D 22 0.22 -12.13 1.43
N ALA D 23 -0.46 -11.65 2.48
CA ALA D 23 -0.32 -12.20 3.82
C ALA D 23 -0.94 -13.58 3.93
N HIS D 24 -2.07 -13.78 3.26
CA HIS D 24 -2.72 -15.09 3.24
C HIS D 24 -1.95 -15.98 2.27
N LEU D 25 -1.47 -15.43 1.16
CA LEU D 25 -0.70 -16.21 0.20
C LEU D 25 0.62 -16.71 0.76
N TYR D 26 1.21 -15.94 1.67
CA TYR D 26 2.40 -16.40 2.40
C TYR D 26 2.12 -17.54 3.36
N GLU D 27 1.06 -17.42 4.17
CA GLU D 27 0.72 -18.45 5.15
C GLU D 27 0.21 -19.70 4.49
N LEU D 28 -0.53 -19.52 3.40
CA LEU D 28 -1.18 -20.65 2.72
C LEU D 28 -0.93 -20.73 1.22
N PRO D 29 0.33 -20.85 0.80
CA PRO D 29 0.69 -20.92 -0.62
C PRO D 29 0.11 -22.14 -1.28
N ILE D 30 -0.38 -21.99 -2.50
CA ILE D 30 -0.86 -23.14 -3.25
C ILE D 30 0.29 -24.11 -3.43
N SER D 31 0.02 -25.40 -3.19
CA SER D 31 0.97 -26.50 -3.39
C SER D 31 0.96 -27.00 -4.82
N LYS D 32 2.00 -27.76 -5.17
CA LYS D 32 2.17 -28.28 -6.53
C LYS D 32 0.98 -29.16 -6.92
N GLU D 33 0.47 -29.94 -5.98
CA GLU D 33 -0.59 -30.90 -6.30
C GLU D 33 -1.93 -30.19 -6.43
N ALA D 34 -2.18 -29.21 -5.59
CA ALA D 34 -3.38 -28.41 -5.71
C ALA D 34 -3.37 -27.60 -7.01
N SER D 35 -2.20 -27.13 -7.42
CA SER D 35 -2.07 -26.40 -8.68
C SER D 35 -2.43 -27.25 -9.88
N GLY D 36 -1.99 -28.51 -9.85
CA GLY D 36 -2.28 -29.45 -10.92
C GLY D 36 -3.78 -29.70 -11.06
N LEU D 37 -4.43 -29.96 -9.94
CA LEU D 37 -5.84 -30.26 -9.94
C LEU D 37 -6.62 -29.08 -10.50
N VAL D 38 -6.26 -27.88 -10.06
CA VAL D 38 -6.94 -26.64 -10.51
C VAL D 38 -6.75 -26.37 -12.01
N HIS D 39 -5.53 -26.53 -12.49
CA HIS D 39 -5.22 -26.27 -13.90
C HIS D 39 -5.92 -27.31 -14.75
N ARG D 40 -5.81 -28.57 -14.34
CA ARG D 40 -6.43 -29.66 -15.04
C ARG D 40 -7.99 -29.54 -15.02
N THR D 41 -8.55 -29.20 -13.86
CA THR D 41 -10.02 -29.17 -13.76
C THR D 41 -10.56 -28.00 -14.61
N ARG D 42 -9.86 -26.88 -14.60
CA ARG D 42 -10.27 -25.73 -15.40
C ARG D 42 -10.33 -26.09 -16.89
N GLN D 43 -9.30 -26.75 -17.36
CA GLN D 43 -9.22 -27.19 -18.74
C GLN D 43 -10.28 -28.22 -19.14
N GLU D 44 -10.48 -29.21 -18.29
CA GLU D 44 -11.54 -30.22 -18.45
C GLU D 44 -12.94 -29.56 -18.58
N ILE D 45 -13.25 -28.64 -17.67
CA ILE D 45 -14.48 -27.87 -17.71
C ILE D 45 -14.59 -27.06 -19.01
N SER D 46 -13.49 -26.42 -19.42
CA SER D 46 -13.49 -25.72 -20.71
C SER D 46 -13.86 -26.71 -21.82
N ASP D 47 -13.31 -27.92 -21.78
CA ASP D 47 -13.65 -28.92 -22.78
C ASP D 47 -15.15 -29.16 -22.74
N LEU D 48 -15.72 -29.21 -21.55
CA LEU D 48 -17.17 -29.41 -21.43
C LEU D 48 -17.94 -28.23 -21.98
N VAL D 49 -17.48 -27.01 -21.69
CA VAL D 49 -18.15 -25.80 -22.17
C VAL D 49 -18.20 -25.73 -23.69
N HIS D 50 -17.12 -26.17 -24.35
CA HIS D 50 -17.01 -26.06 -25.82
C HIS D 50 -17.36 -27.36 -26.57
N GLY D 51 -17.85 -28.36 -25.85
CA GLY D 51 -18.41 -29.57 -26.47
C GLY D 51 -17.44 -30.68 -26.79
N ARG D 52 -16.19 -30.57 -26.36
CA ARG D 52 -15.15 -31.54 -26.68
C ARG D 52 -15.22 -32.82 -25.83
N ASP D 53 -15.77 -32.71 -24.63
CA ASP D 53 -15.99 -33.86 -23.78
C ASP D 53 -17.49 -33.87 -23.39
N LYS D 54 -18.10 -35.05 -23.28
CA LYS D 54 -19.55 -35.16 -23.02
C LYS D 54 -19.87 -35.57 -21.58
N ARG D 55 -18.90 -35.49 -20.69
CA ARG D 55 -19.18 -35.66 -19.27
C ARG D 55 -20.04 -34.53 -18.73
N LEU D 56 -20.77 -34.81 -17.67
CA LEU D 56 -21.64 -33.84 -17.06
C LEU D 56 -20.90 -33.13 -15.93
N LEU D 57 -20.74 -31.80 -16.04
CA LEU D 57 -20.18 -31.05 -14.91
C LEU D 57 -21.24 -31.02 -13.83
N VAL D 58 -20.87 -31.45 -12.62
CA VAL D 58 -21.78 -31.46 -11.51
C VAL D 58 -21.26 -30.56 -10.40
N ILE D 59 -21.94 -29.43 -10.20
CA ILE D 59 -21.56 -28.50 -9.15
C ILE D 59 -22.48 -28.83 -7.98
N ILE D 60 -21.93 -29.46 -6.96
CA ILE D 60 -22.74 -30.03 -5.91
C ILE D 60 -22.08 -29.83 -4.55
N GLY D 61 -22.90 -29.51 -3.57
CA GLY D 61 -22.39 -29.20 -2.23
C GLY D 61 -23.36 -28.29 -1.51
N PRO D 62 -22.98 -27.86 -0.29
CA PRO D 62 -23.86 -27.06 0.56
C PRO D 62 -24.33 -25.76 -0.06
N CYS D 63 -25.49 -25.26 0.36
CA CYS D 63 -25.90 -23.94 -0.08
C CYS D 63 -24.81 -22.92 0.29
N SER D 64 -24.32 -23.04 1.52
CA SER D 64 -23.25 -22.19 1.99
C SER D 64 -22.45 -22.97 3.03
N ILE D 65 -21.18 -22.60 3.14
CA ILE D 65 -20.31 -23.20 4.12
C ILE D 65 -20.36 -22.38 5.39
N HIS D 66 -20.88 -22.96 6.47
CA HIS D 66 -20.73 -22.30 7.77
C HIS D 66 -19.79 -23.00 8.71
N ASP D 67 -19.28 -24.15 8.30
CA ASP D 67 -18.43 -24.96 9.18
C ASP D 67 -17.48 -25.86 8.39
N PRO D 68 -16.19 -25.48 8.30
CA PRO D 68 -15.13 -26.22 7.57
C PRO D 68 -14.94 -27.69 7.99
N LYS D 69 -15.19 -28.00 9.25
CA LYS D 69 -15.08 -29.39 9.67
C LYS D 69 -16.13 -30.21 8.91
N ALA D 70 -17.37 -29.72 8.90
CA ALA D 70 -18.46 -30.42 8.23
C ALA D 70 -18.15 -30.47 6.76
N ALA D 71 -17.63 -29.36 6.25
CA ALA D 71 -17.34 -29.26 4.84
C ALA D 71 -16.22 -30.23 4.42
N LEU D 72 -15.23 -30.43 5.28
CA LEU D 72 -14.15 -31.34 4.93
C LEU D 72 -14.66 -32.75 4.96
N GLU D 73 -15.55 -33.06 5.89
CA GLU D 73 -16.18 -34.39 5.95
C GLU D 73 -17.04 -34.65 4.73
N TYR D 74 -17.82 -33.64 4.31
CA TYR D 74 -18.68 -33.78 3.15
C TYR D 74 -17.80 -34.10 1.94
N ALA D 75 -16.64 -33.44 1.87
CA ALA D 75 -15.71 -33.57 0.75
C ALA D 75 -15.12 -34.96 0.66
N GLU D 76 -14.76 -35.53 1.80
CA GLU D 76 -14.24 -36.90 1.83
C GLU D 76 -15.29 -37.85 1.25
N ARG D 77 -16.54 -37.69 1.64
CA ARG D 77 -17.59 -38.54 1.08
C ARG D 77 -17.81 -38.34 -0.41
N LEU D 78 -17.86 -37.08 -0.83
CA LEU D 78 -18.04 -36.78 -2.24
C LEU D 78 -16.85 -37.26 -3.06
N LEU D 79 -15.63 -37.15 -2.52
CA LEU D 79 -14.46 -37.53 -3.30
C LEU D 79 -14.55 -38.99 -3.77
N LYS D 80 -15.19 -39.87 -2.99
CA LYS D 80 -15.38 -41.26 -3.40
C LYS D 80 -16.21 -41.40 -4.69
N LEU D 81 -17.30 -40.63 -4.74
CA LEU D 81 -18.19 -40.65 -5.88
C LEU D 81 -17.57 -39.88 -7.07
N ARG D 82 -16.75 -38.86 -6.78
CA ARG D 82 -15.95 -38.20 -7.84
C ARG D 82 -15.09 -39.21 -8.58
N LYS D 83 -14.36 -40.05 -7.83
CA LYS D 83 -13.53 -41.08 -8.42
C LYS D 83 -14.40 -42.13 -9.14
N GLN D 84 -15.46 -42.57 -8.46
CA GLN D 84 -16.34 -43.62 -8.98
C GLN D 84 -16.93 -43.23 -10.33
N TYR D 85 -17.43 -42.02 -10.44
CA TYR D 85 -18.15 -41.59 -11.63
C TYR D 85 -17.27 -40.77 -12.58
N GLU D 86 -15.95 -40.83 -12.43
CA GLU D 86 -15.04 -39.95 -13.20
C GLU D 86 -15.18 -40.04 -14.73
N ASN D 87 -15.53 -41.20 -15.26
CA ASN D 87 -15.78 -41.35 -16.72
C ASN D 87 -17.10 -40.74 -17.23
N GLU D 88 -18.06 -40.46 -16.34
CA GLU D 88 -19.40 -39.93 -16.70
C GLU D 88 -19.69 -38.51 -16.19
N LEU D 89 -19.17 -38.18 -15.01
CA LEU D 89 -19.47 -36.92 -14.35
C LEU D 89 -18.16 -36.25 -13.95
N LEU D 90 -18.14 -34.92 -14.05
CA LEU D 90 -17.02 -34.15 -13.53
C LEU D 90 -17.54 -33.47 -12.27
N ILE D 91 -17.25 -34.09 -11.13
CA ILE D 91 -17.76 -33.58 -9.88
C ILE D 91 -16.82 -32.54 -9.26
N VAL D 92 -17.38 -31.37 -8.96
CA VAL D 92 -16.71 -30.29 -8.26
C VAL D 92 -17.57 -29.81 -7.09
N MET D 93 -16.94 -29.55 -5.95
CA MET D 93 -17.67 -29.14 -4.76
C MET D 93 -18.04 -27.66 -4.75
N ARG D 94 -19.31 -27.40 -4.37
CA ARG D 94 -19.80 -26.09 -3.99
C ARG D 94 -19.11 -25.59 -2.73
N VAL D 95 -18.40 -24.50 -2.81
CA VAL D 95 -17.79 -23.89 -1.63
C VAL D 95 -18.16 -22.42 -1.71
N TYR D 96 -19.42 -22.16 -1.37
CA TYR D 96 -19.98 -20.84 -1.33
C TYR D 96 -19.89 -20.32 0.09
N PHE D 97 -19.48 -19.08 0.26
CA PHE D 97 -19.31 -18.55 1.59
C PHE D 97 -20.49 -17.74 2.12
N ALA D 98 -21.54 -17.59 1.30
CA ALA D 98 -22.75 -16.86 1.69
C ALA D 98 -23.77 -17.03 0.56
N LYS D 99 -25.03 -16.79 0.88
CA LYS D 99 -26.03 -16.60 -0.16
C LYS D 99 -26.05 -15.09 -0.51
N PRO D 100 -26.29 -14.73 -1.79
CA PRO D 100 -26.52 -13.30 -2.10
C PRO D 100 -27.91 -12.84 -1.62
N ARG D 101 -27.99 -12.30 -0.41
CA ARG D 101 -29.26 -12.03 0.28
C ARG D 101 -30.06 -10.90 -0.38
N VAL D 104 -32.89 -9.74 6.10
CA VAL D 104 -31.47 -9.75 6.47
C VAL D 104 -31.18 -10.87 7.48
N GLY D 105 -29.90 -11.16 7.66
CA GLY D 105 -29.44 -12.27 8.50
C GLY D 105 -27.93 -12.47 8.39
N TRP D 106 -27.50 -13.73 8.61
CA TRP D 106 -26.06 -14.09 8.66
C TRP D 106 -25.32 -13.74 7.36
N LYS D 107 -24.15 -13.08 7.51
CA LYS D 107 -23.50 -12.42 6.37
C LYS D 107 -22.43 -13.29 5.72
N GLY D 108 -22.34 -14.55 6.16
CA GLY D 108 -21.50 -15.54 5.50
C GLY D 108 -20.23 -15.87 6.28
N LEU D 109 -19.42 -16.76 5.72
CA LEU D 109 -18.26 -17.26 6.46
C LEU D 109 -17.11 -16.26 6.48
N ILE D 110 -17.01 -15.48 5.41
CA ILE D 110 -15.93 -14.54 5.24
C ILE D 110 -16.18 -13.31 6.10
N ASN D 111 -17.40 -12.80 6.01
CA ASN D 111 -17.89 -11.68 6.78
C ASN D 111 -17.99 -11.90 8.27
N ASP D 112 -18.51 -13.05 8.63
CA ASP D 112 -18.78 -13.35 10.03
C ASP D 112 -18.50 -14.81 10.33
N PRO D 113 -17.20 -15.20 10.29
CA PRO D 113 -16.79 -16.60 10.50
C PRO D 113 -17.25 -17.18 11.85
N HIS D 114 -17.27 -16.38 12.92
CA HIS D 114 -17.67 -16.86 14.23
C HIS D 114 -19.21 -16.97 14.45
N LEU D 115 -20.01 -16.74 13.41
CA LEU D 115 -21.47 -16.99 13.47
C LEU D 115 -22.20 -16.27 14.63
N ASP D 116 -21.61 -15.17 15.10
CA ASP D 116 -22.11 -14.42 16.28
C ASP D 116 -22.11 -12.90 16.05
N GLY D 117 -22.07 -12.47 14.80
CA GLY D 117 -22.05 -11.04 14.46
C GLY D 117 -20.80 -10.24 14.81
N THR D 118 -19.65 -10.90 15.02
CA THR D 118 -18.38 -10.18 15.30
C THR D 118 -17.61 -9.66 14.06
N PHE D 119 -17.97 -10.16 12.89
CA PHE D 119 -17.38 -9.68 11.63
C PHE D 119 -15.84 -9.73 11.52
N ASP D 120 -15.22 -10.80 12.05
CA ASP D 120 -13.78 -10.96 11.98
C ASP D 120 -13.31 -11.42 10.60
N ILE D 121 -13.25 -10.45 9.69
CA ILE D 121 -13.05 -10.75 8.28
C ILE D 121 -11.66 -11.24 7.88
N ASN D 122 -10.60 -10.74 8.51
CA ASN D 122 -9.26 -11.32 8.37
C ASN D 122 -9.26 -12.84 8.66
N PHE D 123 -9.93 -13.22 9.72
CA PHE D 123 -10.06 -14.63 10.07
C PHE D 123 -10.90 -15.37 9.03
N GLY D 124 -12.01 -14.75 8.62
CA GLY D 124 -12.89 -15.36 7.61
C GLY D 124 -12.15 -15.64 6.31
N LEU D 125 -11.41 -14.66 5.82
CA LEU D 125 -10.69 -14.84 4.57
C LEU D 125 -9.62 -15.87 4.74
N ARG D 126 -8.91 -15.82 5.87
CA ARG D 126 -7.96 -16.90 6.24
C ARG D 126 -8.56 -18.30 6.23
N GLN D 127 -9.75 -18.43 6.83
CA GLN D 127 -10.48 -19.70 6.86
C GLN D 127 -10.95 -20.15 5.49
N ALA D 128 -11.47 -19.24 4.69
CA ALA D 128 -11.92 -19.60 3.35
C ALA D 128 -10.76 -20.13 2.51
N ARG D 129 -9.64 -19.40 2.46
CA ARG D 129 -8.45 -19.89 1.74
C ARG D 129 -7.99 -21.25 2.29
N SER D 130 -7.93 -21.38 3.61
CA SER D 130 -7.49 -22.65 4.24
C SER D 130 -8.32 -23.84 3.78
N LEU D 131 -9.64 -23.71 3.90
CA LEU D 131 -10.55 -24.78 3.50
C LEU D 131 -10.35 -25.13 2.03
N LEU D 132 -10.25 -24.11 1.18
CA LEU D 132 -10.06 -24.32 -0.26
C LEU D 132 -8.74 -25.03 -0.59
N LEU D 133 -7.67 -24.74 0.14
CA LEU D 133 -6.38 -25.38 -0.07
C LEU D 133 -6.42 -26.80 0.44
N SER D 134 -7.06 -26.99 1.58
CA SER D 134 -7.29 -28.36 2.06
C SER D 134 -8.12 -29.22 1.06
N LEU D 135 -9.19 -28.66 0.47
CA LEU D 135 -10.02 -29.43 -0.50
C LEU D 135 -9.22 -29.82 -1.72
N ASN D 136 -8.55 -28.87 -2.36
CA ASN D 136 -7.69 -29.20 -3.50
C ASN D 136 -6.58 -30.19 -3.12
N ASN D 137 -5.99 -30.06 -1.93
CA ASN D 137 -4.95 -31.00 -1.47
C ASN D 137 -5.46 -32.42 -1.31
N MET D 138 -6.68 -32.60 -0.81
CA MET D 138 -7.24 -33.96 -0.73
C MET D 138 -7.71 -34.49 -2.10
N GLY D 139 -7.77 -33.63 -3.12
CA GLY D 139 -8.13 -34.03 -4.48
C GLY D 139 -9.51 -33.61 -5.00
N MET D 140 -10.18 -32.72 -4.27
CA MET D 140 -11.54 -32.30 -4.58
C MET D 140 -11.49 -30.86 -5.06
N PRO D 141 -11.73 -30.64 -6.36
CA PRO D 141 -11.77 -29.24 -6.79
C PRO D 141 -12.92 -28.48 -6.13
N ALA D 142 -12.84 -27.16 -6.19
CA ALA D 142 -13.76 -26.27 -5.49
C ALA D 142 -14.29 -25.26 -6.47
N SER D 143 -15.55 -24.88 -6.27
CA SER D 143 -16.23 -23.85 -7.03
C SER D 143 -16.72 -22.83 -6.03
N THR D 144 -17.04 -21.62 -6.47
CA THR D 144 -17.60 -20.65 -5.55
C THR D 144 -18.30 -19.57 -6.33
N GLU D 145 -19.08 -18.72 -5.66
CA GLU D 145 -19.62 -17.50 -6.30
C GLU D 145 -18.80 -16.30 -5.85
N PHE D 146 -18.32 -15.51 -6.80
CA PHE D 146 -17.70 -14.23 -6.46
C PHE D 146 -18.73 -13.10 -6.45
N LEU D 147 -18.99 -12.53 -5.27
CA LEU D 147 -19.93 -11.42 -5.11
C LEU D 147 -19.34 -10.05 -5.31
N ASP D 148 -18.00 -9.95 -5.23
CA ASP D 148 -17.34 -8.68 -5.39
C ASP D 148 -16.01 -8.81 -6.14
N MET D 149 -15.32 -7.69 -6.25
CA MET D 149 -14.22 -7.54 -7.18
C MET D 149 -12.87 -7.71 -6.49
N ILE D 150 -12.92 -7.86 -5.16
CA ILE D 150 -11.74 -7.87 -4.29
C ILE D 150 -11.43 -9.26 -3.73
N THR D 151 -12.47 -9.94 -3.23
CA THR D 151 -12.31 -11.30 -2.66
C THR D 151 -11.58 -12.26 -3.55
N PRO D 152 -11.81 -12.20 -4.86
CA PRO D 152 -11.03 -13.11 -5.71
C PRO D 152 -9.50 -13.04 -5.56
N GLN D 153 -8.95 -11.86 -5.29
CA GLN D 153 -7.49 -11.79 -5.13
C GLN D 153 -6.99 -12.61 -3.96
N TYR D 154 -7.88 -12.98 -3.04
CA TYR D 154 -7.51 -13.77 -1.86
C TYR D 154 -7.53 -15.28 -2.08
N TYR D 155 -8.35 -15.79 -3.00
CA TYR D 155 -8.38 -17.25 -3.19
C TYR D 155 -8.87 -17.81 -4.52
N ALA D 156 -8.96 -16.97 -5.55
CA ALA D 156 -9.43 -17.43 -6.85
C ALA D 156 -8.44 -18.41 -7.46
N ASP D 157 -7.18 -18.30 -7.07
CA ASP D 157 -6.19 -19.25 -7.57
C ASP D 157 -6.56 -20.69 -7.20
N LEU D 158 -7.50 -20.86 -6.28
CA LEU D 158 -7.91 -22.21 -5.82
C LEU D 158 -9.28 -22.58 -6.31
N ILE D 159 -9.85 -21.80 -7.24
CA ILE D 159 -11.19 -22.06 -7.78
C ILE D 159 -11.12 -22.61 -9.19
N SER D 160 -11.84 -23.70 -9.42
CA SER D 160 -11.86 -24.34 -10.73
C SER D 160 -13.06 -23.89 -11.52
N TRP D 161 -14.06 -23.33 -10.83
CA TRP D 161 -15.27 -22.89 -11.49
C TRP D 161 -15.99 -21.82 -10.71
N GLY D 162 -16.37 -20.76 -11.42
CA GLY D 162 -16.93 -19.56 -10.82
C GLY D 162 -18.36 -19.34 -11.26
N ALA D 163 -19.20 -18.86 -10.35
CA ALA D 163 -20.54 -18.41 -10.69
C ALA D 163 -20.72 -16.89 -10.44
N ILE D 164 -21.47 -16.26 -11.36
CA ILE D 164 -22.05 -14.96 -11.13
C ILE D 164 -23.54 -15.20 -11.04
N GLY D 165 -24.11 -14.89 -9.89
CA GLY D 165 -25.49 -15.25 -9.63
C GLY D 165 -26.50 -14.45 -10.41
N ALA D 166 -27.76 -14.83 -10.21
CA ALA D 166 -28.91 -14.25 -10.94
C ALA D 166 -29.00 -12.75 -10.77
N ARG D 167 -28.68 -12.31 -9.56
CA ARG D 167 -28.81 -10.90 -9.16
C ARG D 167 -27.65 -9.99 -9.60
N THR D 168 -26.58 -10.59 -10.11
CA THR D 168 -25.41 -9.87 -10.58
C THR D 168 -25.02 -10.12 -12.05
N THR D 169 -25.68 -11.07 -12.70
CA THR D 169 -25.37 -11.36 -14.09
C THR D 169 -25.53 -10.11 -14.98
N GLU D 170 -26.46 -9.21 -14.64
CA GLU D 170 -26.69 -8.03 -15.50
C GLU D 170 -25.74 -6.88 -15.18
N SER D 171 -25.09 -6.93 -14.02
CA SER D 171 -24.11 -5.93 -13.57
C SER D 171 -22.85 -5.77 -14.46
N GLN D 172 -22.57 -4.55 -14.89
CA GLN D 172 -21.44 -4.29 -15.74
C GLN D 172 -20.12 -4.75 -15.12
N VAL D 173 -19.90 -4.38 -13.85
CA VAL D 173 -18.65 -4.70 -13.19
C VAL D 173 -18.48 -6.20 -12.93
N HIS D 174 -19.57 -6.91 -12.68
CA HIS D 174 -19.46 -8.36 -12.49
C HIS D 174 -19.09 -9.08 -13.75
N ARG D 175 -19.63 -8.62 -14.88
CA ARG D 175 -19.24 -9.15 -16.17
C ARG D 175 -17.78 -8.81 -16.50
N GLU D 176 -17.31 -7.67 -16.01
CA GLU D 176 -15.95 -7.26 -16.27
C GLU D 176 -15.04 -8.14 -15.43
N LEU D 177 -15.44 -8.37 -14.18
CA LEU D 177 -14.69 -9.28 -13.32
C LEU D 177 -14.51 -10.63 -14.02
N ALA D 178 -15.63 -11.20 -14.46
CA ALA D 178 -15.68 -12.50 -15.13
C ALA D 178 -14.69 -12.60 -16.27
N SER D 179 -14.51 -11.50 -16.99
CA SER D 179 -13.62 -11.48 -18.13
C SER D 179 -12.16 -11.65 -17.73
N GLY D 180 -11.87 -11.50 -16.43
CA GLY D 180 -10.51 -11.65 -15.86
C GLY D 180 -10.34 -12.83 -14.90
N LEU D 181 -11.39 -13.60 -14.63
CA LEU D 181 -11.25 -14.78 -13.77
C LEU D 181 -10.54 -15.92 -14.44
N SER D 182 -9.55 -16.47 -13.73
CA SER D 182 -8.73 -17.56 -14.26
C SER D 182 -9.60 -18.78 -14.56
N CYS D 183 -10.69 -18.93 -13.82
CA CYS D 183 -11.59 -20.06 -14.00
C CYS D 183 -12.68 -19.84 -15.03
N PRO D 184 -13.25 -20.93 -15.55
CA PRO D 184 -14.51 -20.79 -16.25
C PRO D 184 -15.61 -20.22 -15.36
N VAL D 185 -16.58 -19.57 -16.00
CA VAL D 185 -17.64 -18.91 -15.27
C VAL D 185 -18.98 -19.23 -15.85
N GLY D 186 -19.93 -19.60 -14.99
CA GLY D 186 -21.31 -19.72 -15.37
C GLY D 186 -22.12 -18.49 -14.93
N PHE D 187 -22.88 -17.91 -15.87
CA PHE D 187 -23.82 -16.80 -15.62
C PHE D 187 -25.25 -17.31 -15.48
N LYS D 188 -25.88 -17.02 -14.37
CA LYS D 188 -27.29 -17.41 -14.17
C LYS D 188 -28.25 -16.42 -14.77
N ASN D 189 -29.41 -16.95 -15.15
CA ASN D 189 -30.49 -16.15 -15.68
C ASN D 189 -31.11 -15.34 -14.57
N GLY D 190 -31.86 -14.31 -14.92
CA GLY D 190 -32.33 -13.34 -13.93
C GLY D 190 -33.39 -13.94 -13.05
N THR D 191 -33.65 -13.28 -11.93
CA THR D 191 -34.59 -13.80 -10.93
C THR D 191 -36.01 -14.00 -11.50
N ASP D 192 -36.35 -13.32 -12.58
CA ASP D 192 -37.59 -13.57 -13.30
C ASP D 192 -37.48 -14.43 -14.57
N GLY D 193 -36.40 -15.14 -14.74
CA GLY D 193 -36.24 -16.00 -15.93
C GLY D 193 -35.71 -15.32 -17.17
N ASN D 194 -35.36 -14.04 -17.10
CA ASN D 194 -34.71 -13.39 -18.22
C ASN D 194 -33.40 -14.13 -18.58
N LEU D 195 -33.39 -14.77 -19.73
CA LEU D 195 -32.23 -15.49 -20.21
C LEU D 195 -31.23 -14.57 -20.89
N LYS D 196 -31.74 -13.49 -21.45
CA LYS D 196 -30.94 -12.58 -22.27
C LYS D 196 -29.75 -11.94 -21.52
N ILE D 197 -29.92 -11.60 -20.25
CA ILE D 197 -28.84 -11.01 -19.50
C ILE D 197 -27.66 -11.98 -19.41
N ALA D 198 -27.94 -13.28 -19.29
CA ALA D 198 -26.86 -14.25 -19.24
C ALA D 198 -26.17 -14.38 -20.60
N ILE D 199 -26.95 -14.45 -21.67
CA ILE D 199 -26.37 -14.51 -22.99
C ILE D 199 -25.54 -13.25 -23.31
N ASP D 200 -26.06 -12.08 -22.99
CA ASP D 200 -25.25 -10.87 -23.13
C ASP D 200 -23.97 -10.94 -22.29
N ALA D 201 -24.09 -11.50 -21.09
CA ALA D 201 -22.98 -11.63 -20.20
C ALA D 201 -21.85 -12.45 -20.79
N ILE D 202 -22.16 -13.57 -21.45
CA ILE D 202 -21.13 -14.36 -22.09
C ILE D 202 -20.37 -13.53 -23.11
N GLY D 203 -21.12 -12.86 -23.98
CA GLY D 203 -20.57 -11.92 -24.95
C GLY D 203 -19.65 -10.92 -24.28
N ALA D 204 -20.20 -10.16 -23.36
CA ALA D 204 -19.40 -9.16 -22.67
C ALA D 204 -18.14 -9.77 -22.08
N ALA D 205 -18.26 -10.95 -21.44
CA ALA D 205 -17.19 -11.50 -20.64
C ALA D 205 -16.03 -12.02 -21.46
N SER D 206 -16.29 -12.29 -22.74
CA SER D 206 -15.27 -12.80 -23.66
C SER D 206 -14.29 -11.74 -24.15
N HIS D 207 -14.61 -10.46 -23.91
CA HIS D 207 -13.74 -9.34 -24.34
C HIS D 207 -12.91 -8.81 -23.18
N SER D 208 -11.83 -8.12 -23.51
CA SER D 208 -11.00 -7.44 -22.52
C SER D 208 -11.76 -6.29 -21.88
N HIS D 209 -11.61 -6.09 -20.58
CA HIS D 209 -12.16 -4.91 -19.89
C HIS D 209 -11.19 -4.35 -18.87
N HIS D 210 -11.62 -3.25 -18.22
CA HIS D 210 -10.91 -2.60 -17.14
C HIS D 210 -11.87 -2.44 -15.97
N PHE D 211 -11.53 -3.05 -14.83
CA PHE D 211 -12.28 -2.78 -13.59
C PHE D 211 -11.32 -2.50 -12.43
N LEU D 212 -11.85 -1.92 -11.35
CA LEU D 212 -11.07 -1.50 -10.17
C LEU D 212 -11.09 -2.55 -9.08
N SER D 213 -9.95 -2.72 -8.40
CA SER D 213 -9.80 -3.70 -7.34
C SER D 213 -8.51 -3.35 -6.56
N VAL D 214 -7.77 -4.37 -6.12
CA VAL D 214 -6.55 -4.18 -5.36
C VAL D 214 -5.48 -5.12 -5.86
N THR D 215 -4.23 -4.67 -5.80
CA THR D 215 -3.11 -5.54 -6.11
C THR D 215 -3.04 -6.62 -5.02
N LYS D 216 -2.16 -7.59 -5.20
CA LYS D 216 -1.99 -8.63 -4.19
C LYS D 216 -1.48 -8.01 -2.90
N ALA D 217 -0.79 -6.87 -3.03
CA ALA D 217 -0.32 -6.16 -1.84
C ALA D 217 -1.40 -5.26 -1.20
N GLY D 218 -2.60 -5.26 -1.76
CA GLY D 218 -3.71 -4.60 -1.12
C GLY D 218 -3.98 -3.18 -1.56
N HIS D 219 -3.25 -2.75 -2.58
CA HIS D 219 -3.34 -1.37 -3.03
C HIS D 219 -4.38 -1.17 -4.14
N SER D 220 -5.09 -0.04 -4.09
CA SER D 220 -6.05 0.29 -5.13
C SER D 220 -5.42 0.21 -6.53
N ALA D 221 -6.17 -0.36 -7.46
CA ALA D 221 -5.59 -0.85 -8.68
C ALA D 221 -6.59 -0.86 -9.82
N ILE D 222 -6.02 -0.83 -11.01
CA ILE D 222 -6.81 -0.96 -12.20
C ILE D 222 -6.43 -2.29 -12.83
N VAL D 223 -7.44 -3.10 -13.09
CA VAL D 223 -7.23 -4.44 -13.62
C VAL D 223 -7.61 -4.50 -15.07
N HIS D 224 -6.65 -4.86 -15.92
CA HIS D 224 -6.88 -5.03 -17.35
C HIS D 224 -6.98 -6.51 -17.74
N THR D 225 -8.15 -6.94 -18.17
CA THR D 225 -8.40 -8.36 -18.45
C THR D 225 -8.19 -8.67 -19.91
N GLY D 226 -7.93 -9.95 -20.21
CA GLY D 226 -7.78 -10.43 -21.59
C GLY D 226 -9.02 -11.10 -22.19
N GLY D 227 -10.11 -11.17 -21.41
CA GLY D 227 -11.35 -11.84 -21.84
C GLY D 227 -11.39 -13.25 -21.27
N ASN D 228 -12.60 -13.76 -21.02
CA ASN D 228 -12.83 -15.14 -20.60
C ASN D 228 -13.61 -15.92 -21.64
N PRO D 229 -12.94 -16.80 -22.41
CA PRO D 229 -13.66 -17.49 -23.47
C PRO D 229 -14.43 -18.68 -22.96
N ASP D 230 -14.39 -18.94 -21.67
CA ASP D 230 -15.00 -20.16 -21.16
C ASP D 230 -16.26 -19.88 -20.34
N CYS D 231 -17.15 -19.04 -20.86
CA CYS D 231 -18.36 -18.71 -20.11
C CYS D 231 -19.58 -19.44 -20.68
N HIS D 232 -20.58 -19.63 -19.83
CA HIS D 232 -21.82 -20.26 -20.23
C HIS D 232 -22.95 -19.84 -19.33
N VAL D 233 -24.15 -20.21 -19.76
CA VAL D 233 -25.33 -19.88 -19.02
C VAL D 233 -25.69 -21.03 -18.09
N ILE D 234 -26.41 -20.64 -17.04
CA ILE D 234 -26.99 -21.54 -16.07
C ILE D 234 -28.50 -21.23 -15.98
N LEU D 235 -29.33 -22.22 -16.30
CA LEU D 235 -30.79 -22.08 -16.18
C LEU D 235 -31.20 -22.42 -14.76
N ARG D 236 -31.73 -21.45 -14.02
CA ARG D 236 -32.15 -21.66 -12.64
C ARG D 236 -33.61 -21.28 -12.39
N GLY D 237 -34.43 -21.28 -13.43
CA GLY D 237 -35.84 -20.93 -13.29
C GLY D 237 -36.12 -19.45 -13.14
N GLY D 238 -37.38 -19.15 -12.84
CA GLY D 238 -37.84 -17.78 -12.70
C GLY D 238 -39.21 -17.75 -12.06
N LYS D 239 -40.16 -17.06 -12.71
CA LYS D 239 -41.57 -17.12 -12.31
C LYS D 239 -42.04 -18.58 -12.37
N GLU D 240 -41.47 -19.33 -13.32
CA GLU D 240 -41.64 -20.77 -13.44
C GLU D 240 -40.29 -21.43 -13.78
N PRO D 241 -40.17 -22.73 -13.50
CA PRO D 241 -38.93 -23.42 -13.78
C PRO D 241 -38.55 -23.36 -15.24
N ASN D 242 -37.28 -23.59 -15.56
CA ASN D 242 -36.84 -23.63 -16.94
C ASN D 242 -35.83 -24.73 -17.20
N TYR D 243 -36.09 -25.89 -16.58
CA TYR D 243 -35.18 -27.04 -16.72
C TYR D 243 -35.57 -27.99 -17.85
N ASP D 244 -36.84 -27.99 -18.27
CA ASP D 244 -37.32 -29.02 -19.23
C ASP D 244 -36.78 -28.83 -20.64
N ALA D 245 -37.00 -29.87 -21.44
CA ALA D 245 -36.47 -30.01 -22.80
C ALA D 245 -36.77 -28.82 -23.69
N GLU D 246 -37.98 -28.30 -23.57
CA GLU D 246 -38.49 -27.21 -24.38
C GLU D 246 -37.75 -25.90 -24.10
N HIS D 247 -37.59 -25.57 -22.81
CA HIS D 247 -36.85 -24.40 -22.37
C HIS D 247 -35.37 -24.50 -22.70
N VAL D 248 -34.85 -25.73 -22.60
CA VAL D 248 -33.45 -26.04 -22.98
C VAL D 248 -33.20 -25.76 -24.46
N SER D 249 -34.19 -26.10 -25.28
CA SER D 249 -34.12 -25.93 -26.75
C SER D 249 -34.15 -24.47 -27.18
N GLU D 250 -35.09 -23.75 -26.65
CA GLU D 250 -35.26 -22.36 -26.94
C GLU D 250 -34.06 -21.54 -26.48
N ALA D 251 -33.53 -21.86 -25.32
CA ALA D 251 -32.27 -21.27 -24.85
C ALA D 251 -31.11 -21.52 -25.80
N ALA D 252 -30.97 -22.76 -26.26
CA ALA D 252 -29.89 -23.15 -27.19
C ALA D 252 -29.98 -22.37 -28.49
N GLU D 253 -31.21 -22.12 -28.94
CA GLU D 253 -31.49 -21.32 -30.12
C GLU D 253 -31.05 -19.86 -30.02
N GLN D 254 -31.33 -19.26 -28.87
CA GLN D 254 -30.91 -17.90 -28.58
C GLN D 254 -29.38 -17.79 -28.43
N LEU D 255 -28.80 -18.80 -27.80
CA LEU D 255 -27.33 -18.90 -27.68
C LEU D 255 -26.65 -18.94 -29.04
N ARG D 256 -27.18 -19.76 -29.95
CA ARG D 256 -26.63 -19.86 -31.30
C ARG D 256 -26.79 -18.56 -32.07
N ALA D 257 -27.97 -17.96 -31.94
CA ALA D 257 -28.24 -16.67 -32.60
C ALA D 257 -27.27 -15.60 -32.14
N ALA D 258 -26.88 -15.65 -30.87
CA ALA D 258 -25.92 -14.70 -30.33
C ALA D 258 -24.45 -15.05 -30.64
N GLY D 259 -24.21 -16.21 -31.25
CA GLY D 259 -22.85 -16.62 -31.61
C GLY D 259 -22.03 -17.14 -30.44
N VAL D 260 -22.69 -17.60 -29.40
CA VAL D 260 -21.99 -18.10 -28.23
C VAL D 260 -22.40 -19.51 -28.00
N THR D 261 -21.68 -20.21 -27.12
CA THR D 261 -21.88 -21.65 -26.87
C THR D 261 -23.34 -22.03 -26.48
N ASP D 262 -23.87 -23.01 -27.19
CA ASP D 262 -25.21 -23.56 -26.91
C ASP D 262 -25.14 -24.72 -25.92
N LYS D 263 -24.10 -24.75 -25.10
CA LYS D 263 -23.97 -25.75 -24.08
C LYS D 263 -24.24 -25.09 -22.73
N LEU D 264 -25.15 -25.67 -21.93
CA LEU D 264 -25.65 -25.03 -20.71
C LEU D 264 -25.74 -25.93 -19.43
N MET D 265 -25.88 -25.27 -18.29
CA MET D 265 -25.99 -25.91 -17.00
C MET D 265 -27.39 -25.70 -16.48
N ILE D 266 -27.92 -26.74 -15.84
CA ILE D 266 -29.21 -26.64 -15.18
C ILE D 266 -29.04 -26.72 -13.65
N ASP D 267 -29.41 -25.65 -12.96
CA ASP D 267 -29.57 -25.67 -11.50
C ASP D 267 -30.85 -26.42 -11.08
N CYS D 268 -30.66 -27.45 -10.24
CA CYS D 268 -31.73 -28.28 -9.77
C CYS D 268 -32.42 -27.67 -8.60
N SER D 269 -31.74 -26.71 -7.95
CA SER D 269 -32.26 -26.08 -6.76
C SER D 269 -32.78 -24.66 -7.06
N HIS D 270 -32.98 -23.90 -5.99
CA HIS D 270 -33.51 -22.55 -6.04
C HIS D 270 -34.88 -22.52 -6.76
N ALA D 271 -35.07 -21.61 -7.71
CA ALA D 271 -36.37 -21.41 -8.39
C ALA D 271 -36.76 -22.53 -9.40
N ASN D 272 -35.85 -23.46 -9.66
CA ASN D 272 -36.17 -24.68 -10.41
C ASN D 272 -36.78 -25.77 -9.56
N SER D 273 -36.45 -25.77 -8.27
CA SER D 273 -37.10 -26.68 -7.34
C SER D 273 -38.30 -26.02 -6.65
N ARG D 274 -38.66 -24.81 -7.05
CA ARG D 274 -39.69 -24.02 -6.34
C ARG D 274 -39.26 -23.73 -4.88
N LYS D 275 -37.96 -23.55 -4.66
CA LYS D 275 -37.39 -23.34 -3.31
C LYS D 275 -37.79 -24.47 -2.32
N ASP D 276 -37.81 -25.70 -2.83
CA ASP D 276 -38.16 -26.88 -2.06
C ASP D 276 -37.12 -27.98 -2.37
N TYR D 277 -36.31 -28.35 -1.39
CA TYR D 277 -35.22 -29.31 -1.63
C TYR D 277 -35.71 -30.70 -2.04
N THR D 278 -36.93 -31.05 -1.63
CA THR D 278 -37.50 -32.36 -1.98
C THR D 278 -37.74 -32.51 -3.49
N ARG D 279 -37.84 -31.38 -4.20
CA ARG D 279 -38.01 -31.38 -5.65
C ARG D 279 -36.72 -31.40 -6.48
N GLN D 280 -35.54 -31.20 -5.88
CA GLN D 280 -34.29 -31.28 -6.66
C GLN D 280 -34.21 -32.61 -7.44
N MET D 281 -34.62 -33.72 -6.80
CA MET D 281 -34.59 -35.04 -7.44
C MET D 281 -35.48 -35.05 -8.68
N GLU D 282 -36.67 -34.47 -8.56
CA GLU D 282 -37.59 -34.34 -9.70
C GLU D 282 -36.88 -33.72 -10.90
N VAL D 283 -36.18 -32.62 -10.64
CA VAL D 283 -35.47 -31.91 -11.69
C VAL D 283 -34.37 -32.79 -12.29
N ALA D 284 -33.65 -33.49 -11.41
CA ALA D 284 -32.56 -34.36 -11.80
C ALA D 284 -33.03 -35.53 -12.66
N GLN D 285 -34.20 -36.06 -12.30
CA GLN D 285 -34.89 -37.12 -13.05
C GLN D 285 -35.28 -36.68 -14.47
N ASP D 286 -35.78 -35.44 -14.58
CA ASP D 286 -36.13 -34.88 -15.89
C ASP D 286 -34.88 -34.70 -16.73
N ILE D 287 -33.87 -34.06 -16.16
CA ILE D 287 -32.59 -33.91 -16.85
C ILE D 287 -32.05 -35.28 -17.32
N ALA D 288 -32.13 -36.30 -16.46
CA ALA D 288 -31.77 -37.66 -16.86
C ALA D 288 -32.59 -38.17 -18.04
N ALA D 289 -33.91 -38.01 -18.00
CA ALA D 289 -34.75 -38.41 -19.13
C ALA D 289 -34.26 -37.71 -20.39
N GLN D 290 -33.93 -36.42 -20.28
CA GLN D 290 -33.38 -35.67 -21.40
C GLN D 290 -32.06 -36.24 -21.91
N LEU D 291 -31.18 -36.62 -20.99
CA LEU D 291 -29.88 -37.16 -21.40
C LEU D 291 -30.07 -38.46 -22.13
N GLU D 292 -31.05 -39.25 -21.70
CA GLU D 292 -31.38 -40.51 -22.36
C GLU D 292 -31.99 -40.33 -23.75
N GLN D 293 -32.88 -39.34 -23.90
CA GLN D 293 -33.47 -39.03 -25.21
C GLN D 293 -32.47 -38.37 -26.15
N ASP D 294 -31.78 -37.34 -25.66
CA ASP D 294 -30.89 -36.53 -26.49
C ASP D 294 -29.98 -35.69 -25.60
N GLY D 295 -30.54 -34.65 -24.99
CA GLY D 295 -29.82 -33.81 -24.01
C GLY D 295 -28.50 -33.19 -24.48
N GLY D 296 -28.36 -33.08 -25.80
CA GLY D 296 -27.11 -32.60 -26.41
C GLY D 296 -26.58 -31.26 -25.90
N ASN D 297 -27.47 -30.31 -25.64
CA ASN D 297 -27.11 -28.97 -25.15
C ASN D 297 -26.83 -28.82 -23.64
N ILE D 298 -26.93 -29.90 -22.88
CA ILE D 298 -26.66 -29.91 -21.44
C ILE D 298 -25.19 -30.28 -21.18
N MET D 299 -24.47 -29.45 -20.43
CA MET D 299 -23.06 -29.75 -20.08
C MET D 299 -22.82 -29.84 -18.59
N GLY D 300 -23.83 -29.51 -17.79
CA GLY D 300 -23.68 -29.57 -16.35
C GLY D 300 -24.99 -29.41 -15.59
N VAL D 301 -24.92 -29.70 -14.29
CA VAL D 301 -26.02 -29.46 -13.38
C VAL D 301 -25.47 -28.95 -12.05
N MET D 302 -26.34 -28.28 -11.30
CA MET D 302 -26.03 -27.74 -9.99
C MET D 302 -26.99 -28.38 -8.98
N VAL D 303 -26.46 -28.85 -7.84
CA VAL D 303 -27.28 -29.52 -6.84
C VAL D 303 -26.91 -29.00 -5.46
N GLU D 304 -27.91 -28.60 -4.68
CA GLU D 304 -27.65 -28.14 -3.31
C GLU D 304 -27.84 -29.28 -2.32
N SER D 305 -26.70 -29.75 -1.81
CA SER D 305 -26.58 -30.99 -1.07
C SER D 305 -25.69 -30.82 0.16
N HIS D 306 -26.05 -31.50 1.24
CA HIS D 306 -25.31 -31.47 2.49
C HIS D 306 -25.38 -32.82 3.18
N LEU D 307 -24.64 -32.97 4.27
CA LEU D 307 -24.59 -34.20 5.03
C LEU D 307 -25.96 -34.58 5.54
N VAL D 308 -26.73 -33.59 5.96
CA VAL D 308 -28.08 -33.77 6.50
C VAL D 308 -29.04 -32.82 5.78
N GLU D 309 -30.25 -33.31 5.54
CA GLU D 309 -31.23 -32.63 4.69
C GLU D 309 -31.86 -31.44 5.41
N GLY D 310 -32.43 -30.51 4.62
CA GLY D 310 -33.25 -29.42 5.15
C GLY D 310 -32.46 -28.20 5.51
N ARG D 311 -32.95 -27.42 6.48
CA ARG D 311 -32.24 -26.24 6.94
C ARG D 311 -32.55 -25.96 8.39
N GLN D 312 -31.94 -24.91 8.94
CA GLN D 312 -32.14 -24.47 10.32
C GLN D 312 -31.76 -23.00 10.43
N ASP D 313 -32.45 -22.27 11.28
CA ASP D 313 -32.14 -20.86 11.50
C ASP D 313 -30.79 -20.70 12.24
N LYS D 314 -30.49 -21.64 13.13
CA LYS D 314 -29.29 -21.56 13.94
C LYS D 314 -28.42 -22.75 13.68
N PRO D 315 -27.10 -22.57 13.79
CA PRO D 315 -26.17 -23.70 13.54
C PRO D 315 -26.08 -24.77 14.66
N GLU D 316 -27.22 -25.30 15.11
CA GLU D 316 -27.26 -26.32 16.16
C GLU D 316 -26.72 -27.69 15.66
N VAL D 317 -27.32 -28.17 14.58
CA VAL D 317 -27.04 -29.48 14.02
C VAL D 317 -25.86 -29.41 13.05
N TYR D 318 -24.91 -30.31 13.22
CA TYR D 318 -23.74 -30.49 12.33
C TYR D 318 -24.19 -30.86 10.92
N GLY D 319 -23.50 -30.29 9.93
CA GLY D 319 -23.73 -30.65 8.52
C GLY D 319 -25.15 -30.45 7.99
N LYS D 320 -25.87 -29.49 8.58
CA LYS D 320 -27.18 -29.04 8.13
C LYS D 320 -27.20 -27.51 7.79
N SER D 321 -27.68 -27.19 6.59
CA SER D 321 -27.64 -25.81 6.12
C SER D 321 -28.30 -24.78 7.03
N ILE D 322 -27.71 -23.58 7.08
CA ILE D 322 -28.34 -22.44 7.74
C ILE D 322 -28.83 -21.41 6.73
N THR D 323 -28.50 -21.63 5.46
CA THR D 323 -29.09 -20.86 4.36
C THR D 323 -30.16 -21.73 3.65
N ASP D 324 -30.05 -21.97 2.35
CA ASP D 324 -31.11 -22.72 1.64
C ASP D 324 -31.12 -24.18 2.03
N ALA D 325 -32.33 -24.76 2.05
CA ALA D 325 -32.48 -26.16 2.38
C ALA D 325 -31.73 -27.05 1.36
N CYS D 326 -31.08 -28.11 1.85
CA CYS D 326 -30.38 -29.02 0.98
C CYS D 326 -30.93 -30.44 1.12
N ILE D 327 -30.71 -31.25 0.10
CA ILE D 327 -30.90 -32.68 0.23
C ILE D 327 -29.74 -33.24 1.08
N GLY D 328 -30.01 -34.36 1.76
CA GLY D 328 -29.05 -35.02 2.62
C GLY D 328 -28.18 -35.97 1.82
N TRP D 329 -27.37 -36.77 2.52
CA TRP D 329 -26.36 -37.56 1.85
C TRP D 329 -26.95 -38.71 1.05
N GLY D 330 -28.05 -39.27 1.55
CA GLY D 330 -28.65 -40.43 0.93
C GLY D 330 -29.20 -40.06 -0.43
N ALA D 331 -30.07 -39.06 -0.43
CA ALA D 331 -30.56 -38.46 -1.66
C ALA D 331 -29.41 -38.12 -2.62
N THR D 332 -28.39 -37.44 -2.11
CA THR D 332 -27.20 -37.13 -2.93
C THR D 332 -26.66 -38.34 -3.71
N GLU D 333 -26.56 -39.51 -3.05
CA GLU D 333 -26.06 -40.73 -3.70
C GLU D 333 -27.01 -41.20 -4.81
N GLU D 334 -28.28 -41.17 -4.46
CA GLU D 334 -29.36 -41.53 -5.35
C GLU D 334 -29.35 -40.64 -6.61
N LEU D 335 -29.33 -39.32 -6.39
CA LEU D 335 -29.28 -38.36 -7.51
C LEU D 335 -28.04 -38.56 -8.41
N LEU D 336 -26.88 -38.80 -7.82
CA LEU D 336 -25.64 -38.89 -8.61
C LEU D 336 -25.62 -40.20 -9.38
N ALA D 337 -26.10 -41.27 -8.74
CA ALA D 337 -26.17 -42.58 -9.40
C ALA D 337 -27.03 -42.50 -10.66
N LEU D 338 -28.11 -41.73 -10.55
CA LEU D 338 -29.05 -41.46 -11.64
C LEU D 338 -28.41 -40.70 -12.81
N LEU D 339 -27.81 -39.56 -12.53
CA LEU D 339 -27.14 -38.77 -13.56
C LEU D 339 -26.01 -39.55 -14.26
N ALA D 340 -25.17 -40.22 -13.49
CA ALA D 340 -24.11 -41.03 -14.07
C ALA D 340 -24.72 -42.10 -14.95
N GLY D 341 -25.86 -42.64 -14.52
CA GLY D 341 -26.58 -43.67 -15.27
C GLY D 341 -27.06 -43.11 -16.58
N ALA D 342 -27.74 -41.97 -16.53
CA ALA D 342 -28.29 -41.39 -17.74
C ALA D 342 -27.16 -40.98 -18.72
N ASN D 343 -26.10 -40.35 -18.19
CA ASN D 343 -25.04 -39.82 -19.06
C ASN D 343 -24.09 -40.86 -19.64
N LYS D 344 -23.98 -42.00 -18.96
CA LYS D 344 -23.27 -43.16 -19.49
C LYS D 344 -23.89 -43.57 -20.80
N LYS D 345 -25.21 -43.57 -20.85
CA LYS D 345 -25.93 -43.91 -22.08
C LYS D 345 -25.79 -42.83 -23.14
N ARG D 346 -25.86 -41.56 -22.74
CA ARG D 346 -25.67 -40.49 -23.71
C ARG D 346 -24.27 -40.52 -24.32
N MET D 347 -23.26 -40.73 -23.49
CA MET D 347 -21.88 -40.78 -23.97
C MET D 347 -21.62 -42.00 -24.86
N ALA D 348 -22.38 -43.07 -24.65
CA ALA D 348 -22.21 -44.32 -25.43
C ALA D 348 -22.86 -44.26 -26.81
N ARG D 349 -23.72 -43.27 -27.04
CA ARG D 349 -24.26 -43.00 -28.38
C ARG D 349 -23.16 -42.41 -29.27
MN MN E . 27.63 22.66 4.67
C1 PEP F . 27.93 18.79 3.11
O1 PEP F . 27.14 19.75 2.92
O2' PEP F . 28.42 18.16 2.15
C2 PEP F . 28.30 18.41 4.48
C3 PEP F . 27.37 18.33 5.42
O2 PEP F . 29.70 18.15 4.79
P PEP F . 30.28 17.10 5.90
O1P PEP F . 29.99 17.80 7.23
O2P PEP F . 31.75 17.12 5.53
O3P PEP F . 29.50 15.78 5.69
N PHE G . 14.89 4.70 -7.17
CA PHE G . 16.29 4.94 -6.71
C PHE G . 17.13 5.48 -7.86
O PHE G . 18.27 5.93 -7.63
CB PHE G . 16.89 3.67 -6.08
CG PHE G . 16.16 3.24 -4.85
CD1 PHE G . 15.06 2.41 -4.94
CD2 PHE G . 16.51 3.74 -3.60
CE1 PHE G . 14.34 2.07 -3.80
CE2 PHE G . 15.79 3.41 -2.46
CZ PHE G . 14.70 2.57 -2.56
OXT PHE G . 16.69 5.54 -9.02
C1 EDO H . 31.56 24.58 7.21
O1 EDO H . 31.15 24.25 5.86
C2 EDO H . 30.92 23.66 8.26
O2 EDO H . 30.52 24.42 9.42
C1 EDO I . 7.14 20.37 -16.60
O1 EDO I . 8.27 19.49 -16.84
C2 EDO I . 7.41 21.40 -15.49
O2 EDO I . 6.38 21.36 -14.47
MN MN J . 30.30 -8.89 17.27
C1 PEP K . 28.17 -4.68 17.98
O1 PEP K . 28.04 -5.42 19.00
O2' PEP K . 27.23 -3.96 17.54
C2 PEP K . 29.45 -4.64 17.28
C3 PEP K . 29.57 -5.17 16.07
O2 PEP K . 30.62 -4.03 17.91
P PEP K . 31.13 -2.52 17.61
O1P PEP K . 31.65 -2.05 18.95
O2P PEP K . 32.22 -2.75 16.60
O3P PEP K . 29.89 -1.79 17.10
N PHE L . 7.81 0.45 17.20
CA PHE L . 9.04 1.13 17.70
C PHE L . 9.12 1.02 19.20
O PHE L . 10.23 1.19 19.69
CB PHE L . 9.08 2.62 17.35
CG PHE L . 9.14 2.88 15.89
CD1 PHE L . 10.30 2.60 15.17
CD2 PHE L . 8.04 3.39 15.20
CE1 PHE L . 10.36 2.83 13.82
CE2 PHE L . 8.10 3.62 13.84
CZ PHE L . 9.26 3.35 13.14
OXT PHE L . 8.09 0.82 19.88
MN MN M . -28.58 8.23 -20.68
C1 PEP N . -28.95 5.92 -16.51
O1 PEP N . -29.61 6.37 -15.56
O2' PEP N . -27.78 6.33 -16.71
C2 PEP N . -29.53 4.94 -17.42
C3 PEP N . -28.81 4.22 -18.26
O2 PEP N . -30.97 4.76 -17.40
P PEP N . -31.57 3.29 -17.11
O1P PEP N . -30.74 2.76 -15.92
O2P PEP N . -31.30 2.57 -18.42
O3P PEP N . -33.02 3.56 -16.81
N PHE O . -16.92 7.97 1.29
CA PHE O . -18.27 7.53 0.87
C PHE O . -19.30 8.56 1.27
O PHE O . -19.12 9.43 2.11
CB PHE O . -18.68 6.20 1.55
CG PHE O . -17.80 5.04 1.19
CD1 PHE O . -17.96 4.38 -0.04
CD2 PHE O . -16.81 4.59 2.06
CE1 PHE O . -17.14 3.33 -0.38
CE2 PHE O . -15.99 3.53 1.73
CZ PHE O . -16.15 2.91 0.51
OXT PHE O . -20.39 8.46 0.76
C1 EDO P . -16.08 27.65 -9.12
O1 EDO P . -16.19 27.44 -10.53
C2 EDO P . -16.01 29.13 -8.76
O2 EDO P . -17.18 29.81 -9.25
C1 PEG Q . -30.66 27.71 -3.59
O1 PEG Q . -29.46 28.17 -2.96
C2 PEG Q . -30.69 27.99 -5.11
O2 PEG Q . -31.68 27.20 -5.82
C3 PEG Q . -32.11 25.93 -5.26
C4 PEG Q . -32.68 24.85 -6.21
O4 PEG Q . -33.41 25.24 -7.41
MN MN R . -28.75 -21.53 -2.22
C1 PEP S . -26.47 -20.33 -5.90
O1 PEP S . -25.72 -20.38 -4.90
O2' PEP S . -26.29 -21.18 -6.80
C2 PEP S . -27.56 -19.32 -5.93
C3 PEP S . -27.51 -18.27 -5.12
O2 PEP S . -28.72 -19.48 -6.84
P PEP S . -29.68 -18.30 -7.41
O1P PEP S . -30.45 -17.85 -6.17
O2P PEP S . -30.55 -18.94 -8.45
O3P PEP S . -28.65 -17.27 -7.94
N PHE T . -6.73 -13.05 -9.42
CA PHE T . -7.99 -13.35 -10.17
C PHE T . -7.89 -14.72 -10.88
O PHE T . -6.84 -15.40 -10.93
CB PHE T . -8.32 -12.23 -11.15
CG PHE T . -8.50 -10.88 -10.49
CD1 PHE T . -9.71 -10.54 -9.91
CD2 PHE T . -7.44 -9.98 -10.43
CE1 PHE T . -9.88 -9.33 -9.26
CE2 PHE T . -7.61 -8.77 -9.80
CZ PHE T . -8.82 -8.45 -9.22
OXT PHE T . -8.92 -15.17 -11.39
#